data_8KA1
#
_entry.id   8KA1
#
_cell.length_a   106.032
_cell.length_b   88.081
_cell.length_c   136.954
_cell.angle_alpha   90.00
_cell.angle_beta   90.14
_cell.angle_gamma   90.00
#
_symmetry.space_group_name_H-M   'P 1 21 1'
#
loop_
_entity.id
_entity.type
_entity.pdbx_description
1 polymer 'RDTND-RID CBD'
2 polymer Calmodulin-2
3 non-polymer 'MAGNESIUM ION'
4 water water
#
loop_
_entity_poly.entity_id
_entity_poly.type
_entity_poly.pdbx_seq_one_letter_code
_entity_poly.pdbx_strand_id
1 'polypeptide(L)'
;GEASHDSAESLVAARAEKVANLYRWLDTDNDVATDKYVPVPGFERVDVDVSDEVKQR(MSE)IQS(MSE)SGYIEHTDNQ
VPKDQAEALATLFVESTLDYDWDKRVEFLTKLESYGYSFEAPHAEKSIVSFWSGKNFKQYRDILDNAQTDGKKVVYDIDV
KGNAFAIDLNKHL(MSE)RWGGLFLDPDNAEQNQLKSSIDAATFSNTGFWSSVYATGAQNDVYVIAEGGVRLGNYFWNVE
LPALRQLQREGLVGEIRLLDKPVSEYKDLPADQIGRRLTDAGVAVKVRFDALSHERQAELLADNPDGYKADTLVELDVKL
SAIDS(MSE)LRESLPFYSLRTERNLLVQEGEEGFEVRSWPGIDGKSKTILLDNPEDAAQQKSIERFILANFDNFEQ
(MSE)PDELFLVDNKVLSHHDGRTRIIAQKEDGAWTYNT
;
A,C,E,G
2 'polypeptide(L)'
;GA(MSE)ADQLTEEQIAEFKEAFSLFDKDGDGTITTKELGTV(MSE)RSLGQNPTEAELQD(MSE)INEVDADGNGTIDF
PEFLT(MSE)(MSE)ARK(MSE)KDTDSEEEIREAFRVFDKDGNGYISAAELRHV(MSE)TNLGEKLTDEEVDQ(MSE)I
READIDGDGQVNYEEFVQ(MSE)(MSE)TAK
;
B,D,F,H
#
loop_
_chem_comp.id
_chem_comp.type
_chem_comp.name
_chem_comp.formula
MG non-polymer 'MAGNESIUM ION' 'Mg 2'
#
# COMPACT_ATOMS: atom_id res chain seq x y z
N SER A 10 -26.64 -61.11 41.53
CA SER A 10 -25.90 -60.37 40.46
C SER A 10 -24.71 -61.20 39.99
N LEU A 11 -24.47 -61.20 38.66
CA LEU A 11 -23.46 -62.05 38.03
C LEU A 11 -22.10 -61.35 38.01
N VAL A 12 -22.11 -60.00 37.91
CA VAL A 12 -20.88 -59.18 37.88
C VAL A 12 -20.35 -58.99 39.30
N ALA A 13 -21.25 -58.98 40.30
CA ALA A 13 -20.88 -58.96 41.71
C ALA A 13 -20.19 -60.28 42.10
N ALA A 14 -20.64 -61.38 41.45
CA ALA A 14 -19.99 -62.69 41.54
C ALA A 14 -18.56 -62.61 40.99
N ARG A 15 -18.43 -62.20 39.71
CA ARG A 15 -17.14 -62.00 39.05
C ARG A 15 -16.28 -61.02 39.87
N ALA A 16 -16.85 -59.86 40.23
CA ALA A 16 -16.17 -58.84 41.02
C ALA A 16 -15.56 -59.45 42.28
N GLU A 17 -16.33 -60.29 42.99
CA GLU A 17 -15.89 -60.94 44.23
C GLU A 17 -14.69 -61.86 43.94
N LYS A 18 -14.80 -62.61 42.82
CA LYS A 18 -13.74 -63.49 42.31
C LYS A 18 -12.43 -62.69 42.10
N VAL A 19 -12.58 -61.46 41.53
CA VAL A 19 -11.46 -60.61 41.13
C VAL A 19 -10.80 -60.00 42.38
N ALA A 20 -11.63 -59.63 43.38
CA ALA A 20 -11.18 -58.98 44.62
C ALA A 20 -10.27 -59.91 45.44
N ASN A 21 -10.65 -61.21 45.47
CA ASN A 21 -9.81 -62.27 46.04
C ASN A 21 -8.43 -62.23 45.39
N LEU A 22 -8.41 -62.49 44.06
CA LEU A 22 -7.18 -62.58 43.25
C LEU A 22 -6.24 -61.42 43.55
N TYR A 23 -6.79 -60.19 43.55
CA TYR A 23 -6.02 -58.97 43.82
C TYR A 23 -5.47 -59.01 45.25
N ARG A 24 -6.25 -59.59 46.17
CA ARG A 24 -5.86 -59.70 47.58
C ARG A 24 -4.86 -60.85 47.79
N TRP A 25 -4.91 -61.88 46.90
CA TRP A 25 -3.95 -63.01 46.91
C TRP A 25 -2.57 -62.55 46.43
N LEU A 26 -2.56 -61.62 45.45
CA LEU A 26 -1.34 -61.08 44.83
C LEU A 26 -0.75 -59.98 45.71
N ASP A 27 -1.49 -59.62 46.77
CA ASP A 27 -1.16 -58.52 47.65
C ASP A 27 -0.80 -59.04 49.05
N THR A 28 -0.68 -60.36 49.19
CA THR A 28 -0.54 -60.97 50.52
C THR A 28 0.79 -60.57 51.19
N ASP A 29 1.89 -60.56 50.42
CA ASP A 29 3.18 -60.18 50.97
C ASP A 29 3.13 -58.74 51.43
N ASN A 30 2.67 -57.88 50.51
CA ASN A 30 2.49 -56.43 50.70
C ASN A 30 1.54 -56.11 51.83
N ASP A 31 0.36 -56.78 51.77
CA ASP A 31 -0.81 -56.48 52.60
C ASP A 31 -1.13 -54.98 52.56
N VAL A 32 -1.23 -54.42 51.36
CA VAL A 32 -1.63 -53.02 51.21
C VAL A 32 -3.14 -52.94 50.99
N ALA A 33 -3.79 -54.10 50.70
CA ALA A 33 -5.24 -54.13 50.49
C ALA A 33 -5.93 -54.20 51.84
N THR A 34 -7.20 -53.73 51.88
CA THR A 34 -8.06 -53.73 53.07
C THR A 34 -9.49 -53.95 52.65
N ASP A 35 -10.44 -53.53 53.49
CA ASP A 35 -11.83 -53.38 53.07
C ASP A 35 -11.91 -52.09 52.26
N LYS A 36 -12.79 -52.10 51.21
CA LYS A 36 -13.04 -50.98 50.25
C LYS A 36 -11.86 -50.75 49.27
N TYR A 37 -10.61 -50.65 49.76
CA TYR A 37 -9.46 -50.47 48.87
C TYR A 37 -8.80 -51.80 48.57
N VAL A 38 -8.80 -52.18 47.30
CA VAL A 38 -8.10 -53.35 46.80
C VAL A 38 -7.18 -52.85 45.69
N PRO A 39 -5.88 -53.18 45.66
CA PRO A 39 -4.98 -52.63 44.65
C PRO A 39 -4.97 -53.45 43.38
N VAL A 40 -5.27 -52.81 42.24
CA VAL A 40 -5.16 -53.43 40.92
C VAL A 40 -3.67 -53.63 40.59
N PRO A 41 -3.25 -54.88 40.29
CA PRO A 41 -1.84 -55.15 40.04
C PRO A 41 -1.30 -54.32 38.87
N GLY A 42 -0.30 -53.46 39.17
CA GLY A 42 0.34 -52.63 38.15
C GLY A 42 -0.30 -51.25 38.04
N PHE A 43 -1.39 -51.01 38.80
CA PHE A 43 -2.07 -49.72 38.74
C PHE A 43 -1.93 -49.01 40.09
N GLU A 44 -0.73 -48.44 40.32
CA GLU A 44 -0.40 -47.66 41.53
C GLU A 44 -1.53 -46.69 41.83
N ARG A 45 -1.99 -46.67 43.08
CA ARG A 45 -2.99 -45.71 43.47
C ARG A 45 -2.29 -44.39 43.73
N VAL A 46 -2.68 -43.36 42.96
CA VAL A 46 -2.27 -41.98 43.21
C VAL A 46 -3.53 -41.17 43.50
N ASP A 47 -3.64 -40.67 44.73
CA ASP A 47 -4.76 -39.83 45.13
C ASP A 47 -4.17 -38.51 45.61
N VAL A 48 -4.56 -37.38 45.02
CA VAL A 48 -4.11 -36.11 45.60
C VAL A 48 -5.31 -35.22 45.89
N ASP A 49 -5.05 -34.09 46.55
CA ASP A 49 -6.11 -33.29 47.11
C ASP A 49 -6.88 -32.57 45.98
N VAL A 50 -8.21 -32.53 46.19
CA VAL A 50 -9.23 -32.04 45.25
C VAL A 50 -10.04 -30.99 46.05
N SER A 51 -10.69 -30.04 45.36
CA SER A 51 -11.29 -28.85 46.03
C SER A 51 -12.75 -29.14 46.49
N ASP A 52 -13.17 -30.43 46.39
CA ASP A 52 -14.50 -30.93 46.82
C ASP A 52 -15.61 -30.45 45.88
N GLU A 53 -15.81 -29.14 45.73
CA GLU A 53 -16.86 -28.64 44.85
C GLU A 53 -16.52 -29.02 43.41
N VAL A 54 -15.21 -28.94 43.06
CA VAL A 54 -14.71 -29.29 41.73
C VAL A 54 -15.24 -30.65 41.32
N LYS A 55 -15.27 -31.62 42.26
CA LYS A 55 -15.87 -32.93 42.00
C LYS A 55 -17.23 -32.74 41.35
N GLN A 56 -18.06 -31.82 41.89
CA GLN A 56 -19.40 -31.57 41.38
C GLN A 56 -19.32 -31.07 39.93
N ARG A 57 -18.30 -30.29 39.58
CA ARG A 57 -18.14 -29.86 38.20
C ARG A 57 -18.08 -31.11 37.30
N MSE A 58 -17.22 -32.07 37.68
CA MSE A 58 -17.06 -33.30 36.92
C MSE A 58 -18.35 -34.12 37.03
O MSE A 58 -18.81 -34.71 36.05
CB MSE A 58 -15.85 -34.10 37.42
CG MSE A 58 -14.60 -33.23 37.78
SE MSE A 58 -12.99 -34.34 38.38
CE MSE A 58 -12.45 -33.37 40.06
N ILE A 59 -18.96 -34.13 38.24
CA ILE A 59 -20.16 -34.90 38.51
C ILE A 59 -21.24 -34.54 37.49
N GLN A 60 -21.56 -33.23 37.40
CA GLN A 60 -22.71 -32.77 36.63
C GLN A 60 -22.41 -32.83 35.11
N SER A 61 -21.14 -32.53 34.73
CA SER A 61 -20.65 -32.80 33.36
C SER A 61 -20.95 -34.24 32.98
N MSE A 62 -20.49 -35.16 33.84
CA MSE A 62 -20.67 -36.58 33.65
C MSE A 62 -22.14 -36.92 33.46
O MSE A 62 -22.50 -37.61 32.50
CB MSE A 62 -20.11 -37.33 34.87
CG MSE A 62 -20.10 -38.84 34.73
SE MSE A 62 -18.94 -39.20 33.25
CE MSE A 62 -19.09 -41.13 33.02
N SER A 63 -22.96 -36.50 34.42
CA SER A 63 -24.38 -36.83 34.45
C SER A 63 -25.06 -36.36 33.16
N GLY A 64 -24.90 -35.08 32.84
CA GLY A 64 -25.33 -34.52 31.57
C GLY A 64 -24.95 -35.43 30.41
N TYR A 65 -23.62 -35.65 30.26
CA TYR A 65 -23.02 -36.52 29.23
C TYR A 65 -23.80 -37.85 29.11
N ILE A 66 -24.04 -38.50 30.28
CA ILE A 66 -24.71 -39.80 30.34
C ILE A 66 -26.00 -39.79 29.51
N GLU A 67 -26.95 -38.91 29.86
CA GLU A 67 -28.34 -39.02 29.38
C GLU A 67 -28.56 -38.17 28.12
N HIS A 68 -27.59 -37.30 27.79
CA HIS A 68 -27.62 -36.59 26.52
C HIS A 68 -26.72 -37.31 25.51
N THR A 69 -26.59 -38.62 25.72
CA THR A 69 -25.88 -39.55 24.85
C THR A 69 -26.82 -40.74 24.61
N ASP A 70 -26.65 -41.44 23.48
CA ASP A 70 -27.60 -42.46 23.05
C ASP A 70 -27.32 -43.79 23.76
N ASN A 71 -27.59 -43.85 25.08
CA ASN A 71 -27.26 -45.03 25.89
C ASN A 71 -28.50 -45.48 26.65
N GLN A 72 -28.57 -46.81 26.93
CA GLN A 72 -29.72 -47.44 27.59
C GLN A 72 -29.69 -47.18 29.10
N VAL A 73 -29.91 -45.92 29.49
CA VAL A 73 -29.92 -45.49 30.89
C VAL A 73 -31.23 -44.79 31.18
N PRO A 74 -31.77 -44.86 32.41
CA PRO A 74 -32.98 -44.14 32.74
C PRO A 74 -32.79 -42.64 32.67
N LYS A 75 -33.88 -41.98 32.31
CA LYS A 75 -34.03 -40.53 32.13
C LYS A 75 -33.39 -39.73 33.28
N ASP A 76 -33.94 -39.92 34.52
CA ASP A 76 -33.62 -39.07 35.69
C ASP A 76 -32.49 -39.71 36.50
N GLN A 77 -32.13 -40.95 36.13
CA GLN A 77 -31.10 -41.77 36.79
C GLN A 77 -29.70 -41.18 36.59
N ALA A 78 -29.60 -40.22 35.64
CA ALA A 78 -28.33 -39.69 35.16
C ALA A 78 -27.51 -39.09 36.31
N GLU A 79 -28.17 -38.31 37.19
CA GLU A 79 -27.50 -37.69 38.34
C GLU A 79 -26.93 -38.80 39.22
N ALA A 80 -27.79 -39.78 39.59
CA ALA A 80 -27.41 -40.94 40.39
C ALA A 80 -26.13 -41.58 39.84
N LEU A 81 -26.19 -42.03 38.57
CA LEU A 81 -25.10 -42.77 37.92
C LEU A 81 -23.76 -42.04 38.09
N ALA A 82 -23.69 -40.80 37.55
CA ALA A 82 -22.46 -39.98 37.51
C ALA A 82 -21.89 -39.77 38.92
N THR A 83 -22.77 -39.55 39.92
CA THR A 83 -22.35 -39.36 41.32
C THR A 83 -21.60 -40.60 41.81
N LEU A 84 -22.26 -41.75 41.67
CA LEU A 84 -21.70 -43.07 41.99
C LEU A 84 -20.35 -43.24 41.28
N PHE A 85 -20.35 -43.15 39.93
CA PHE A 85 -19.17 -43.40 39.10
C PHE A 85 -17.99 -42.53 39.56
N VAL A 86 -18.21 -41.19 39.68
CA VAL A 86 -17.12 -40.23 39.90
C VAL A 86 -16.50 -40.46 41.29
N GLU A 87 -17.34 -40.64 42.33
CA GLU A 87 -16.86 -40.97 43.69
C GLU A 87 -16.03 -42.26 43.63
N SER A 88 -16.61 -43.28 42.97
CA SER A 88 -16.06 -44.64 42.86
C SER A 88 -14.65 -44.62 42.27
N THR A 89 -14.44 -43.75 41.26
CA THR A 89 -13.17 -43.66 40.52
C THR A 89 -12.12 -42.90 41.33
N LEU A 90 -12.44 -41.66 41.71
CA LEU A 90 -11.50 -40.76 42.35
C LEU A 90 -11.17 -41.21 43.77
N ASP A 91 -11.98 -42.10 44.37
CA ASP A 91 -11.76 -42.44 45.77
C ASP A 91 -11.14 -43.85 45.93
N TYR A 92 -11.08 -44.63 44.82
CA TYR A 92 -10.57 -46.02 44.81
C TYR A 92 -11.35 -46.87 45.82
N ASP A 93 -12.68 -46.71 45.85
CA ASP A 93 -13.57 -47.46 46.74
C ASP A 93 -14.08 -48.71 46.00
N TRP A 94 -13.78 -49.91 46.54
CA TRP A 94 -14.07 -51.17 45.83
C TRP A 94 -15.57 -51.41 45.73
N ASP A 95 -16.29 -51.13 46.84
CA ASP A 95 -17.73 -51.40 46.96
C ASP A 95 -18.53 -50.55 45.95
N LYS A 96 -18.06 -49.29 45.74
CA LYS A 96 -18.71 -48.33 44.82
C LYS A 96 -18.43 -48.71 43.36
N ARG A 97 -17.16 -49.11 43.08
CA ARG A 97 -16.73 -49.62 41.77
C ARG A 97 -17.62 -50.79 41.35
N VAL A 98 -17.91 -51.71 42.30
CA VAL A 98 -18.77 -52.87 42.05
C VAL A 98 -20.22 -52.39 41.88
N GLU A 99 -20.66 -51.49 42.79
CA GLU A 99 -22.04 -50.99 42.78
C GLU A 99 -22.34 -50.33 41.44
N PHE A 100 -21.42 -49.48 40.97
CA PHE A 100 -21.50 -48.85 39.64
C PHE A 100 -21.71 -49.93 38.57
N LEU A 101 -20.93 -51.02 38.68
CA LEU A 101 -20.99 -52.14 37.75
C LEU A 101 -22.33 -52.88 37.87
N THR A 102 -22.76 -53.12 39.14
CA THR A 102 -24.07 -53.72 39.46
C THR A 102 -25.20 -52.91 38.85
N LYS A 103 -25.17 -51.59 39.10
CA LYS A 103 -26.17 -50.65 38.58
C LYS A 103 -26.26 -50.79 37.06
N LEU A 104 -25.12 -50.65 36.36
CA LEU A 104 -25.07 -50.71 34.90
C LEU A 104 -25.76 -51.99 34.39
N GLU A 105 -25.48 -53.11 35.08
CA GLU A 105 -26.03 -54.44 34.78
C GLU A 105 -27.56 -54.44 34.89
N SER A 106 -28.12 -53.54 35.72
CA SER A 106 -29.57 -53.40 35.93
C SER A 106 -30.22 -52.49 34.88
N TYR A 107 -29.46 -52.00 33.88
CA TYR A 107 -30.07 -51.24 32.78
C TYR A 107 -29.97 -52.03 31.48
N GLY A 108 -29.85 -53.34 31.57
CA GLY A 108 -29.78 -54.17 30.39
C GLY A 108 -28.42 -54.12 29.71
N TYR A 109 -27.41 -53.72 30.48
CA TYR A 109 -26.01 -53.83 30.06
C TYR A 109 -25.51 -55.19 30.50
N SER A 110 -25.23 -56.07 29.55
CA SER A 110 -24.74 -57.39 29.86
C SER A 110 -23.23 -57.32 29.96
N PHE A 111 -22.67 -57.87 31.04
CA PHE A 111 -21.23 -57.88 31.24
C PHE A 111 -20.63 -59.22 30.81
N GLU A 112 -21.34 -59.95 29.93
CA GLU A 112 -20.97 -61.32 29.56
C GLU A 112 -20.94 -61.43 28.04
N ALA A 113 -20.14 -62.38 27.52
CA ALA A 113 -19.96 -62.57 26.08
C ALA A 113 -21.26 -63.05 25.42
N PRO A 114 -21.58 -62.56 24.21
CA PRO A 114 -22.85 -62.89 23.53
C PRO A 114 -23.14 -64.37 23.25
N HIS A 115 -22.20 -65.10 22.62
CA HIS A 115 -22.40 -66.52 22.36
C HIS A 115 -22.05 -67.31 23.61
N ALA A 116 -22.98 -67.30 24.59
CA ALA A 116 -22.69 -67.63 26.00
C ALA A 116 -21.77 -68.85 26.13
N GLU A 117 -22.10 -69.98 25.46
CA GLU A 117 -21.25 -71.16 25.58
C GLU A 117 -20.52 -71.45 24.25
N LYS A 118 -20.99 -70.89 23.13
CA LYS A 118 -20.37 -71.18 21.83
C LYS A 118 -19.36 -70.08 21.44
N SER A 119 -19.03 -69.20 22.42
CA SER A 119 -18.03 -68.14 22.25
C SER A 119 -16.69 -68.57 22.82
N ILE A 120 -15.64 -68.29 22.07
CA ILE A 120 -14.26 -68.41 22.53
C ILE A 120 -13.84 -67.04 23.06
N VAL A 121 -13.82 -66.86 24.38
CA VAL A 121 -13.37 -65.58 24.94
C VAL A 121 -11.95 -65.33 24.46
N SER A 122 -11.71 -64.22 23.78
CA SER A 122 -10.39 -63.97 23.22
C SER A 122 -9.81 -62.72 23.87
N PHE A 123 -8.50 -62.54 23.74
CA PHE A 123 -7.85 -61.35 24.22
C PHE A 123 -7.03 -60.73 23.10
N TRP A 124 -7.19 -59.44 22.91
CA TRP A 124 -6.43 -58.70 21.93
C TRP A 124 -5.76 -57.58 22.69
N SER A 125 -4.46 -57.45 22.53
CA SER A 125 -3.74 -56.39 23.21
C SER A 125 -2.67 -55.86 22.27
N GLY A 126 -3.04 -55.81 20.98
CA GLY A 126 -2.13 -55.47 19.91
C GLY A 126 -2.65 -54.30 19.10
N LYS A 127 -2.69 -54.49 17.74
CA LYS A 127 -3.00 -53.43 16.78
C LYS A 127 -4.32 -53.75 16.06
N ASN A 128 -4.28 -54.74 15.10
CA ASN A 128 -5.39 -55.00 14.16
C ASN A 128 -6.10 -56.32 14.52
N PHE A 129 -6.83 -56.29 15.64
CA PHE A 129 -7.57 -57.43 16.19
C PHE A 129 -8.51 -58.03 15.15
N LYS A 130 -9.18 -57.16 14.36
CA LYS A 130 -10.25 -57.57 13.44
C LYS A 130 -9.74 -58.61 12.45
N GLN A 131 -8.57 -58.32 11.82
CA GLN A 131 -7.94 -59.23 10.87
C GLN A 131 -7.77 -60.62 11.51
N TYR A 132 -6.99 -60.66 12.64
CA TYR A 132 -6.78 -61.88 13.44
C TYR A 132 -8.11 -62.59 13.70
N ARG A 133 -9.09 -61.83 14.23
CA ARG A 133 -10.39 -62.36 14.64
C ARG A 133 -11.05 -63.11 13.48
N ASP A 134 -10.96 -62.54 12.26
CA ASP A 134 -11.59 -63.10 11.06
C ASP A 134 -11.00 -64.48 10.77
N ILE A 135 -9.65 -64.55 10.61
CA ILE A 135 -8.93 -65.82 10.40
C ILE A 135 -9.36 -66.83 11.49
N LEU A 136 -9.32 -66.36 12.76
CA LEU A 136 -9.63 -67.18 13.93
C LEU A 136 -11.09 -67.67 13.89
N ASP A 137 -12.00 -66.85 13.32
CA ASP A 137 -13.45 -67.12 13.35
C ASP A 137 -13.79 -68.25 12.37
N ASN A 138 -13.38 -68.10 11.10
CA ASN A 138 -13.51 -69.16 10.09
C ASN A 138 -12.22 -69.97 10.07
N ALA A 139 -11.96 -70.62 11.22
CA ALA A 139 -10.92 -71.62 11.40
C ALA A 139 -11.49 -72.74 12.28
N GLN A 140 -12.16 -72.32 13.37
CA GLN A 140 -13.02 -73.18 14.19
C GLN A 140 -13.92 -74.00 13.28
N THR A 141 -13.94 -75.33 13.50
CA THR A 141 -14.73 -76.28 12.72
C THR A 141 -15.95 -76.76 13.53
N ASP A 142 -16.29 -76.00 14.61
CA ASP A 142 -17.18 -76.49 15.67
C ASP A 142 -18.34 -75.48 15.89
N GLY A 143 -18.48 -74.50 14.98
CA GLY A 143 -19.49 -73.44 15.10
C GLY A 143 -19.10 -72.39 16.15
N LYS A 144 -17.83 -72.45 16.62
CA LYS A 144 -17.33 -71.58 17.68
C LYS A 144 -16.93 -70.24 17.06
N LYS A 145 -17.37 -69.12 17.69
CA LYS A 145 -17.01 -67.75 17.29
C LYS A 145 -16.27 -67.06 18.43
N VAL A 146 -15.12 -66.41 18.11
CA VAL A 146 -14.26 -65.74 19.10
C VAL A 146 -14.87 -64.38 19.45
N VAL A 147 -14.71 -63.98 20.74
CA VAL A 147 -15.34 -62.80 21.34
C VAL A 147 -14.24 -61.96 22.00
N TYR A 148 -14.27 -60.62 21.76
CA TYR A 148 -13.38 -59.65 22.39
C TYR A 148 -14.15 -58.84 23.44
N ASP A 149 -13.42 -58.01 24.22
CA ASP A 149 -14.00 -57.21 25.31
C ASP A 149 -14.84 -56.07 24.74
N ILE A 150 -14.58 -55.72 23.45
CA ILE A 150 -15.35 -54.73 22.68
C ILE A 150 -16.81 -55.19 22.55
N ASP A 151 -17.01 -56.52 22.39
CA ASP A 151 -18.30 -57.12 22.07
C ASP A 151 -19.24 -57.06 23.29
N VAL A 152 -18.66 -56.82 24.48
CA VAL A 152 -19.42 -56.73 25.73
C VAL A 152 -19.91 -55.30 25.91
N LYS A 153 -21.25 -55.12 25.86
CA LYS A 153 -21.90 -53.81 25.87
C LYS A 153 -21.63 -53.10 27.19
N GLY A 154 -21.62 -53.86 28.30
CA GLY A 154 -21.39 -53.32 29.64
C GLY A 154 -20.01 -52.70 29.77
N ASN A 155 -18.99 -53.48 29.36
CA ASN A 155 -17.58 -53.06 29.31
C ASN A 155 -17.43 -51.75 28.57
N ALA A 156 -17.89 -51.76 27.32
CA ALA A 156 -17.73 -50.67 26.38
C ALA A 156 -18.30 -49.36 26.95
N PHE A 157 -19.51 -49.44 27.50
CA PHE A 157 -20.16 -48.25 28.03
C PHE A 157 -19.40 -47.74 29.26
N ALA A 158 -18.89 -48.64 30.10
CA ALA A 158 -18.07 -48.21 31.24
C ALA A 158 -16.84 -47.47 30.71
N ILE A 159 -16.21 -48.00 29.67
CA ILE A 159 -15.02 -47.37 29.12
C ILE A 159 -15.37 -45.99 28.58
N ASP A 160 -16.57 -45.85 27.98
CA ASP A 160 -17.00 -44.57 27.38
C ASP A 160 -17.02 -43.45 28.44
N LEU A 161 -17.68 -43.71 29.57
CA LEU A 161 -17.83 -42.73 30.63
C LEU A 161 -16.47 -42.37 31.24
N ASN A 162 -15.61 -43.39 31.37
CA ASN A 162 -14.24 -43.27 31.89
C ASN A 162 -13.45 -42.32 30.98
N LYS A 163 -13.61 -42.55 29.68
CA LYS A 163 -12.97 -41.74 28.67
C LYS A 163 -13.37 -40.28 28.85
N HIS A 164 -14.67 -40.03 29.07
CA HIS A 164 -15.15 -38.68 29.25
C HIS A 164 -14.49 -38.00 30.46
N LEU A 165 -14.43 -38.68 31.62
CA LEU A 165 -13.83 -38.02 32.79
C LEU A 165 -12.31 -37.75 32.54
N MSE A 166 -11.64 -38.68 31.85
CA MSE A 166 -10.23 -38.48 31.49
C MSE A 166 -10.10 -37.19 30.70
O MSE A 166 -9.23 -36.35 30.99
CB MSE A 166 -9.74 -39.64 30.62
CG MSE A 166 -9.17 -40.80 31.37
SE MSE A 166 -9.37 -42.53 30.36
CE MSE A 166 -8.57 -42.09 28.58
N ARG A 167 -10.97 -37.04 29.72
CA ARG A 167 -10.93 -35.91 28.81
C ARG A 167 -11.19 -34.62 29.60
N TRP A 168 -12.12 -34.68 30.60
CA TRP A 168 -12.41 -33.50 31.42
C TRP A 168 -11.12 -33.00 32.00
N GLY A 169 -10.40 -33.88 32.69
CA GLY A 169 -9.17 -33.50 33.33
C GLY A 169 -8.22 -32.87 32.33
N GLY A 170 -7.99 -33.59 31.23
CA GLY A 170 -7.05 -33.17 30.22
C GLY A 170 -7.35 -31.76 29.72
N LEU A 171 -8.59 -31.47 29.37
CA LEU A 171 -8.84 -30.20 28.69
C LEU A 171 -9.63 -29.24 29.58
N PHE A 172 -9.37 -29.26 30.90
CA PHE A 172 -9.92 -28.24 31.80
C PHE A 172 -8.86 -27.72 32.75
N LEU A 173 -7.62 -28.17 32.59
CA LEU A 173 -6.62 -28.06 33.63
C LEU A 173 -5.36 -27.44 33.04
N ASP A 174 -4.46 -26.91 33.87
CA ASP A 174 -3.24 -26.33 33.32
C ASP A 174 -2.02 -27.12 33.74
N PRO A 175 -1.20 -27.59 32.76
CA PRO A 175 0.07 -28.24 33.03
C PRO A 175 1.09 -27.24 33.54
N ASP A 176 1.06 -26.02 32.96
CA ASP A 176 1.93 -24.90 33.32
C ASP A 176 2.06 -24.80 34.83
N ASN A 177 0.91 -24.64 35.47
CA ASN A 177 0.85 -24.68 36.91
C ASN A 177 0.85 -26.12 37.28
N ALA A 178 1.96 -26.70 37.69
CA ALA A 178 1.94 -28.15 37.78
C ALA A 178 1.39 -28.66 39.12
N GLU A 179 1.07 -27.80 40.10
CA GLU A 179 0.34 -28.33 41.26
C GLU A 179 -1.03 -28.79 40.77
N GLN A 180 -1.43 -28.23 39.60
CA GLN A 180 -2.60 -28.67 38.85
C GLN A 180 -2.30 -29.98 38.10
N ASN A 181 -1.04 -30.15 37.63
CA ASN A 181 -0.60 -31.38 36.96
C ASN A 181 -0.73 -32.58 37.88
N GLN A 182 -0.41 -32.39 39.16
CA GLN A 182 -0.50 -33.47 40.11
C GLN A 182 -1.98 -33.91 40.23
N LEU A 183 -2.93 -32.96 40.17
CA LEU A 183 -4.34 -33.33 40.15
C LEU A 183 -4.67 -34.06 38.84
N LYS A 184 -4.02 -33.68 37.73
CA LYS A 184 -4.22 -34.39 36.46
C LYS A 184 -3.61 -35.78 36.55
N SER A 185 -2.40 -35.89 37.07
CA SER A 185 -1.76 -37.20 37.14
C SER A 185 -2.57 -38.16 38.04
N SER A 186 -3.19 -37.62 39.12
CA SER A 186 -3.98 -38.43 40.05
C SER A 186 -5.26 -38.95 39.37
N ILE A 187 -5.93 -38.09 38.57
CA ILE A 187 -7.17 -38.46 37.88
C ILE A 187 -6.84 -39.45 36.77
N ASP A 188 -5.68 -39.28 36.13
CA ASP A 188 -5.25 -40.21 35.09
C ASP A 188 -4.98 -41.56 35.72
N ALA A 189 -4.28 -41.54 36.86
CA ALA A 189 -3.91 -42.75 37.58
C ALA A 189 -5.16 -43.53 37.98
N ALA A 190 -6.19 -42.82 38.46
CA ALA A 190 -7.41 -43.45 38.95
C ALA A 190 -8.22 -44.06 37.80
N THR A 191 -8.33 -43.36 36.67
CA THR A 191 -9.17 -43.85 35.56
C THR A 191 -8.47 -45.03 34.89
N PHE A 192 -7.13 -45.11 35.06
CA PHE A 192 -6.29 -46.17 34.51
C PHE A 192 -6.58 -47.50 35.24
N SER A 193 -6.78 -47.43 36.57
CA SER A 193 -7.08 -48.63 37.39
C SER A 193 -8.47 -49.17 37.08
N ASN A 194 -9.37 -48.27 36.61
CA ASN A 194 -10.73 -48.64 36.17
C ASN A 194 -10.66 -49.62 34.99
N THR A 195 -10.08 -49.16 33.86
CA THR A 195 -9.88 -49.98 32.68
C THR A 195 -9.17 -51.28 33.07
N GLY A 196 -8.30 -51.18 34.10
CA GLY A 196 -7.53 -52.32 34.61
C GLY A 196 -8.40 -53.33 35.34
N PHE A 197 -9.29 -52.83 36.23
CA PHE A 197 -10.21 -53.68 36.99
C PHE A 197 -11.21 -54.38 36.07
N TRP A 198 -11.75 -53.63 35.08
CA TRP A 198 -12.82 -54.12 34.22
C TRP A 198 -12.30 -55.18 33.23
N SER A 199 -10.98 -55.19 32.98
CA SER A 199 -10.36 -56.17 32.09
C SER A 199 -10.16 -57.50 32.83
N SER A 200 -10.08 -57.43 34.19
CA SER A 200 -10.08 -58.61 35.08
C SER A 200 -11.50 -59.19 35.23
N VAL A 201 -12.53 -58.33 35.06
CA VAL A 201 -13.94 -58.78 35.09
C VAL A 201 -14.22 -59.62 33.84
N TYR A 202 -13.85 -59.08 32.67
CA TYR A 202 -14.06 -59.72 31.39
C TYR A 202 -13.32 -61.04 31.32
N ALA A 203 -12.16 -61.10 32.02
CA ALA A 203 -11.17 -62.17 31.87
C ALA A 203 -11.52 -63.36 32.76
N THR A 204 -12.29 -63.12 33.85
CA THR A 204 -12.72 -64.19 34.77
C THR A 204 -13.85 -65.02 34.12
N GLY A 205 -14.29 -64.60 32.91
CA GLY A 205 -15.37 -65.26 32.18
C GLY A 205 -14.85 -66.22 31.10
N ALA A 206 -13.53 -66.40 31.03
CA ALA A 206 -12.91 -67.23 30.00
C ALA A 206 -13.08 -68.72 30.36
N GLN A 207 -13.38 -69.55 29.34
CA GLN A 207 -13.51 -70.98 29.50
C GLN A 207 -12.73 -71.64 28.40
N ASN A 208 -12.41 -72.95 28.60
CA ASN A 208 -11.86 -73.87 27.59
C ASN A 208 -10.57 -73.27 27.03
N ASP A 209 -10.39 -73.27 25.72
CA ASP A 209 -9.17 -72.73 25.14
C ASP A 209 -9.38 -71.23 24.85
N VAL A 210 -8.41 -70.40 25.25
CA VAL A 210 -8.52 -68.95 25.10
C VAL A 210 -7.47 -68.49 24.12
N TYR A 211 -7.80 -67.48 23.30
CA TYR A 211 -6.90 -66.94 22.30
C TYR A 211 -6.39 -65.59 22.78
N VAL A 212 -5.10 -65.30 22.53
CA VAL A 212 -4.48 -64.03 22.92
C VAL A 212 -3.71 -63.48 21.73
N ILE A 213 -4.10 -62.26 21.28
CA ILE A 213 -3.42 -61.53 20.21
C ILE A 213 -2.40 -60.59 20.85
N ALA A 214 -1.10 -60.91 20.66
CA ALA A 214 0.01 -60.03 21.04
C ALA A 214 1.15 -60.23 20.04
N GLU A 215 1.14 -59.44 18.94
CA GLU A 215 2.18 -59.50 17.91
C GLU A 215 3.48 -58.91 18.47
N GLY A 216 4.61 -59.55 18.14
CA GLY A 216 5.93 -59.12 18.60
C GLY A 216 6.23 -59.58 20.03
N GLY A 217 5.51 -60.63 20.48
CA GLY A 217 5.69 -61.21 21.81
C GLY A 217 4.81 -60.52 22.85
N VAL A 218 4.99 -60.87 24.13
CA VAL A 218 4.26 -60.23 25.23
C VAL A 218 4.84 -58.85 25.45
N ARG A 219 3.99 -57.92 25.91
CA ARG A 219 4.39 -56.55 26.20
C ARG A 219 4.25 -56.33 27.71
N LEU A 220 5.40 -56.40 28.43
CA LEU A 220 5.44 -56.26 29.89
C LEU A 220 4.79 -54.94 30.28
N GLY A 221 3.90 -54.98 31.28
CA GLY A 221 3.25 -53.79 31.81
C GLY A 221 2.04 -53.34 30.97
N ASN A 222 1.56 -54.23 30.05
CA ASN A 222 0.27 -54.03 29.37
C ASN A 222 -0.80 -54.79 30.18
N TYR A 223 -2.07 -54.68 29.71
CA TYR A 223 -3.24 -55.14 30.46
C TYR A 223 -3.26 -56.66 30.55
N PHE A 224 -2.85 -57.33 29.47
CA PHE A 224 -2.81 -58.78 29.43
C PHE A 224 -1.90 -59.28 30.54
N TRP A 225 -0.66 -58.78 30.55
CA TRP A 225 0.35 -59.21 31.51
C TRP A 225 -0.10 -58.90 32.95
N ASN A 226 -0.73 -57.72 33.14
CA ASN A 226 -0.90 -57.13 34.46
C ASN A 226 -2.18 -57.66 35.15
N VAL A 227 -3.29 -57.83 34.38
CA VAL A 227 -4.60 -58.14 35.00
C VAL A 227 -5.25 -59.39 34.34
N GLU A 228 -5.08 -59.57 33.03
CA GLU A 228 -5.77 -60.66 32.33
C GLU A 228 -5.07 -62.01 32.61
N LEU A 229 -3.74 -62.06 32.42
CA LEU A 229 -3.00 -63.34 32.50
C LEU A 229 -3.13 -63.96 33.90
N PRO A 230 -3.03 -63.18 35.00
CA PRO A 230 -3.32 -63.68 36.34
C PRO A 230 -4.69 -64.35 36.51
N ALA A 231 -5.77 -63.70 36.01
CA ALA A 231 -7.14 -64.21 36.13
C ALA A 231 -7.29 -65.53 35.35
N LEU A 232 -6.52 -65.64 34.24
CA LEU A 232 -6.53 -66.82 33.35
C LEU A 232 -5.75 -67.98 33.99
N ARG A 233 -4.67 -67.64 34.72
CA ARG A 233 -3.82 -68.60 35.45
C ARG A 233 -4.64 -69.29 36.53
N GLN A 234 -5.36 -68.50 37.33
CA GLN A 234 -6.17 -69.01 38.43
C GLN A 234 -7.25 -69.96 37.89
N LEU A 235 -7.80 -69.63 36.71
CA LEU A 235 -8.88 -70.41 36.10
C LEU A 235 -8.37 -71.79 35.68
N GLN A 236 -7.06 -71.87 35.37
CA GLN A 236 -6.42 -73.10 34.89
C GLN A 236 -6.25 -74.07 36.05
N ARG A 237 -5.83 -73.52 37.20
CA ARG A 237 -5.60 -74.27 38.43
C ARG A 237 -6.93 -74.74 39.02
N GLU A 238 -8.05 -74.19 38.49
CA GLU A 238 -9.41 -74.63 38.80
C GLU A 238 -9.94 -75.58 37.70
N GLY A 239 -9.21 -75.64 36.56
CA GLY A 239 -9.47 -76.62 35.50
C GLY A 239 -10.48 -76.11 34.47
N LEU A 240 -10.87 -74.82 34.61
CA LEU A 240 -11.96 -74.20 33.83
C LEU A 240 -11.43 -73.70 32.47
N VAL A 241 -10.11 -73.44 32.40
CA VAL A 241 -9.44 -73.01 31.17
C VAL A 241 -8.36 -74.03 30.82
N GLY A 242 -8.25 -74.33 29.51
CA GLY A 242 -7.25 -75.24 28.97
C GLY A 242 -5.99 -74.49 28.56
N GLU A 243 -5.65 -74.55 27.25
CA GLU A 243 -4.47 -73.88 26.73
C GLU A 243 -4.80 -72.40 26.48
N ILE A 244 -3.89 -71.51 26.97
CA ILE A 244 -3.83 -70.10 26.57
C ILE A 244 -2.93 -70.02 25.35
N ARG A 245 -3.51 -69.69 24.20
CA ARG A 245 -2.78 -69.71 22.93
C ARG A 245 -2.39 -68.28 22.55
N LEU A 246 -1.09 -68.07 22.32
CA LEU A 246 -0.54 -66.74 22.05
C LEU A 246 -0.16 -66.62 20.58
N LEU A 247 -0.72 -65.61 19.92
CA LEU A 247 -0.41 -65.28 18.53
C LEU A 247 0.57 -64.09 18.50
N ASP A 248 1.87 -64.36 18.70
CA ASP A 248 2.88 -63.30 18.77
C ASP A 248 3.59 -63.14 17.41
N LYS A 249 3.27 -64.04 16.44
CA LYS A 249 3.82 -63.96 15.07
C LYS A 249 2.84 -63.22 14.17
N PRO A 250 3.23 -62.86 12.91
CA PRO A 250 2.32 -62.20 11.97
C PRO A 250 1.19 -63.13 11.50
N VAL A 251 0.11 -62.54 10.95
CA VAL A 251 -1.19 -63.22 10.77
C VAL A 251 -1.06 -64.36 9.74
N SER A 252 -0.16 -64.16 8.74
CA SER A 252 0.06 -65.12 7.66
C SER A 252 0.48 -66.48 8.21
N GLU A 253 1.37 -66.49 9.21
CA GLU A 253 1.97 -67.71 9.79
C GLU A 253 0.86 -68.60 10.38
N TYR A 254 -0.23 -67.98 10.87
CA TYR A 254 -1.40 -68.69 11.34
C TYR A 254 -2.44 -68.82 10.21
N LYS A 255 -2.05 -68.67 8.93
CA LYS A 255 -3.09 -68.80 7.88
C LYS A 255 -3.17 -70.24 7.38
N ASP A 256 -4.42 -70.67 7.13
CA ASP A 256 -4.75 -72.04 6.71
C ASP A 256 -4.12 -73.03 7.69
N LEU A 257 -4.37 -72.80 8.99
CA LEU A 257 -3.98 -73.70 10.07
C LEU A 257 -5.26 -74.10 10.81
N PRO A 258 -5.38 -75.35 11.32
CA PRO A 258 -6.57 -75.74 12.09
C PRO A 258 -6.61 -75.01 13.42
N ALA A 259 -7.81 -74.85 14.01
CA ALA A 259 -8.00 -74.05 15.23
C ALA A 259 -7.09 -74.55 16.38
N ASP A 260 -6.92 -75.89 16.51
CA ASP A 260 -6.10 -76.45 17.59
C ASP A 260 -4.67 -75.90 17.51
N GLN A 261 -4.15 -75.80 16.26
CA GLN A 261 -2.74 -75.51 15.98
C GLN A 261 -2.45 -73.99 15.94
N ILE A 262 -3.46 -73.15 16.18
CA ILE A 262 -3.27 -71.70 16.10
C ILE A 262 -2.73 -71.17 17.42
N GLY A 263 -1.49 -70.67 17.42
CA GLY A 263 -0.88 -70.07 18.59
C GLY A 263 -0.06 -71.09 19.38
N ARG A 264 0.75 -70.56 20.31
CA ARG A 264 1.61 -71.35 21.20
C ARG A 264 1.47 -70.76 22.61
N ARG A 265 2.43 -71.07 23.50
CA ARG A 265 2.35 -70.61 24.89
C ARG A 265 3.42 -69.53 25.14
N LEU A 266 3.15 -68.70 26.17
CA LEU A 266 3.98 -67.55 26.54
C LEU A 266 5.39 -68.02 26.88
N THR A 267 5.47 -69.26 27.41
CA THR A 267 6.65 -69.77 28.11
C THR A 267 7.56 -70.53 27.14
N ASP A 268 7.06 -70.77 25.91
CA ASP A 268 7.85 -71.44 24.86
C ASP A 268 8.99 -70.52 24.43
N ALA A 269 10.12 -71.13 24.01
CA ALA A 269 11.30 -70.41 23.56
C ALA A 269 10.99 -69.67 22.26
N GLY A 270 11.45 -68.41 22.15
CA GLY A 270 11.36 -67.65 20.91
C GLY A 270 10.50 -66.39 21.08
N VAL A 271 9.36 -66.55 21.78
CA VAL A 271 8.44 -65.44 22.10
C VAL A 271 9.27 -64.29 22.68
N ALA A 272 9.04 -63.07 22.14
CA ALA A 272 9.80 -61.88 22.52
C ALA A 272 9.03 -61.12 23.58
N VAL A 273 9.75 -60.25 24.35
CA VAL A 273 9.13 -59.33 25.31
C VAL A 273 9.49 -57.90 24.88
N LYS A 274 8.60 -56.93 25.22
CA LYS A 274 8.71 -55.54 24.77
C LYS A 274 8.25 -54.60 25.88
N VAL A 275 8.91 -53.44 26.00
CA VAL A 275 8.55 -52.41 26.96
C VAL A 275 8.42 -51.09 26.20
N ARG A 276 7.97 -50.02 26.91
CA ARG A 276 7.72 -48.68 26.31
C ARG A 276 8.98 -47.80 26.42
N PHE A 277 10.14 -48.44 26.61
CA PHE A 277 11.46 -47.78 26.62
C PHE A 277 11.54 -46.92 27.88
N ASP A 278 11.14 -47.54 29.00
CA ASP A 278 11.19 -46.93 30.33
C ASP A 278 12.37 -47.50 31.12
N ALA A 279 13.32 -46.58 31.37
CA ALA A 279 14.56 -46.73 32.13
C ALA A 279 15.18 -45.32 32.15
N LEU A 280 15.97 -44.99 33.16
CA LEU A 280 16.46 -43.62 33.26
C LEU A 280 17.54 -43.36 32.19
N SER A 281 18.52 -44.28 32.07
CA SER A 281 19.69 -44.02 31.22
C SER A 281 19.65 -44.84 29.91
N HIS A 282 18.82 -45.91 29.85
CA HIS A 282 18.76 -46.71 28.63
C HIS A 282 18.02 -45.96 27.52
N GLU A 283 17.12 -45.05 27.89
CA GLU A 283 16.49 -44.20 26.89
C GLU A 283 17.59 -43.48 26.13
N ARG A 284 18.52 -42.84 26.90
CA ARG A 284 19.63 -42.04 26.35
C ARG A 284 20.62 -42.93 25.57
N GLN A 285 20.96 -44.10 26.13
CA GLN A 285 21.87 -45.02 25.45
C GLN A 285 21.32 -45.30 24.08
N ALA A 286 20.05 -45.73 24.08
CA ALA A 286 19.31 -46.01 22.87
C ALA A 286 19.08 -44.70 22.08
N GLU A 287 18.98 -43.54 22.78
CA GLU A 287 18.73 -42.29 22.07
C GLU A 287 19.91 -41.94 21.16
N LEU A 288 21.15 -41.85 21.66
CA LEU A 288 22.22 -41.48 20.71
C LEU A 288 22.61 -42.67 19.82
N LEU A 289 22.22 -43.89 20.20
CA LEU A 289 22.36 -45.05 19.34
C LEU A 289 21.09 -45.28 18.51
N ALA A 290 20.11 -44.33 18.51
CA ALA A 290 19.00 -44.43 17.52
C ALA A 290 18.40 -43.06 17.13
N ASP A 291 18.97 -41.93 17.60
CA ASP A 291 18.60 -40.61 17.05
C ASP A 291 19.39 -40.44 15.80
N ASN A 292 20.05 -41.57 15.45
CA ASN A 292 20.86 -41.76 14.23
C ASN A 292 20.00 -41.79 12.97
N PRO A 293 19.20 -42.88 12.80
CA PRO A 293 18.02 -42.88 11.94
C PRO A 293 16.78 -42.59 12.75
N ASP A 294 15.94 -41.66 12.26
CA ASP A 294 14.70 -41.26 12.93
C ASP A 294 14.99 -41.08 14.43
N GLY A 295 14.27 -41.87 15.28
CA GLY A 295 14.35 -41.76 16.72
C GLY A 295 13.41 -42.75 17.41
N TYR A 296 12.82 -42.32 18.54
CA TYR A 296 11.96 -43.16 19.36
C TYR A 296 10.90 -42.29 20.04
N LYS A 297 9.63 -42.69 19.97
CA LYS A 297 8.60 -42.00 20.73
C LYS A 297 8.43 -42.73 22.06
N ALA A 298 7.94 -42.02 23.10
CA ALA A 298 7.88 -42.54 24.47
C ALA A 298 7.17 -43.91 24.53
N ASP A 299 6.20 -44.12 23.64
CA ASP A 299 5.44 -45.36 23.56
C ASP A 299 6.08 -46.35 22.59
N THR A 300 7.22 -46.01 21.99
CA THR A 300 7.83 -46.94 21.05
C THR A 300 8.19 -48.22 21.81
N LEU A 301 7.79 -49.38 21.25
CA LEU A 301 8.04 -50.68 21.87
C LEU A 301 9.45 -51.14 21.51
N VAL A 302 10.28 -51.36 22.55
CA VAL A 302 11.67 -51.82 22.40
C VAL A 302 11.71 -53.32 22.72
N GLU A 303 12.16 -54.10 21.73
CA GLU A 303 12.34 -55.55 21.87
C GLU A 303 13.52 -55.80 22.80
N LEU A 304 13.23 -56.34 24.00
CA LEU A 304 14.25 -56.81 24.94
C LEU A 304 14.82 -58.13 24.46
N ASP A 305 16.00 -58.50 25.00
CA ASP A 305 16.57 -59.82 24.83
C ASP A 305 16.63 -60.50 26.19
N VAL A 306 15.44 -60.90 26.67
CA VAL A 306 15.25 -61.69 27.89
C VAL A 306 14.33 -62.86 27.54
N LYS A 307 14.51 -63.99 28.24
CA LYS A 307 13.79 -65.23 27.91
C LYS A 307 12.88 -65.66 29.09
N LEU A 308 11.55 -65.52 28.86
CA LEU A 308 10.50 -66.02 29.76
C LEU A 308 10.58 -67.55 29.89
N SER A 309 11.02 -68.18 28.79
CA SER A 309 11.28 -69.60 28.75
C SER A 309 12.33 -69.96 29.80
N ALA A 310 13.33 -69.10 30.01
CA ALA A 310 14.34 -69.34 31.04
C ALA A 310 13.69 -69.42 32.41
N ILE A 311 12.68 -68.60 32.72
CA ILE A 311 12.02 -68.79 34.01
C ILE A 311 11.28 -70.16 34.04
N ASP A 312 10.65 -70.57 32.92
CA ASP A 312 10.00 -71.90 32.87
C ASP A 312 11.04 -73.00 33.08
N SER A 313 12.23 -72.83 32.46
CA SER A 313 13.31 -73.81 32.54
C SER A 313 13.76 -73.97 33.98
N MSE A 314 13.74 -72.87 34.73
CA MSE A 314 14.15 -72.89 36.12
C MSE A 314 13.31 -73.90 36.86
O MSE A 314 13.83 -74.70 37.62
CB MSE A 314 14.02 -71.52 36.76
CG MSE A 314 14.48 -71.50 38.18
SE MSE A 314 13.94 -69.88 39.19
CE MSE A 314 11.97 -70.18 39.35
N LEU A 315 12.00 -73.85 36.64
CA LEU A 315 11.04 -74.67 37.36
C LEU A 315 11.28 -76.14 37.06
N ARG A 316 11.62 -76.47 35.80
CA ARG A 316 11.80 -77.85 35.36
C ARG A 316 12.97 -78.50 36.12
N GLU A 317 14.01 -77.71 36.41
CA GLU A 317 15.19 -78.20 37.12
C GLU A 317 15.12 -77.83 38.62
N SER A 318 13.95 -77.39 39.10
CA SER A 318 13.81 -77.02 40.52
C SER A 318 12.69 -77.81 41.19
N LEU A 319 11.62 -78.11 40.46
CA LEU A 319 10.49 -78.84 41.02
C LEU A 319 10.43 -80.23 40.39
N PRO A 320 10.23 -81.30 41.18
CA PRO A 320 10.20 -82.65 40.64
C PRO A 320 9.00 -82.91 39.74
N PHE A 321 9.30 -83.49 38.53
CA PHE A 321 8.30 -83.90 37.54
C PHE A 321 7.44 -82.72 37.09
N TYR A 322 8.05 -81.52 37.00
CA TYR A 322 7.34 -80.35 36.53
C TYR A 322 7.23 -80.40 35.01
N SER A 323 8.08 -81.25 34.38
CA SER A 323 8.14 -81.41 32.92
C SER A 323 7.02 -82.33 32.39
N LEU A 324 6.60 -83.31 33.23
CA LEU A 324 5.44 -84.15 32.90
C LEU A 324 4.16 -83.29 32.87
N ARG A 325 4.10 -82.30 33.80
CA ARG A 325 3.04 -81.28 33.85
C ARG A 325 2.96 -80.52 32.52
N THR A 326 4.06 -79.84 32.16
CA THR A 326 4.15 -78.98 31.00
C THR A 326 3.99 -79.78 29.69
N GLU A 327 4.62 -80.96 29.61
CA GLU A 327 4.77 -81.66 28.34
C GLU A 327 3.70 -82.76 28.19
N ARG A 328 3.13 -83.26 29.33
CA ARG A 328 2.21 -84.42 29.33
C ARG A 328 0.95 -84.15 30.18
N ASN A 329 0.87 -82.96 30.81
CA ASN A 329 -0.32 -82.53 31.56
C ASN A 329 -0.65 -83.57 32.66
N LEU A 330 0.42 -84.06 33.36
CA LEU A 330 0.29 -84.94 34.55
C LEU A 330 0.65 -84.14 35.79
N LEU A 331 0.14 -84.58 36.96
CA LEU A 331 0.49 -83.98 38.24
C LEU A 331 0.97 -85.06 39.21
N VAL A 332 2.30 -85.29 39.23
CA VAL A 332 2.94 -86.21 40.17
C VAL A 332 3.15 -85.46 41.50
N GLN A 333 2.49 -85.98 42.56
CA GLN A 333 2.68 -85.51 43.95
C GLN A 333 3.17 -86.67 44.81
N GLU A 334 4.02 -86.37 45.81
CA GLU A 334 4.40 -87.35 46.81
C GLU A 334 3.17 -87.70 47.62
N GLY A 335 2.92 -89.01 47.83
CA GLY A 335 1.73 -89.48 48.52
C GLY A 335 2.09 -90.14 49.84
N GLU A 336 1.14 -90.94 50.38
CA GLU A 336 1.34 -91.64 51.66
C GLU A 336 2.67 -92.40 51.61
N GLU A 337 2.84 -93.25 50.58
CA GLU A 337 4.16 -93.68 50.14
C GLU A 337 4.06 -94.09 48.67
N GLY A 338 4.96 -93.52 47.86
CA GLY A 338 4.85 -93.55 46.42
C GLY A 338 4.31 -92.23 45.89
N PHE A 339 4.60 -91.92 44.64
CA PHE A 339 4.04 -90.75 44.00
C PHE A 339 2.68 -91.12 43.42
N GLU A 340 1.67 -90.28 43.67
CA GLU A 340 0.35 -90.43 43.03
C GLU A 340 0.30 -89.50 41.83
N VAL A 341 -0.30 -89.98 40.71
CA VAL A 341 -0.35 -89.22 39.45
C VAL A 341 -1.81 -89.10 39.01
N ARG A 342 -2.20 -87.85 38.68
CA ARG A 342 -3.50 -87.50 38.12
C ARG A 342 -3.27 -86.67 36.84
N SER A 343 -4.34 -86.46 36.06
CA SER A 343 -4.34 -85.45 35.01
C SER A 343 -4.47 -84.06 35.64
N TRP A 344 -3.67 -83.10 35.15
CA TRP A 344 -3.49 -81.75 35.75
C TRP A 344 -4.78 -80.92 35.61
N PRO A 345 -5.28 -80.24 36.70
CA PRO A 345 -4.50 -79.90 37.86
C PRO A 345 -4.63 -80.87 39.02
N GLY A 346 -5.08 -82.11 38.73
CA GLY A 346 -5.03 -83.22 39.69
C GLY A 346 -6.05 -83.06 40.84
N ILE A 347 -7.25 -82.53 40.50
CA ILE A 347 -8.38 -82.49 41.42
C ILE A 347 -9.42 -83.52 40.98
N ASP A 348 -9.29 -83.97 39.72
CA ASP A 348 -10.19 -84.94 39.08
C ASP A 348 -9.88 -86.34 39.62
N GLY A 349 -10.80 -87.27 39.41
CA GLY A 349 -10.80 -88.53 40.12
C GLY A 349 -9.50 -89.32 39.91
N LYS A 350 -9.30 -89.83 38.68
CA LYS A 350 -8.45 -90.99 38.43
C LYS A 350 -7.02 -90.75 38.97
N SER A 351 -6.46 -91.79 39.60
CA SER A 351 -5.17 -91.72 40.29
C SER A 351 -4.32 -92.93 39.93
N LYS A 352 -3.06 -92.69 39.52
CA LYS A 352 -2.11 -93.76 39.25
C LYS A 352 -0.90 -93.59 40.19
N THR A 353 0.06 -94.53 40.19
CA THR A 353 1.14 -94.51 41.18
C THR A 353 2.49 -94.77 40.50
N ILE A 354 3.55 -94.12 41.02
CA ILE A 354 4.96 -94.45 40.71
C ILE A 354 5.74 -94.67 42.02
N LEU A 355 6.39 -95.84 42.15
CA LEU A 355 7.32 -96.13 43.24
C LEU A 355 8.74 -96.09 42.71
N LEU A 356 9.60 -95.30 43.39
CA LEU A 356 11.03 -95.30 43.13
C LEU A 356 11.72 -96.03 44.30
N ASP A 357 12.91 -96.60 44.02
CA ASP A 357 13.70 -97.33 45.02
C ASP A 357 14.57 -96.35 45.82
N ASN A 358 14.43 -95.04 45.51
CA ASN A 358 15.16 -93.94 46.16
C ASN A 358 14.45 -92.61 45.82
N PRO A 359 13.35 -92.27 46.53
CA PRO A 359 12.44 -91.21 46.07
C PRO A 359 12.97 -89.77 46.09
N GLU A 360 14.20 -89.55 46.61
CA GLU A 360 14.74 -88.18 46.78
C GLU A 360 15.91 -87.93 45.81
N ASP A 361 16.58 -89.03 45.37
CA ASP A 361 17.64 -88.97 44.35
C ASP A 361 17.08 -88.29 43.09
N ALA A 362 17.78 -87.26 42.60
CA ALA A 362 17.32 -86.42 41.47
C ALA A 362 17.59 -87.11 40.13
N ALA A 363 18.66 -87.94 40.08
CA ALA A 363 18.99 -88.77 38.92
C ALA A 363 17.85 -89.77 38.64
N GLN A 364 17.22 -90.24 39.74
CA GLN A 364 16.20 -91.30 39.70
C GLN A 364 14.89 -90.75 39.15
N GLN A 365 14.54 -89.50 39.55
CA GLN A 365 13.30 -88.83 39.14
C GLN A 365 13.37 -88.47 37.67
N LYS A 366 14.56 -88.03 37.22
CA LYS A 366 14.79 -87.62 35.82
C LYS A 366 14.66 -88.83 34.89
N SER A 367 15.11 -90.00 35.36
CA SER A 367 15.08 -91.25 34.59
C SER A 367 13.64 -91.68 34.28
N ILE A 368 12.83 -91.90 35.36
CA ILE A 368 11.43 -92.31 35.23
C ILE A 368 10.64 -91.21 34.49
N GLU A 369 11.07 -89.94 34.67
CA GLU A 369 10.54 -88.79 33.93
C GLU A 369 10.73 -88.99 32.43
N ARG A 370 12.00 -89.17 32.00
CA ARG A 370 12.35 -89.38 30.59
C ARG A 370 11.62 -90.59 30.03
N PHE A 371 11.58 -91.68 30.82
CA PHE A 371 10.93 -92.92 30.45
C PHE A 371 9.48 -92.68 30.02
N ILE A 372 8.76 -91.87 30.83
CA ILE A 372 7.32 -91.65 30.67
C ILE A 372 7.05 -90.81 29.42
N LEU A 373 7.95 -89.83 29.14
CA LEU A 373 7.85 -88.95 27.96
C LEU A 373 8.06 -89.75 26.66
N ALA A 374 8.67 -90.94 26.76
CA ALA A 374 9.07 -91.75 25.60
C ALA A 374 7.99 -92.78 25.25
N ASN A 375 7.17 -93.17 26.25
CA ASN A 375 6.30 -94.34 26.14
C ASN A 375 4.82 -93.96 26.15
N PHE A 376 4.51 -92.80 26.76
CA PHE A 376 3.12 -92.36 26.94
C PHE A 376 2.98 -90.89 26.48
N ASP A 377 1.97 -90.64 25.61
CA ASP A 377 1.67 -89.30 25.08
C ASP A 377 0.71 -88.56 26.01
N ASN A 378 -0.11 -89.31 26.78
CA ASN A 378 -1.10 -88.74 27.72
C ASN A 378 -1.22 -89.65 28.96
N PHE A 379 -2.01 -89.19 29.97
CA PHE A 379 -2.13 -89.85 31.28
C PHE A 379 -2.86 -91.19 31.14
N GLU A 380 -3.87 -91.23 30.26
CA GLU A 380 -4.80 -92.34 30.14
C GLU A 380 -4.09 -93.57 29.57
N GLN A 381 -2.88 -93.35 28.97
CA GLN A 381 -2.08 -94.43 28.33
C GLN A 381 -1.19 -95.13 29.36
N MSE A 382 -1.06 -94.53 30.54
CA MSE A 382 -0.15 -95.02 31.56
C MSE A 382 -0.78 -96.22 32.30
O MSE A 382 -1.98 -96.34 32.34
CB MSE A 382 0.14 -93.93 32.56
CG MSE A 382 0.90 -92.77 32.01
SE MSE A 382 1.51 -91.52 33.44
CE MSE A 382 3.05 -92.50 34.25
N PRO A 383 0.05 -97.29 32.60
CA PRO A 383 -0.41 -98.25 33.60
C PRO A 383 -0.67 -97.76 35.02
N ASP A 384 -1.47 -98.54 35.77
CA ASP A 384 -1.99 -98.13 37.07
C ASP A 384 -0.86 -98.01 38.12
N GLU A 385 0.27 -98.71 37.88
CA GLU A 385 1.46 -98.62 38.75
C GLU A 385 2.74 -98.70 37.90
N LEU A 386 3.74 -97.86 38.25
CA LEU A 386 5.07 -97.82 37.60
C LEU A 386 6.12 -97.95 38.72
N PHE A 387 7.20 -98.73 38.47
CA PHE A 387 8.28 -98.94 39.46
C PHE A 387 9.65 -98.75 38.78
N LEU A 388 10.49 -97.88 39.35
CA LEU A 388 11.90 -97.82 39.01
C LEU A 388 12.70 -98.47 40.14
N VAL A 389 13.06 -99.75 39.95
CA VAL A 389 13.67 -100.56 41.02
C VAL A 389 14.89 -101.29 40.46
N ASP A 390 16.05 -101.12 41.15
CA ASP A 390 17.26 -101.93 40.93
C ASP A 390 17.76 -101.81 39.48
N ASN A 391 17.54 -100.60 38.88
CA ASN A 391 17.91 -100.30 37.49
C ASN A 391 16.95 -101.00 36.50
N LYS A 392 15.78 -101.47 37.02
CA LYS A 392 14.69 -101.98 36.19
C LYS A 392 13.47 -101.08 36.35
N VAL A 393 12.64 -100.98 35.27
CA VAL A 393 11.33 -100.33 35.31
C VAL A 393 10.25 -101.39 35.03
N LEU A 394 9.22 -101.44 35.90
CA LEU A 394 8.13 -102.42 35.82
C LEU A 394 6.81 -101.67 35.71
N SER A 395 5.71 -102.41 35.69
CA SER A 395 4.38 -101.86 35.65
C SER A 395 3.41 -102.94 36.06
N HIS A 396 2.41 -102.62 36.87
CA HIS A 396 1.37 -103.58 37.14
C HIS A 396 0.07 -103.06 36.62
N HIS A 397 -0.51 -103.81 35.67
CA HIS A 397 -1.78 -103.52 35.04
C HIS A 397 -2.35 -104.88 34.62
N ASP A 398 -3.01 -105.58 35.61
CA ASP A 398 -3.42 -107.00 35.56
C ASP A 398 -2.19 -107.93 35.79
N GLY A 399 -1.18 -107.87 34.90
CA GLY A 399 0.01 -108.70 35.02
C GLY A 399 1.28 -107.86 35.00
N ARG A 400 2.27 -108.23 35.82
CA ARG A 400 3.54 -107.50 35.95
C ARG A 400 4.42 -107.78 34.72
N THR A 401 5.10 -106.75 34.22
CA THR A 401 6.06 -106.89 33.12
C THR A 401 7.25 -105.98 33.40
N ARG A 402 8.47 -106.43 33.02
CA ARG A 402 9.67 -105.62 33.14
C ARG A 402 10.01 -105.04 31.77
N ILE A 403 9.62 -103.77 31.54
CA ILE A 403 9.56 -103.23 30.18
C ILE A 403 10.98 -102.88 29.70
N ILE A 404 11.91 -102.54 30.65
CA ILE A 404 13.31 -102.17 30.29
C ILE A 404 14.25 -102.38 31.49
N ALA A 405 15.51 -102.74 31.17
CA ALA A 405 16.59 -102.94 32.14
C ALA A 405 17.74 -101.99 31.78
N GLN A 406 18.59 -101.65 32.78
CA GLN A 406 19.68 -100.69 32.56
C GLN A 406 21.04 -101.33 32.84
N LYS A 407 21.83 -101.50 31.77
CA LYS A 407 23.24 -101.86 31.84
C LYS A 407 23.99 -100.96 30.87
N GLU A 408 24.00 -99.63 31.22
CA GLU A 408 24.51 -98.48 30.43
C GLU A 408 23.50 -98.02 29.35
N ASP A 409 22.33 -98.68 29.23
CA ASP A 409 21.41 -98.34 28.15
C ASP A 409 20.00 -98.80 28.50
N GLY A 410 19.13 -98.88 27.47
CA GLY A 410 17.77 -99.37 27.61
C GLY A 410 17.56 -100.66 26.82
N ALA A 411 17.48 -101.78 27.56
CA ALA A 411 17.25 -103.12 27.02
C ALA A 411 15.77 -103.51 27.18
N TRP A 412 14.90 -102.90 26.35
CA TRP A 412 13.45 -103.12 26.41
C TRP A 412 13.16 -104.62 26.24
N THR A 413 12.24 -105.15 27.08
CA THR A 413 11.90 -106.60 27.20
C THR A 413 12.66 -107.23 28.39
N LEU B 7 33.69 -80.79 25.11
CA LEU B 7 32.60 -81.66 25.63
C LEU B 7 33.19 -82.75 26.53
N THR B 8 32.78 -82.78 27.80
CA THR B 8 33.34 -83.71 28.77
C THR B 8 32.87 -85.12 28.46
N GLU B 9 33.68 -86.12 28.86
CA GLU B 9 33.32 -87.53 28.76
C GLU B 9 32.12 -87.80 29.67
N GLU B 10 32.11 -87.16 30.86
CA GLU B 10 30.99 -87.21 31.80
C GLU B 10 29.71 -86.77 31.09
N GLN B 11 29.80 -85.68 30.32
CA GLN B 11 28.66 -85.12 29.61
C GLN B 11 28.08 -86.15 28.65
N ILE B 12 28.92 -86.97 27.96
CA ILE B 12 28.39 -87.96 27.00
C ILE B 12 27.70 -89.10 27.75
N ALA B 13 28.11 -89.39 28.99
CA ALA B 13 27.56 -90.52 29.72
C ALA B 13 26.06 -90.33 29.94
N GLU B 14 25.67 -89.12 30.37
CA GLU B 14 24.27 -88.80 30.65
C GLU B 14 23.48 -88.74 29.35
N PHE B 15 24.07 -88.18 28.30
CA PHE B 15 23.38 -88.05 27.02
C PHE B 15 23.16 -89.45 26.39
N LYS B 16 24.11 -90.38 26.60
CA LYS B 16 23.95 -91.76 26.13
C LYS B 16 22.78 -92.40 26.87
N GLU B 17 22.70 -92.13 28.18
CA GLU B 17 21.66 -92.68 29.07
C GLU B 17 20.29 -92.13 28.67
N ALA B 18 20.22 -90.83 28.39
CA ALA B 18 18.96 -90.19 28.03
C ALA B 18 18.45 -90.74 26.70
N PHE B 19 19.38 -91.02 25.79
CA PHE B 19 19.08 -91.43 24.43
C PHE B 19 18.70 -92.94 24.38
N SER B 20 19.03 -93.72 25.43
CA SER B 20 18.64 -95.13 25.48
C SER B 20 17.13 -95.25 25.43
N LEU B 21 16.47 -94.45 26.30
CA LEU B 21 15.02 -94.24 26.30
C LEU B 21 14.67 -93.22 25.22
N PHE B 22 13.40 -93.15 24.84
CA PHE B 22 12.95 -92.48 23.60
C PHE B 22 13.31 -93.32 22.38
N ASP B 23 14.10 -94.39 22.57
CA ASP B 23 14.67 -95.12 21.46
C ASP B 23 13.61 -96.04 20.87
N LYS B 24 13.30 -95.78 19.59
CA LYS B 24 12.40 -96.62 18.79
C LYS B 24 13.24 -97.56 17.93
N ASP B 25 12.68 -98.78 17.69
CA ASP B 25 13.37 -99.92 17.05
C ASP B 25 14.41 -100.53 18.02
N GLY B 26 14.62 -99.87 19.18
CA GLY B 26 15.68 -100.20 20.13
C GLY B 26 17.00 -100.53 19.45
N ASP B 27 17.44 -99.64 18.52
CA ASP B 27 18.58 -99.91 17.64
C ASP B 27 19.61 -98.77 17.70
N GLY B 28 19.12 -97.53 17.93
CA GLY B 28 19.99 -96.34 17.94
C GLY B 28 19.40 -95.18 17.12
N THR B 29 18.17 -95.38 16.55
CA THR B 29 17.40 -94.32 15.90
C THR B 29 16.48 -93.64 16.92
N ILE B 30 16.51 -92.28 16.91
CA ILE B 30 15.60 -91.46 17.68
C ILE B 30 14.72 -90.70 16.72
N THR B 31 13.40 -90.77 16.90
CA THR B 31 12.47 -90.11 15.99
C THR B 31 12.69 -88.61 16.05
N THR B 32 12.58 -87.98 14.89
CA THR B 32 12.91 -86.57 14.71
C THR B 32 12.18 -85.70 15.72
N LYS B 33 10.88 -85.86 15.82
CA LYS B 33 10.05 -84.94 16.59
C LYS B 33 10.48 -85.01 18.09
N GLU B 34 10.80 -86.21 18.55
CA GLU B 34 11.13 -86.42 19.96
C GLU B 34 12.50 -85.83 20.32
N LEU B 35 13.43 -85.69 19.32
CA LEU B 35 14.71 -85.02 19.56
C LEU B 35 14.44 -83.71 20.25
N GLY B 36 13.44 -82.98 19.77
CA GLY B 36 13.01 -81.78 20.50
C GLY B 36 12.76 -82.09 21.99
N THR B 37 11.95 -83.13 22.25
CA THR B 37 11.60 -83.49 23.63
C THR B 37 12.85 -83.83 24.45
N VAL B 38 13.74 -84.65 23.88
CA VAL B 38 14.94 -85.12 24.59
C VAL B 38 15.84 -83.94 24.91
N MSE B 39 15.99 -83.01 23.97
CA MSE B 39 16.84 -81.86 24.21
C MSE B 39 16.26 -81.04 25.36
O MSE B 39 17.00 -80.55 26.18
CB MSE B 39 16.98 -81.01 22.97
CG MSE B 39 17.74 -81.64 21.88
SE MSE B 39 17.89 -80.35 20.46
CE MSE B 39 19.61 -79.45 20.93
N ARG B 40 14.92 -80.91 25.41
CA ARG B 40 14.28 -80.14 26.47
C ARG B 40 14.52 -80.80 27.82
N SER B 41 14.57 -82.15 27.88
CA SER B 41 14.89 -82.83 29.15
C SER B 41 16.36 -82.62 29.56
N LEU B 42 17.29 -82.53 28.58
CA LEU B 42 18.72 -82.52 28.93
C LEU B 42 19.21 -81.11 29.36
N GLY B 43 18.29 -80.09 29.38
CA GLY B 43 18.56 -78.78 29.96
C GLY B 43 18.82 -77.67 28.92
N GLN B 44 18.56 -77.98 27.64
CA GLN B 44 18.64 -77.01 26.54
C GLN B 44 17.25 -76.82 25.95
N ASN B 45 16.81 -75.54 25.82
CA ASN B 45 15.51 -75.21 25.22
C ASN B 45 15.72 -74.55 23.86
N PRO B 46 15.80 -75.34 22.78
CA PRO B 46 15.88 -74.80 21.43
C PRO B 46 14.52 -74.28 20.99
N THR B 47 14.51 -73.25 20.12
CA THR B 47 13.27 -72.60 19.66
C THR B 47 12.65 -73.43 18.52
N GLU B 48 11.46 -73.00 18.05
CA GLU B 48 10.73 -73.70 16.99
C GLU B 48 11.55 -73.69 15.69
N ALA B 49 12.30 -72.59 15.48
CA ALA B 49 13.12 -72.40 14.29
C ALA B 49 14.47 -73.09 14.46
N GLU B 50 15.09 -72.91 15.64
CA GLU B 50 16.42 -73.44 15.93
C GLU B 50 16.43 -74.97 15.82
N LEU B 51 15.34 -75.63 16.23
CA LEU B 51 15.19 -77.08 16.09
C LEU B 51 15.20 -77.45 14.60
N GLN B 52 14.56 -76.62 13.76
CA GLN B 52 14.58 -76.87 12.32
C GLN B 52 16.01 -76.76 11.77
N ASP B 53 16.83 -75.88 12.37
CA ASP B 53 18.25 -75.82 12.03
C ASP B 53 18.85 -77.21 12.21
N MSE B 54 18.62 -77.89 13.37
CA MSE B 54 19.31 -79.17 13.54
C MSE B 54 18.75 -80.20 12.53
O MSE B 54 19.53 -80.93 11.96
CB MSE B 54 19.38 -79.68 15.00
CG MSE B 54 18.40 -79.11 15.98
SE MSE B 54 19.08 -77.71 17.34
CE MSE B 54 21.04 -78.04 17.54
N ILE B 55 17.46 -80.10 12.15
CA ILE B 55 16.86 -80.98 11.14
C ILE B 55 17.45 -80.72 9.73
N ASN B 56 17.96 -79.51 9.48
CA ASN B 56 18.55 -79.19 8.18
C ASN B 56 20.09 -79.23 8.27
N GLU B 57 20.66 -78.58 9.30
CA GLU B 57 22.13 -78.49 9.49
C GLU B 57 22.73 -79.89 9.54
N VAL B 58 22.14 -80.77 10.33
CA VAL B 58 22.33 -82.20 10.13
C VAL B 58 21.28 -82.59 9.14
N ASP B 59 21.64 -83.07 7.97
CA ASP B 59 20.60 -83.17 6.93
C ASP B 59 19.60 -84.29 7.27
N ALA B 60 18.35 -84.09 6.78
CA ALA B 60 17.26 -85.03 6.96
C ALA B 60 16.66 -85.36 5.59
N ASP B 61 16.48 -86.67 5.31
CA ASP B 61 15.94 -87.14 4.03
C ASP B 61 14.93 -88.28 4.28
N GLY B 62 14.07 -88.10 5.29
CA GLY B 62 13.00 -89.06 5.58
C GLY B 62 13.36 -90.00 6.73
N ASN B 63 13.26 -91.32 6.48
CA ASN B 63 13.35 -92.35 7.50
C ASN B 63 14.61 -92.14 8.35
N GLY B 64 14.45 -92.27 9.68
CA GLY B 64 15.56 -92.23 10.62
C GLY B 64 16.49 -91.04 10.37
N THR B 65 17.82 -91.36 10.42
CA THR B 65 18.98 -90.46 10.14
C THR B 65 19.37 -89.63 11.37
N ILE B 66 18.53 -89.65 12.45
CA ILE B 66 18.86 -88.99 13.72
C ILE B 66 19.52 -90.01 14.65
N ASP B 67 20.80 -90.30 14.38
CA ASP B 67 21.59 -91.24 15.17
C ASP B 67 22.14 -90.52 16.39
N PHE B 68 22.73 -91.29 17.32
CA PHE B 68 23.25 -90.74 18.56
C PHE B 68 24.37 -89.73 18.27
N PRO B 69 25.30 -90.00 17.33
CA PRO B 69 26.36 -89.05 17.03
C PRO B 69 25.86 -87.68 16.58
N GLU B 70 24.76 -87.65 15.82
CA GLU B 70 24.13 -86.40 15.38
C GLU B 70 23.65 -85.59 16.57
N PHE B 71 23.16 -86.31 17.59
CA PHE B 71 22.46 -85.72 18.73
C PHE B 71 23.40 -84.85 19.56
N LEU B 72 24.55 -85.44 20.00
CA LEU B 72 25.49 -84.76 20.91
C LEU B 72 26.27 -83.66 20.17
N THR B 73 26.13 -83.62 18.84
CA THR B 73 26.67 -82.56 17.99
C THR B 73 25.91 -81.27 18.24
N MSE B 74 24.58 -81.38 18.31
CA MSE B 74 23.70 -80.24 18.50
C MSE B 74 23.81 -79.72 19.92
O MSE B 74 23.80 -78.50 20.15
CB MSE B 74 22.27 -80.63 18.28
CG MSE B 74 22.05 -82.04 17.91
SE MSE B 74 20.57 -81.74 16.68
CE MSE B 74 20.45 -83.33 15.59
N MSE B 75 23.80 -80.64 20.89
CA MSE B 75 23.96 -80.28 22.29
C MSE B 75 25.22 -79.44 22.43
O MSE B 75 25.22 -78.46 23.14
CB MSE B 75 24.11 -81.52 23.17
CG MSE B 75 22.95 -82.45 23.12
SE MSE B 75 21.40 -81.57 23.89
CE MSE B 75 20.01 -82.76 23.26
N ALA B 76 26.26 -79.87 21.72
CA ALA B 76 27.51 -79.14 21.66
C ALA B 76 27.24 -77.74 21.07
N ARG B 77 26.70 -77.71 19.84
CA ARG B 77 26.34 -76.46 19.14
C ARG B 77 25.46 -75.61 20.06
N LYS B 78 24.31 -76.17 20.48
CA LYS B 78 23.30 -75.44 21.25
C LYS B 78 23.86 -75.00 22.60
N MSE B 79 24.66 -75.86 23.22
CA MSE B 79 25.24 -75.59 24.54
C MSE B 79 26.15 -74.36 24.50
O MSE B 79 26.38 -73.75 25.55
CB MSE B 79 26.06 -76.76 25.02
CG MSE B 79 25.62 -77.30 26.29
SE MSE B 79 25.90 -79.20 26.23
CE MSE B 79 27.25 -79.35 27.63
N LYS B 80 26.73 -74.08 23.33
CA LYS B 80 27.73 -73.03 23.20
C LYS B 80 27.04 -71.66 23.25
N ASP B 81 25.97 -71.50 22.43
CA ASP B 81 25.38 -70.19 22.11
C ASP B 81 24.33 -69.78 23.17
N THR B 82 24.04 -70.69 24.14
CA THR B 82 23.08 -70.41 25.22
C THR B 82 23.76 -70.62 26.59
N ASP B 83 23.49 -69.65 27.54
CA ASP B 83 24.09 -69.59 28.90
C ASP B 83 22.98 -69.38 29.99
N SER B 84 22.51 -70.52 30.54
CA SER B 84 21.25 -70.62 31.31
C SER B 84 21.23 -69.78 32.61
N GLU B 85 22.31 -69.79 33.41
CA GLU B 85 22.21 -69.10 34.70
C GLU B 85 22.07 -67.59 34.47
N GLU B 86 22.83 -67.03 33.50
CA GLU B 86 22.68 -65.61 33.20
C GLU B 86 21.32 -65.36 32.54
N GLU B 87 20.79 -66.32 31.79
CA GLU B 87 19.47 -66.11 31.21
C GLU B 87 18.44 -65.95 32.35
N ILE B 88 18.49 -66.78 33.39
CA ILE B 88 17.51 -66.62 34.46
C ILE B 88 17.75 -65.31 35.20
N ARG B 89 19.03 -64.92 35.42
CA ARG B 89 19.34 -63.68 36.14
C ARG B 89 18.81 -62.48 35.35
N GLU B 90 19.01 -62.51 34.03
CA GLU B 90 18.56 -61.47 33.11
C GLU B 90 17.02 -61.35 33.19
N ALA B 91 16.35 -62.51 33.27
CA ALA B 91 14.90 -62.57 33.30
C ALA B 91 14.34 -62.07 34.63
N PHE B 92 15.14 -62.07 35.70
CA PHE B 92 14.65 -61.52 36.97
C PHE B 92 15.03 -60.04 37.14
N ARG B 93 15.96 -59.53 36.33
CA ARG B 93 16.42 -58.14 36.52
C ARG B 93 15.45 -57.15 35.87
N VAL B 94 14.68 -57.62 34.85
CA VAL B 94 13.72 -56.79 34.10
C VAL B 94 12.66 -56.25 35.06
N PHE B 95 12.36 -57.06 36.07
CA PHE B 95 11.48 -56.67 37.16
C PHE B 95 12.31 -56.09 38.30
N ASP B 96 13.59 -55.79 38.04
CA ASP B 96 14.37 -55.14 39.06
C ASP B 96 13.83 -53.73 39.26
N LYS B 97 13.97 -52.86 38.23
CA LYS B 97 13.43 -51.47 38.18
C LYS B 97 14.14 -50.57 39.24
N ASP B 98 14.20 -51.02 40.52
CA ASP B 98 15.21 -50.55 41.50
C ASP B 98 16.57 -51.09 41.04
N GLY B 99 17.64 -50.30 41.16
CA GLY B 99 18.97 -50.78 40.76
C GLY B 99 19.40 -52.04 41.55
N ASN B 100 19.02 -52.05 42.85
CA ASN B 100 19.47 -53.03 43.86
C ASN B 100 19.02 -54.44 43.47
N GLY B 101 19.73 -55.48 43.96
CA GLY B 101 19.48 -56.86 43.54
C GLY B 101 18.04 -57.35 43.84
N TYR B 102 17.42 -56.84 44.92
CA TYR B 102 16.11 -57.34 45.42
C TYR B 102 14.93 -56.88 44.53
N ILE B 103 13.83 -57.67 44.52
CA ILE B 103 12.54 -57.22 43.97
C ILE B 103 11.46 -57.54 45.00
N SER B 104 10.33 -56.83 44.95
CA SER B 104 9.28 -57.05 45.95
C SER B 104 8.77 -58.48 45.83
N ALA B 105 8.42 -59.08 46.99
CA ALA B 105 7.87 -60.42 47.05
C ALA B 105 6.56 -60.48 46.25
N ALA B 106 5.80 -59.35 46.24
CA ALA B 106 4.57 -59.21 45.46
C ALA B 106 4.89 -59.14 43.97
N GLU B 107 5.97 -58.42 43.62
CA GLU B 107 6.50 -58.39 42.25
C GLU B 107 6.84 -59.81 41.78
N LEU B 108 7.52 -60.59 42.66
CA LEU B 108 7.96 -61.97 42.35
C LEU B 108 6.74 -62.87 42.14
N ARG B 109 5.80 -62.83 43.10
CA ARG B 109 4.59 -63.68 43.08
C ARG B 109 3.86 -63.51 41.76
N HIS B 110 3.68 -62.25 41.35
CA HIS B 110 3.00 -61.87 40.10
C HIS B 110 3.72 -62.50 38.91
N VAL B 111 5.07 -62.52 38.97
CA VAL B 111 5.92 -63.01 37.88
C VAL B 111 5.87 -64.53 37.83
N MSE B 112 5.81 -65.16 39.01
CA MSE B 112 5.88 -66.61 39.11
C MSE B 112 4.53 -67.23 38.71
O MSE B 112 4.50 -68.35 38.21
CB MSE B 112 6.27 -67.04 40.53
CG MSE B 112 7.76 -66.84 40.84
SE MSE B 112 8.97 -67.39 39.31
CE MSE B 112 8.29 -69.23 38.89
N THR B 113 3.43 -66.49 38.94
CA THR B 113 2.10 -66.95 38.56
C THR B 113 1.98 -66.96 37.05
N ASN B 114 2.38 -65.84 36.42
CA ASN B 114 2.22 -65.65 34.98
C ASN B 114 3.09 -66.68 34.22
N LEU B 115 4.36 -66.81 34.63
CA LEU B 115 5.34 -67.60 33.90
C LEU B 115 5.41 -69.05 34.42
N GLY B 116 4.66 -69.37 35.48
CA GLY B 116 4.53 -70.76 35.89
C GLY B 116 3.21 -71.32 35.46
N GLU B 117 3.17 -72.00 34.31
CA GLU B 117 1.88 -72.34 33.69
C GLU B 117 1.22 -73.51 34.43
N LYS B 118 2.01 -74.48 34.89
CA LYS B 118 1.43 -75.65 35.56
C LYS B 118 1.76 -75.61 37.04
N LEU B 119 1.85 -74.39 37.57
CA LEU B 119 2.04 -74.15 39.00
C LEU B 119 0.67 -74.13 39.67
N THR B 120 0.64 -74.22 41.00
CA THR B 120 -0.60 -74.10 41.78
C THR B 120 -0.43 -72.92 42.75
N ASP B 121 -1.54 -72.41 43.30
CA ASP B 121 -1.49 -71.23 44.13
C ASP B 121 -0.58 -71.50 45.34
N GLU B 122 -0.78 -72.66 45.98
CA GLU B 122 -0.05 -73.06 47.18
C GLU B 122 1.44 -73.30 46.85
N GLU B 123 1.73 -73.79 45.65
CA GLU B 123 3.11 -73.99 45.20
C GLU B 123 3.82 -72.65 45.12
N VAL B 124 3.09 -71.63 44.62
CA VAL B 124 3.60 -70.26 44.48
C VAL B 124 3.68 -69.60 45.84
N ASP B 125 2.68 -69.84 46.71
CA ASP B 125 2.73 -69.27 48.07
C ASP B 125 3.98 -69.78 48.80
N GLN B 126 4.21 -71.10 48.74
CA GLN B 126 5.30 -71.74 49.46
C GLN B 126 6.64 -71.17 49.01
N MSE B 127 6.81 -70.93 47.72
CA MSE B 127 8.11 -70.49 47.25
C MSE B 127 8.33 -69.00 47.59
O MSE B 127 9.43 -68.61 47.88
CB MSE B 127 8.31 -70.76 45.78
CG MSE B 127 7.37 -70.11 44.90
SE MSE B 127 7.90 -70.43 43.01
CE MSE B 127 7.47 -72.36 42.83
N ILE B 128 7.27 -68.20 47.60
CA ILE B 128 7.47 -66.80 48.00
C ILE B 128 7.89 -66.76 49.49
N ARG B 129 7.35 -67.66 50.34
CA ARG B 129 7.80 -67.68 51.75
C ARG B 129 9.27 -68.07 51.81
N GLU B 130 9.67 -69.11 51.06
CA GLU B 130 10.99 -69.71 51.20
C GLU B 130 12.09 -68.68 50.86
N ALA B 131 11.84 -67.91 49.76
CA ALA B 131 12.73 -66.85 49.24
C ALA B 131 12.80 -65.67 50.20
N ASP B 132 11.64 -65.33 50.81
CA ASP B 132 11.54 -64.24 51.78
C ASP B 132 12.17 -64.69 53.11
N ILE B 133 13.51 -64.87 53.10
CA ILE B 133 14.29 -65.23 54.29
C ILE B 133 14.13 -64.12 55.33
N ASP B 134 14.25 -62.86 54.85
CA ASP B 134 14.38 -61.67 55.68
C ASP B 134 13.08 -61.45 56.49
N GLY B 135 11.93 -61.81 55.88
CA GLY B 135 10.62 -61.69 56.52
C GLY B 135 10.05 -60.25 56.43
N ASP B 136 10.58 -59.48 55.47
CA ASP B 136 10.27 -58.05 55.30
C ASP B 136 9.38 -57.84 54.06
N GLY B 137 9.43 -58.81 53.12
CA GLY B 137 8.67 -58.75 51.88
C GLY B 137 9.53 -58.27 50.70
N GLN B 138 10.88 -58.44 50.81
CA GLN B 138 11.82 -58.24 49.70
C GLN B 138 12.59 -59.55 49.45
N VAL B 139 13.09 -59.74 48.20
CA VAL B 139 13.75 -60.99 47.75
C VAL B 139 14.98 -60.62 46.93
N ASN B 140 16.14 -61.24 47.28
CA ASN B 140 17.32 -61.27 46.40
C ASN B 140 17.03 -62.25 45.26
N TYR B 141 16.89 -61.74 44.03
CA TYR B 141 16.45 -62.55 42.90
C TYR B 141 17.50 -63.64 42.62
N GLU B 142 18.80 -63.29 42.72
CA GLU B 142 19.90 -64.26 42.60
C GLU B 142 19.81 -65.33 43.70
N GLU B 143 19.77 -64.87 44.99
CA GLU B 143 19.58 -65.74 46.16
C GLU B 143 18.46 -66.76 45.91
N PHE B 144 17.30 -66.24 45.45
CA PHE B 144 16.10 -67.05 45.18
C PHE B 144 16.39 -68.12 44.13
N VAL B 145 17.13 -67.74 43.06
CA VAL B 145 17.62 -68.68 42.06
C VAL B 145 18.54 -69.69 42.77
N GLN B 146 19.43 -69.18 43.66
CA GLN B 146 20.42 -69.99 44.39
C GLN B 146 19.75 -71.10 45.18
N MSE B 147 18.53 -70.84 45.67
CA MSE B 147 17.87 -71.74 46.60
C MSE B 147 17.07 -72.79 45.83
O MSE B 147 16.72 -73.83 46.39
CB MSE B 147 16.97 -70.95 47.54
CG MSE B 147 15.58 -70.64 47.00
SE MSE B 147 14.27 -70.54 48.49
CE MSE B 147 13.23 -72.25 48.25
N MSE B 148 16.79 -72.52 44.55
CA MSE B 148 16.07 -73.47 43.70
C MSE B 148 17.06 -74.12 42.73
O MSE B 148 16.65 -74.76 41.78
CB MSE B 148 14.95 -72.74 42.95
CG MSE B 148 14.06 -71.88 43.87
SE MSE B 148 12.11 -72.06 43.44
CE MSE B 148 11.56 -73.52 44.73
N THR B 149 18.36 -73.95 43.02
CA THR B 149 19.41 -74.70 42.33
C THR B 149 20.07 -75.66 43.33
N ALA B 150 19.25 -76.28 44.21
CA ALA B 150 19.74 -77.17 45.27
C ALA B 150 18.70 -78.27 45.54
N SER C 10 -30.56 57.03 -48.55
CA SER C 10 -29.95 58.27 -48.00
C SER C 10 -29.25 57.96 -46.68
N LEU C 11 -28.04 58.56 -46.49
CA LEU C 11 -27.22 58.33 -45.31
C LEU C 11 -27.80 59.07 -44.11
N VAL C 12 -28.29 60.31 -44.34
CA VAL C 12 -28.91 61.14 -43.31
C VAL C 12 -30.27 60.54 -42.92
N ALA C 13 -30.99 59.98 -43.93
CA ALA C 13 -32.25 59.25 -43.70
C ALA C 13 -32.05 58.18 -42.62
N ALA C 14 -30.98 57.35 -42.78
CA ALA C 14 -30.64 56.27 -41.85
C ALA C 14 -30.25 56.85 -40.48
N ARG C 15 -29.47 57.94 -40.51
CA ARG C 15 -29.03 58.65 -39.31
C ARG C 15 -30.22 59.29 -38.59
N ALA C 16 -31.21 59.75 -39.39
CA ALA C 16 -32.47 60.32 -38.88
C ALA C 16 -33.40 59.20 -38.38
N GLU C 17 -33.31 58.01 -39.02
CA GLU C 17 -34.03 56.80 -38.59
C GLU C 17 -33.62 56.44 -37.16
N LYS C 18 -32.33 56.64 -36.86
CA LYS C 18 -31.74 56.39 -35.54
C LYS C 18 -32.27 57.38 -34.51
N VAL C 19 -32.48 58.65 -34.92
CA VAL C 19 -32.89 59.75 -34.04
C VAL C 19 -34.35 59.57 -33.62
N ALA C 20 -35.21 59.18 -34.60
CA ALA C 20 -36.64 58.92 -34.37
C ALA C 20 -36.82 57.79 -33.36
N ASN C 21 -36.08 56.67 -33.56
CA ASN C 21 -36.08 55.52 -32.65
C ASN C 21 -35.80 56.00 -31.22
N LEU C 22 -34.73 56.81 -31.07
CA LEU C 22 -34.24 57.27 -29.78
C LEU C 22 -35.25 58.17 -29.09
N TYR C 23 -35.96 59.00 -29.89
CA TYR C 23 -36.93 59.97 -29.37
C TYR C 23 -38.21 59.29 -28.94
N ARG C 24 -38.64 58.28 -29.72
CA ARG C 24 -39.85 57.50 -29.45
C ARG C 24 -39.63 56.62 -28.21
N TRP C 25 -38.38 56.13 -28.01
CA TRP C 25 -38.00 55.38 -26.81
C TRP C 25 -38.09 56.27 -25.57
N LEU C 26 -37.70 57.56 -25.72
CA LEU C 26 -37.68 58.54 -24.61
C LEU C 26 -39.11 59.00 -24.26
N ASP C 27 -40.04 58.78 -25.22
CA ASP C 27 -41.41 59.28 -25.14
C ASP C 27 -42.40 58.15 -24.82
N THR C 28 -41.94 56.91 -24.73
CA THR C 28 -42.84 55.76 -24.63
C THR C 28 -43.72 55.85 -23.35
N ASP C 29 -43.21 56.44 -22.27
CA ASP C 29 -43.98 56.63 -21.04
C ASP C 29 -45.10 57.65 -21.28
N ASN C 30 -44.76 58.79 -21.90
CA ASN C 30 -45.68 59.92 -22.07
C ASN C 30 -46.64 59.68 -23.27
N ASP C 31 -46.25 58.75 -24.19
CA ASP C 31 -47.01 58.32 -25.39
C ASP C 31 -47.63 59.51 -26.14
N VAL C 32 -46.75 60.43 -26.57
CA VAL C 32 -47.11 61.61 -27.33
C VAL C 32 -46.84 61.33 -28.80
N ALA C 33 -45.81 60.54 -29.08
CA ALA C 33 -45.39 60.29 -30.45
C ALA C 33 -46.55 59.68 -31.25
N THR C 34 -46.68 60.15 -32.51
CA THR C 34 -47.68 59.67 -33.46
C THR C 34 -46.92 59.21 -34.72
N ASP C 35 -47.64 58.96 -35.81
CA ASP C 35 -46.99 58.57 -37.06
C ASP C 35 -46.25 59.76 -37.67
N LYS C 36 -46.89 60.94 -37.70
CA LYS C 36 -46.28 62.05 -38.43
C LYS C 36 -45.53 63.00 -37.50
N TYR C 37 -45.66 62.85 -36.18
CA TYR C 37 -44.97 63.77 -35.26
C TYR C 37 -44.17 62.98 -34.22
N VAL C 38 -42.91 63.37 -33.98
CA VAL C 38 -42.11 62.79 -32.90
C VAL C 38 -41.55 63.92 -32.06
N PRO C 39 -41.67 63.87 -30.70
CA PRO C 39 -41.23 64.97 -29.84
C PRO C 39 -39.71 65.04 -29.62
N VAL C 40 -39.14 66.23 -29.80
CA VAL C 40 -37.74 66.49 -29.48
C VAL C 40 -37.62 66.61 -27.96
N PRO C 41 -36.81 65.76 -27.30
CA PRO C 41 -36.72 65.78 -25.84
C PRO C 41 -36.50 67.20 -25.32
N GLY C 42 -37.39 67.65 -24.41
CA GLY C 42 -37.26 68.95 -23.74
C GLY C 42 -37.41 70.13 -24.71
N PHE C 43 -38.09 69.90 -25.86
CA PHE C 43 -38.38 70.96 -26.83
C PHE C 43 -39.90 71.07 -27.05
N GLU C 44 -40.48 72.16 -26.50
CA GLU C 44 -41.91 72.46 -26.49
C GLU C 44 -42.48 72.56 -27.91
N ARG C 45 -43.79 72.27 -28.05
CA ARG C 45 -44.48 72.36 -29.32
C ARG C 45 -45.61 73.39 -29.22
N VAL C 46 -45.71 74.29 -30.21
CA VAL C 46 -46.73 75.35 -30.28
C VAL C 46 -47.18 75.49 -31.73
N ASP C 47 -48.51 75.32 -32.02
CA ASP C 47 -48.95 75.08 -33.43
C ASP C 47 -49.50 76.39 -34.10
N VAL C 48 -50.72 76.87 -33.70
CA VAL C 48 -51.43 78.06 -34.28
C VAL C 48 -51.38 78.11 -35.86
N ASP C 49 -51.84 77.05 -36.52
CA ASP C 49 -51.85 77.02 -37.99
C ASP C 49 -52.64 78.23 -38.52
N VAL C 50 -52.15 78.83 -39.64
CA VAL C 50 -52.63 80.15 -40.12
C VAL C 50 -53.23 80.02 -41.54
N SER C 51 -53.56 81.19 -42.14
CA SER C 51 -54.25 81.27 -43.43
C SER C 51 -53.25 81.12 -44.57
N ASP C 52 -53.77 80.74 -45.76
CA ASP C 52 -52.95 80.44 -46.94
C ASP C 52 -52.12 81.68 -47.34
N GLU C 53 -52.74 82.87 -47.19
CA GLU C 53 -52.13 84.16 -47.53
C GLU C 53 -50.79 84.34 -46.81
N VAL C 54 -50.76 84.04 -45.51
CA VAL C 54 -49.57 84.26 -44.70
C VAL C 54 -48.55 83.17 -44.96
N LYS C 55 -49.02 81.91 -45.03
CA LYS C 55 -48.16 80.78 -45.36
C LYS C 55 -47.54 81.00 -46.73
N GLN C 56 -48.40 81.36 -47.72
CA GLN C 56 -47.98 81.59 -49.11
C GLN C 56 -46.90 82.68 -49.18
N ARG C 57 -47.09 83.76 -48.42
CA ARG C 57 -46.13 84.86 -48.34
C ARG C 57 -44.81 84.37 -47.75
N MSE C 58 -44.93 83.57 -46.68
CA MSE C 58 -43.78 83.00 -45.99
C MSE C 58 -42.87 82.28 -46.97
O MSE C 58 -41.66 82.46 -46.96
CB MSE C 58 -44.24 82.03 -44.91
CG MSE C 58 -44.80 82.67 -43.67
SE MSE C 58 -44.57 81.42 -42.14
CE MSE C 58 -46.02 82.00 -40.93
N ILE C 59 -43.48 81.44 -47.80
CA ILE C 59 -42.76 80.56 -48.70
C ILE C 59 -42.03 81.38 -49.76
N GLN C 60 -42.68 82.44 -50.27
CA GLN C 60 -42.15 83.23 -51.39
C GLN C 60 -40.92 84.02 -50.90
N SER C 61 -40.98 84.50 -49.65
CA SER C 61 -39.82 85.13 -48.98
C SER C 61 -38.68 84.13 -48.89
N MSE C 62 -38.99 82.93 -48.38
CA MSE C 62 -38.05 81.83 -48.27
C MSE C 62 -37.45 81.50 -49.64
O MSE C 62 -36.24 81.43 -49.79
CB MSE C 62 -38.75 80.60 -47.69
CG MSE C 62 -37.85 79.42 -47.49
SE MSE C 62 -36.50 79.76 -46.08
CE MSE C 62 -37.70 79.98 -44.44
N SER C 63 -38.34 81.27 -50.60
CA SER C 63 -37.95 80.80 -51.93
C SER C 63 -37.12 81.85 -52.67
N GLY C 64 -37.19 83.11 -52.21
CA GLY C 64 -36.41 84.21 -52.79
C GLY C 64 -34.99 84.28 -52.21
N TYR C 65 -34.84 83.75 -50.97
CA TYR C 65 -33.55 83.73 -50.25
C TYR C 65 -32.63 82.67 -50.84
N ILE C 66 -33.22 81.51 -51.15
CA ILE C 66 -32.51 80.38 -51.76
C ILE C 66 -32.10 80.74 -53.20
N GLU C 67 -33.04 81.38 -53.92
CA GLU C 67 -32.92 81.66 -55.35
C GLU C 67 -31.87 82.76 -55.60
N HIS C 68 -31.63 83.64 -54.59
CA HIS C 68 -30.82 84.85 -54.75
C HIS C 68 -29.80 84.98 -53.62
N THR C 69 -29.24 83.83 -53.23
CA THR C 69 -28.01 83.77 -52.41
C THR C 69 -27.07 82.72 -53.03
N ASP C 70 -25.76 82.81 -52.71
CA ASP C 70 -24.77 81.82 -53.13
C ASP C 70 -25.01 80.52 -52.37
N ASN C 71 -25.46 79.48 -53.10
CA ASN C 71 -25.71 78.15 -52.54
C ASN C 71 -25.86 77.17 -53.69
N GLN C 72 -25.77 75.86 -53.38
CA GLN C 72 -25.64 74.82 -54.39
C GLN C 72 -27.01 74.20 -54.70
N VAL C 73 -28.01 75.07 -54.99
CA VAL C 73 -29.39 74.64 -55.23
C VAL C 73 -29.83 75.11 -56.62
N PRO C 74 -30.37 74.21 -57.47
CA PRO C 74 -30.93 74.63 -58.74
C PRO C 74 -32.09 75.58 -58.48
N LYS C 75 -32.07 76.75 -59.13
CA LYS C 75 -33.07 77.81 -58.91
C LYS C 75 -34.47 77.30 -59.32
N ASP C 76 -34.51 76.17 -60.07
CA ASP C 76 -35.75 75.47 -60.45
C ASP C 76 -36.47 74.96 -59.21
N GLN C 77 -35.70 74.30 -58.31
CA GLN C 77 -36.26 73.54 -57.19
C GLN C 77 -36.44 74.43 -55.95
N ALA C 78 -36.23 75.76 -56.14
CA ALA C 78 -36.27 76.76 -55.08
C ALA C 78 -37.65 76.80 -54.41
N GLU C 79 -38.73 76.91 -55.23
CA GLU C 79 -40.11 76.90 -54.75
C GLU C 79 -40.38 75.60 -53.99
N ALA C 80 -39.90 74.46 -54.57
CA ALA C 80 -40.12 73.12 -54.05
C ALA C 80 -39.47 72.95 -52.67
N LEU C 81 -38.27 73.54 -52.50
CA LEU C 81 -37.46 73.40 -51.28
C LEU C 81 -38.06 74.22 -50.15
N ALA C 82 -38.32 75.52 -50.43
CA ALA C 82 -38.87 76.47 -49.46
C ALA C 82 -40.20 75.95 -48.90
N THR C 83 -41.05 75.40 -49.80
CA THR C 83 -42.33 74.80 -49.44
C THR C 83 -42.13 73.73 -48.37
N LEU C 84 -41.22 72.76 -48.69
CA LEU C 84 -40.89 71.63 -47.84
C LEU C 84 -40.42 72.12 -46.47
N PHE C 85 -39.32 72.90 -46.45
CA PHE C 85 -38.70 73.38 -45.21
C PHE C 85 -39.73 74.10 -44.35
N VAL C 86 -40.39 75.12 -44.94
CA VAL C 86 -41.45 75.86 -44.28
C VAL C 86 -42.50 74.86 -43.74
N GLU C 87 -43.03 74.02 -44.64
CA GLU C 87 -44.11 73.08 -44.29
C GLU C 87 -43.63 72.14 -43.18
N SER C 88 -42.48 71.49 -43.38
CA SER C 88 -41.89 70.55 -42.41
C SER C 88 -41.84 71.16 -40.99
N THR C 89 -41.25 72.38 -40.91
CA THR C 89 -41.03 73.14 -39.66
C THR C 89 -42.34 73.42 -38.92
N LEU C 90 -43.29 74.07 -39.62
CA LEU C 90 -44.50 74.63 -39.01
C LEU C 90 -45.53 73.53 -38.73
N ASP C 91 -45.36 72.36 -39.37
CA ASP C 91 -46.28 71.23 -39.24
C ASP C 91 -45.80 70.27 -38.14
N TYR C 92 -44.53 70.44 -37.72
CA TYR C 92 -43.81 69.47 -36.87
C TYR C 92 -43.90 68.07 -37.50
N ASP C 93 -43.73 68.01 -38.84
CA ASP C 93 -43.89 66.78 -39.63
C ASP C 93 -42.53 66.11 -39.80
N TRP C 94 -42.44 64.84 -39.34
CA TRP C 94 -41.19 64.08 -39.26
C TRP C 94 -40.68 63.71 -40.65
N ASP C 95 -41.56 63.07 -41.45
CA ASP C 95 -41.21 62.60 -42.79
C ASP C 95 -40.68 63.76 -43.63
N LYS C 96 -41.43 64.88 -43.61
CA LYS C 96 -41.09 66.09 -44.36
C LYS C 96 -39.76 66.67 -43.86
N ARG C 97 -39.61 66.69 -42.52
CA ARG C 97 -38.41 67.20 -41.86
C ARG C 97 -37.20 66.40 -42.26
N VAL C 98 -37.36 65.06 -42.35
CA VAL C 98 -36.33 64.16 -42.82
C VAL C 98 -36.10 64.39 -44.33
N GLU C 99 -37.22 64.38 -45.10
CA GLU C 99 -37.23 64.66 -46.54
C GLU C 99 -36.41 65.92 -46.86
N PHE C 100 -36.53 66.95 -46.00
CA PHE C 100 -35.85 68.24 -46.19
C PHE C 100 -34.35 68.03 -46.18
N LEU C 101 -33.85 67.30 -45.17
CA LEU C 101 -32.43 67.01 -45.02
C LEU C 101 -31.96 66.15 -46.19
N THR C 102 -32.86 65.27 -46.65
CA THR C 102 -32.57 64.35 -47.74
C THR C 102 -32.35 65.12 -49.03
N LYS C 103 -33.34 65.93 -49.42
CA LYS C 103 -33.27 66.77 -50.62
C LYS C 103 -31.99 67.63 -50.58
N LEU C 104 -31.69 68.17 -49.37
CA LEU C 104 -30.54 69.06 -49.11
C LEU C 104 -29.22 68.32 -49.39
N GLU C 105 -29.20 67.01 -49.08
CA GLU C 105 -28.01 66.16 -49.14
C GLU C 105 -27.72 65.74 -50.60
N SER C 106 -28.77 65.76 -51.45
CA SER C 106 -28.67 65.43 -52.87
C SER C 106 -28.28 66.66 -53.70
N TYR C 107 -28.16 67.83 -53.04
CA TYR C 107 -27.74 69.09 -53.69
C TYR C 107 -26.24 69.31 -53.46
N GLY C 108 -25.61 68.42 -52.66
CA GLY C 108 -24.16 68.42 -52.44
C GLY C 108 -23.79 68.84 -51.01
N TYR C 109 -24.78 68.75 -50.08
CA TYR C 109 -24.61 69.10 -48.67
C TYR C 109 -24.60 67.82 -47.82
N SER C 110 -23.39 67.28 -47.61
CA SER C 110 -23.15 66.14 -46.72
C SER C 110 -23.36 66.58 -45.27
N PHE C 111 -24.01 65.71 -44.47
CA PHE C 111 -24.20 65.93 -43.04
C PHE C 111 -23.22 65.05 -42.25
N GLU C 112 -22.12 64.68 -42.92
CA GLU C 112 -21.05 63.87 -42.35
C GLU C 112 -19.84 64.76 -42.17
N ALA C 113 -19.00 64.46 -41.16
CA ALA C 113 -17.85 65.30 -40.81
C ALA C 113 -16.87 65.37 -41.99
N PRO C 114 -16.14 66.50 -42.19
CA PRO C 114 -15.27 66.67 -43.34
C PRO C 114 -14.24 65.56 -43.43
N HIS C 115 -13.56 65.29 -42.30
CA HIS C 115 -12.61 64.18 -42.25
C HIS C 115 -13.38 62.91 -41.96
N ALA C 116 -12.89 61.78 -42.46
CA ALA C 116 -13.59 60.53 -42.26
C ALA C 116 -12.68 59.60 -41.48
N GLU C 117 -13.26 58.95 -40.43
CA GLU C 117 -12.62 57.93 -39.57
C GLU C 117 -11.57 58.56 -38.61
N LYS C 118 -10.56 59.25 -39.15
CA LYS C 118 -9.57 59.92 -38.30
C LYS C 118 -10.02 61.36 -38.05
N SER C 119 -11.02 61.49 -37.16
CA SER C 119 -11.51 62.77 -36.67
C SER C 119 -12.32 62.51 -35.39
N ILE C 120 -12.45 63.53 -34.55
CA ILE C 120 -13.19 63.44 -33.30
C ILE C 120 -14.44 64.25 -33.48
N VAL C 121 -15.62 63.70 -33.20
CA VAL C 121 -16.83 64.50 -33.24
C VAL C 121 -17.04 65.09 -31.85
N SER C 122 -16.86 66.41 -31.74
CA SER C 122 -16.82 67.11 -30.44
C SER C 122 -18.07 67.97 -30.26
N PHE C 123 -18.33 68.39 -29.03
CA PHE C 123 -19.50 69.17 -28.70
C PHE C 123 -19.05 70.35 -27.87
N TRP C 124 -19.58 71.53 -28.18
CA TRP C 124 -19.18 72.76 -27.51
C TRP C 124 -20.42 73.49 -27.06
N SER C 125 -20.34 74.13 -25.88
CA SER C 125 -21.44 74.90 -25.32
C SER C 125 -20.87 76.03 -24.47
N GLY C 126 -20.06 76.89 -25.10
CA GLY C 126 -19.35 77.93 -24.38
C GLY C 126 -19.23 79.19 -25.23
N LYS C 127 -18.56 80.20 -24.69
CA LYS C 127 -18.34 81.43 -25.44
C LYS C 127 -16.98 81.37 -26.12
N ASN C 128 -16.11 80.42 -25.70
CA ASN C 128 -14.72 80.42 -26.13
C ASN C 128 -14.35 79.10 -26.82
N PHE C 129 -15.27 78.57 -27.63
CA PHE C 129 -15.12 77.24 -28.21
C PHE C 129 -13.88 77.15 -29.10
N LYS C 130 -13.59 78.23 -29.87
CA LYS C 130 -12.45 78.28 -30.81
C LYS C 130 -11.13 77.96 -30.11
N GLN C 131 -10.96 78.52 -28.90
CA GLN C 131 -9.72 78.43 -28.13
C GLN C 131 -9.51 77.00 -27.58
N TYR C 132 -10.62 76.33 -27.23
CA TYR C 132 -10.57 74.93 -26.81
C TYR C 132 -10.22 74.03 -27.99
N ARG C 133 -10.82 74.33 -29.14
CA ARG C 133 -10.62 73.55 -30.36
C ARG C 133 -9.14 73.38 -30.61
N ASP C 134 -8.44 74.53 -30.60
CA ASP C 134 -7.07 74.60 -30.99
C ASP C 134 -6.15 73.97 -29.93
N ILE C 135 -6.47 74.06 -28.62
CA ILE C 135 -5.63 73.37 -27.63
C ILE C 135 -5.77 71.85 -27.81
N LEU C 136 -6.98 71.37 -28.17
CA LEU C 136 -7.26 69.95 -28.43
C LEU C 136 -6.57 69.50 -29.69
N ASP C 137 -6.52 70.38 -30.71
CA ASP C 137 -5.91 70.04 -32.00
C ASP C 137 -4.37 69.92 -31.82
N ASN C 138 -3.81 70.70 -30.90
CA ASN C 138 -2.38 70.64 -30.59
C ASN C 138 -2.05 69.30 -29.88
N ALA C 139 -2.99 68.80 -29.07
CA ALA C 139 -2.80 67.61 -28.25
C ALA C 139 -2.88 66.34 -29.08
N GLN C 140 -3.50 66.39 -30.26
CA GLN C 140 -3.71 65.18 -31.04
C GLN C 140 -2.50 64.92 -31.94
N THR C 141 -1.64 63.98 -31.53
CA THR C 141 -0.41 63.67 -32.27
C THR C 141 -0.68 62.52 -33.26
N ASP C 142 -1.94 62.05 -33.26
CA ASP C 142 -2.42 60.96 -34.10
C ASP C 142 -2.65 61.43 -35.55
N GLY C 143 -3.03 62.70 -35.70
CA GLY C 143 -3.45 63.24 -36.99
C GLY C 143 -4.96 63.41 -37.05
N LYS C 144 -5.64 63.08 -35.97
CA LYS C 144 -7.04 63.40 -35.78
C LYS C 144 -7.15 64.88 -35.47
N LYS C 145 -8.18 65.54 -36.02
CA LYS C 145 -8.49 66.92 -35.64
C LYS C 145 -9.88 66.94 -35.03
N VAL C 146 -10.17 67.93 -34.16
CA VAL C 146 -11.51 67.99 -33.58
C VAL C 146 -12.45 68.58 -34.62
N VAL C 147 -13.70 68.13 -34.59
CA VAL C 147 -14.75 68.53 -35.53
C VAL C 147 -15.88 69.09 -34.71
N TYR C 148 -16.42 70.27 -35.10
CA TYR C 148 -17.61 70.88 -34.50
C TYR C 148 -18.77 70.81 -35.51
N ASP C 149 -19.98 71.14 -35.05
CA ASP C 149 -21.19 71.09 -35.89
C ASP C 149 -21.15 72.17 -37.00
N ILE C 150 -20.26 73.21 -36.81
CA ILE C 150 -20.11 74.33 -37.78
C ILE C 150 -19.39 73.83 -39.05
N ASP C 151 -18.50 72.84 -38.85
CA ASP C 151 -17.68 72.29 -39.92
C ASP C 151 -18.56 71.49 -40.89
N VAL C 152 -19.75 71.08 -40.42
CA VAL C 152 -20.66 70.22 -41.18
C VAL C 152 -21.51 71.09 -42.11
N LYS C 153 -21.42 70.79 -43.43
CA LYS C 153 -21.93 71.65 -44.50
C LYS C 153 -23.46 71.68 -44.48
N GLY C 154 -24.10 70.51 -44.26
CA GLY C 154 -25.55 70.39 -44.22
C GLY C 154 -26.17 71.17 -43.04
N ASN C 155 -25.68 70.87 -41.83
CA ASN C 155 -26.13 71.55 -40.60
C ASN C 155 -26.01 73.06 -40.79
N ALA C 156 -24.80 73.51 -41.18
CA ALA C 156 -24.49 74.91 -41.48
C ALA C 156 -25.62 75.55 -42.29
N PHE C 157 -26.04 74.91 -43.40
CA PHE C 157 -26.92 75.52 -44.41
C PHE C 157 -28.39 75.49 -43.94
N ALA C 158 -28.83 74.37 -43.36
CA ALA C 158 -30.20 74.23 -42.83
C ALA C 158 -30.45 75.28 -41.75
N ILE C 159 -29.38 75.71 -41.08
CA ILE C 159 -29.47 76.67 -39.98
C ILE C 159 -29.55 78.09 -40.55
N ASP C 160 -28.97 78.31 -41.74
CA ASP C 160 -29.03 79.61 -42.42
C ASP C 160 -30.45 79.87 -42.93
N LEU C 161 -31.10 78.81 -43.49
CA LEU C 161 -32.52 78.85 -43.90
C LEU C 161 -33.41 79.03 -42.66
N ASN C 162 -33.06 78.31 -41.58
CA ASN C 162 -33.82 78.32 -40.34
C ASN C 162 -33.72 79.69 -39.66
N LYS C 163 -32.51 80.30 -39.70
CA LYS C 163 -32.27 81.62 -39.11
C LYS C 163 -33.06 82.69 -39.85
N HIS C 164 -33.28 82.48 -41.18
CA HIS C 164 -33.97 83.43 -42.06
C HIS C 164 -35.47 83.48 -41.73
N LEU C 165 -36.06 82.30 -41.46
CA LEU C 165 -37.48 82.16 -41.09
C LEU C 165 -37.76 82.91 -39.79
N MSE C 166 -36.79 82.85 -38.86
CA MSE C 166 -36.85 83.59 -37.61
C MSE C 166 -36.86 85.08 -37.92
O MSE C 166 -37.65 85.84 -37.36
CB MSE C 166 -35.66 83.26 -36.72
CG MSE C 166 -35.44 81.76 -36.51
SE MSE C 166 -33.79 81.31 -35.43
CE MSE C 166 -34.44 81.62 -33.55
N ARG C 167 -35.97 85.49 -38.82
CA ARG C 167 -35.88 86.87 -39.26
C ARG C 167 -37.23 87.31 -39.82
N TRP C 168 -37.83 86.46 -40.68
CA TRP C 168 -39.10 86.76 -41.36
C TRP C 168 -40.23 86.94 -40.35
N GLY C 169 -40.17 86.17 -39.23
CA GLY C 169 -41.04 86.39 -38.07
C GLY C 169 -41.05 87.85 -37.63
N GLY C 170 -40.04 88.62 -38.10
CA GLY C 170 -39.92 90.04 -37.77
C GLY C 170 -40.39 90.97 -38.90
N LEU C 171 -41.12 90.41 -39.89
CA LEU C 171 -41.76 91.21 -40.96
C LEU C 171 -43.19 91.55 -40.54
N PHE C 172 -43.59 91.05 -39.36
CA PHE C 172 -44.62 91.67 -38.53
C PHE C 172 -44.30 91.43 -37.04
N LEU C 173 -42.99 91.55 -36.69
CA LEU C 173 -42.54 91.47 -35.31
C LEU C 173 -43.41 92.39 -34.49
N ASP C 174 -44.10 91.82 -33.47
CA ASP C 174 -45.07 92.60 -32.70
C ASP C 174 -44.99 92.25 -31.21
N PRO C 175 -44.89 93.30 -30.35
CA PRO C 175 -45.06 93.15 -28.91
C PRO C 175 -46.41 93.62 -28.37
N ASP C 176 -47.31 94.10 -29.28
CA ASP C 176 -48.53 94.79 -28.84
C ASP C 176 -49.83 94.22 -29.48
N ASN C 177 -49.74 93.39 -30.55
CA ASN C 177 -50.98 92.99 -31.22
C ASN C 177 -51.07 91.46 -31.35
N ALA C 178 -52.32 90.95 -31.17
CA ALA C 178 -52.64 89.52 -31.15
C ALA C 178 -52.64 88.96 -32.57
N GLU C 179 -52.32 87.62 -32.66
CA GLU C 179 -52.27 86.76 -33.87
C GLU C 179 -50.94 86.97 -34.64
N GLN C 180 -50.15 87.97 -34.18
CA GLN C 180 -48.81 88.27 -34.66
C GLN C 180 -47.82 87.60 -33.74
N ASN C 181 -47.96 87.85 -32.44
CA ASN C 181 -47.14 87.15 -31.47
C ASN C 181 -47.45 85.67 -31.53
N GLN C 182 -48.75 85.33 -31.60
CA GLN C 182 -49.17 83.93 -31.77
C GLN C 182 -48.37 83.31 -32.90
N LEU C 183 -48.12 84.12 -33.95
CA LEU C 183 -47.31 83.71 -35.11
C LEU C 183 -45.83 83.66 -34.73
N LYS C 184 -45.33 84.74 -34.09
CA LYS C 184 -43.93 84.87 -33.69
C LYS C 184 -43.60 83.89 -32.54
N SER C 185 -44.63 83.50 -31.76
CA SER C 185 -44.51 82.45 -30.73
C SER C 185 -44.39 81.07 -31.36
N SER C 186 -45.25 80.79 -32.36
CA SER C 186 -45.30 79.50 -33.04
C SER C 186 -44.04 79.27 -33.90
N ILE C 187 -43.59 80.33 -34.61
CA ILE C 187 -42.41 80.28 -35.47
C ILE C 187 -41.17 80.04 -34.61
N ASP C 188 -41.06 80.79 -33.49
CA ASP C 188 -39.88 80.75 -32.61
C ASP C 188 -39.63 79.30 -32.17
N ALA C 189 -40.71 78.58 -31.82
CA ALA C 189 -40.64 77.25 -31.21
C ALA C 189 -40.37 76.17 -32.27
N ALA C 190 -41.14 76.22 -33.37
CA ALA C 190 -40.99 75.29 -34.47
C ALA C 190 -39.54 75.25 -34.95
N THR C 191 -38.89 76.45 -34.99
CA THR C 191 -37.50 76.60 -35.45
C THR C 191 -36.52 76.11 -34.38
N PHE C 192 -36.82 76.39 -33.09
CA PHE C 192 -36.02 75.90 -31.95
C PHE C 192 -36.04 74.37 -31.93
N SER C 193 -37.19 73.78 -32.30
CA SER C 193 -37.36 72.34 -32.31
C SER C 193 -36.77 71.73 -33.59
N ASN C 194 -36.34 72.61 -34.53
CA ASN C 194 -35.53 72.22 -35.67
C ASN C 194 -34.09 71.99 -35.22
N THR C 195 -33.51 73.00 -34.53
CA THR C 195 -32.08 73.06 -34.21
C THR C 195 -31.70 71.94 -33.23
N GLY C 196 -32.67 71.48 -32.45
CA GLY C 196 -32.49 70.34 -31.56
C GLY C 196 -32.37 69.04 -32.33
N PHE C 197 -33.31 68.82 -33.27
CA PHE C 197 -33.33 67.64 -34.12
C PHE C 197 -32.02 67.53 -34.91
N TRP C 198 -31.51 68.67 -35.43
CA TRP C 198 -30.28 68.70 -36.21
C TRP C 198 -29.06 68.50 -35.29
N SER C 199 -29.18 68.96 -34.04
CA SER C 199 -28.18 68.70 -33.00
C SER C 199 -28.07 67.20 -32.72
N SER C 200 -29.22 66.48 -32.83
CA SER C 200 -29.30 65.03 -32.67
C SER C 200 -28.62 64.32 -33.83
N VAL C 201 -29.01 64.70 -35.07
CA VAL C 201 -28.51 64.07 -36.30
C VAL C 201 -26.98 64.15 -36.32
N TYR C 202 -26.43 65.27 -35.81
CA TYR C 202 -24.97 65.52 -35.77
C TYR C 202 -24.28 64.51 -34.86
N ALA C 203 -24.88 64.30 -33.65
CA ALA C 203 -24.29 63.51 -32.56
C ALA C 203 -24.31 62.02 -32.88
N THR C 204 -25.23 61.62 -33.76
CA THR C 204 -25.40 60.23 -34.18
C THR C 204 -24.27 59.86 -35.15
N GLY C 205 -23.40 60.85 -35.45
CA GLY C 205 -22.28 60.69 -36.37
C GLY C 205 -20.95 60.55 -35.62
N ALA C 206 -21.01 60.61 -34.27
CA ALA C 206 -19.85 60.50 -33.40
C ALA C 206 -19.27 59.09 -33.50
N GLN C 207 -17.95 58.98 -33.21
CA GLN C 207 -17.22 57.71 -33.23
C GLN C 207 -16.16 57.78 -32.13
N ASN C 208 -15.83 56.60 -31.55
CA ASN C 208 -14.73 56.44 -30.60
C ASN C 208 -14.95 57.40 -29.44
N ASP C 209 -13.87 58.11 -29.03
CA ASP C 209 -13.95 59.09 -27.96
C ASP C 209 -14.38 60.43 -28.56
N VAL C 210 -15.18 61.19 -27.77
CA VAL C 210 -15.67 62.51 -28.18
C VAL C 210 -15.32 63.48 -27.06
N TYR C 211 -15.26 64.78 -27.39
CA TYR C 211 -14.95 65.84 -26.45
C TYR C 211 -16.20 66.70 -26.25
N VAL C 212 -16.43 67.14 -25.00
CA VAL C 212 -17.54 68.02 -24.65
C VAL C 212 -16.95 69.22 -23.91
N ILE C 213 -17.00 70.41 -24.57
CA ILE C 213 -16.53 71.67 -23.99
C ILE C 213 -17.71 72.33 -23.27
N ALA C 214 -17.83 72.00 -21.98
CA ALA C 214 -18.89 72.51 -21.11
C ALA C 214 -18.27 73.09 -19.84
N GLU C 215 -17.62 74.26 -19.97
CA GLU C 215 -16.92 74.91 -18.87
C GLU C 215 -17.91 75.20 -17.74
N GLY C 216 -17.47 74.93 -16.49
CA GLY C 216 -18.30 75.10 -15.29
C GLY C 216 -19.17 73.87 -15.01
N GLY C 217 -18.92 72.78 -15.78
CA GLY C 217 -19.67 71.52 -15.65
C GLY C 217 -20.94 71.51 -16.51
N VAL C 218 -21.84 70.56 -16.20
CA VAL C 218 -23.05 70.32 -16.98
C VAL C 218 -24.11 71.33 -16.54
N ARG C 219 -24.95 71.75 -17.52
CA ARG C 219 -26.13 72.57 -17.28
C ARG C 219 -27.36 71.76 -17.65
N LEU C 220 -28.15 71.33 -16.63
CA LEU C 220 -29.40 70.59 -16.85
C LEU C 220 -30.32 71.45 -17.73
N GLY C 221 -30.79 70.86 -18.85
CA GLY C 221 -31.78 71.53 -19.70
C GLY C 221 -31.21 72.00 -21.05
N ASN C 222 -29.86 72.20 -21.13
CA ASN C 222 -29.22 72.75 -22.34
C ASN C 222 -29.22 71.68 -23.45
N TYR C 223 -28.87 72.11 -24.69
CA TYR C 223 -28.82 71.26 -25.88
C TYR C 223 -28.13 69.94 -25.56
N PHE C 224 -26.96 70.02 -24.88
CA PHE C 224 -26.13 68.84 -24.62
C PHE C 224 -26.95 67.81 -23.88
N TRP C 225 -27.48 68.22 -22.71
CA TRP C 225 -28.24 67.34 -21.82
C TRP C 225 -29.47 66.75 -22.54
N ASN C 226 -30.22 67.61 -23.26
CA ASN C 226 -31.55 67.27 -23.81
C ASN C 226 -31.45 66.43 -25.09
N VAL C 227 -30.60 66.87 -26.06
CA VAL C 227 -30.65 66.29 -27.42
C VAL C 227 -29.26 65.80 -27.87
N GLU C 228 -28.19 66.03 -27.07
CA GLU C 228 -26.83 65.59 -27.48
C GLU C 228 -26.38 64.37 -26.67
N LEU C 229 -26.46 64.43 -25.32
CA LEU C 229 -25.93 63.39 -24.43
C LEU C 229 -26.65 62.05 -24.64
N PRO C 230 -28.01 62.04 -24.76
CA PRO C 230 -28.73 60.78 -24.95
C PRO C 230 -28.35 60.08 -26.25
N ALA C 231 -28.08 60.86 -27.30
CA ALA C 231 -27.74 60.35 -28.63
C ALA C 231 -26.37 59.65 -28.59
N LEU C 232 -25.45 60.19 -27.78
CA LEU C 232 -24.12 59.61 -27.59
C LEU C 232 -24.23 58.31 -26.80
N ARG C 233 -25.06 58.32 -25.72
CA ARG C 233 -25.32 57.14 -24.88
C ARG C 233 -25.97 56.02 -25.71
N GLN C 234 -26.76 56.40 -26.71
CA GLN C 234 -27.28 55.48 -27.74
C GLN C 234 -26.12 54.73 -28.38
N LEU C 235 -25.09 55.49 -28.80
CA LEU C 235 -23.96 54.98 -29.58
C LEU C 235 -23.02 54.13 -28.71
N GLN C 236 -22.95 54.47 -27.39
CA GLN C 236 -22.11 53.75 -26.43
C GLN C 236 -22.59 52.29 -26.31
N ARG C 237 -23.92 52.09 -26.45
CA ARG C 237 -24.56 50.79 -26.27
C ARG C 237 -24.38 49.93 -27.52
N GLU C 238 -23.84 50.53 -28.60
CA GLU C 238 -23.60 49.83 -29.88
C GLU C 238 -22.11 49.50 -30.02
N GLY C 239 -21.28 50.15 -29.19
CA GLY C 239 -19.82 50.02 -29.26
C GLY C 239 -19.22 50.86 -30.39
N LEU C 240 -20.02 51.83 -30.87
CA LEU C 240 -19.60 52.77 -31.93
C LEU C 240 -18.87 53.96 -31.31
N VAL C 241 -19.26 54.29 -30.03
CA VAL C 241 -18.65 55.37 -29.23
C VAL C 241 -18.17 54.77 -27.89
N GLY C 242 -17.03 55.30 -27.39
CA GLY C 242 -16.37 54.76 -26.21
C GLY C 242 -16.48 55.72 -25.02
N GLU C 243 -15.43 56.52 -24.80
CA GLU C 243 -15.39 57.49 -23.71
C GLU C 243 -15.97 58.82 -24.22
N ILE C 244 -16.72 59.52 -23.33
CA ILE C 244 -17.15 60.90 -23.54
C ILE C 244 -16.39 61.78 -22.56
N ARG C 245 -15.25 62.31 -23.02
CA ARG C 245 -14.38 63.16 -22.19
C ARG C 245 -15.01 64.55 -22.10
N LEU C 246 -15.22 65.03 -20.86
CA LEU C 246 -15.87 66.32 -20.59
C LEU C 246 -14.83 67.31 -20.05
N LEU C 247 -14.59 68.41 -20.79
CA LEU C 247 -13.69 69.49 -20.37
C LEU C 247 -14.43 70.51 -19.50
N ASP C 248 -14.82 70.08 -18.28
CA ASP C 248 -15.52 70.94 -17.32
C ASP C 248 -14.58 72.06 -16.81
N LYS C 249 -13.24 71.83 -16.94
CA LYS C 249 -12.21 72.79 -16.48
C LYS C 249 -12.04 73.92 -17.51
N PRO C 250 -11.37 75.05 -17.14
CA PRO C 250 -11.00 76.08 -18.11
C PRO C 250 -9.86 75.62 -19.02
N VAL C 251 -9.66 76.36 -20.13
CA VAL C 251 -8.64 76.03 -21.14
C VAL C 251 -7.28 75.80 -20.47
N SER C 252 -6.96 76.70 -19.50
CA SER C 252 -5.64 76.78 -18.85
C SER C 252 -5.16 75.39 -18.39
N GLU C 253 -5.99 74.69 -17.59
CA GLU C 253 -5.57 73.46 -16.89
C GLU C 253 -5.39 72.31 -17.90
N TYR C 254 -5.62 72.61 -19.22
CA TYR C 254 -5.56 71.62 -20.30
C TYR C 254 -4.40 71.93 -21.24
N LYS C 255 -3.30 72.50 -20.70
CA LYS C 255 -2.10 72.83 -21.48
C LYS C 255 -1.03 71.77 -21.22
N ASP C 256 -0.25 71.44 -22.28
CA ASP C 256 0.92 70.56 -22.19
C ASP C 256 0.53 69.18 -21.63
N LEU C 257 -0.72 68.73 -21.98
CA LEU C 257 -1.23 67.40 -21.64
C LEU C 257 -1.49 66.62 -22.93
N PRO C 258 -1.08 65.34 -23.04
CA PRO C 258 -1.42 64.51 -24.19
C PRO C 258 -2.93 64.19 -24.29
N ALA C 259 -3.36 63.73 -25.49
CA ALA C 259 -4.77 63.61 -25.89
C ALA C 259 -5.55 62.77 -24.88
N ASP C 260 -4.99 61.59 -24.52
CA ASP C 260 -5.71 60.57 -23.74
C ASP C 260 -5.83 61.02 -22.27
N GLN C 261 -5.00 62.03 -21.86
CA GLN C 261 -4.98 62.55 -20.50
C GLN C 261 -6.20 63.47 -20.26
N ILE C 262 -6.42 64.43 -21.19
CA ILE C 262 -7.43 65.50 -21.03
C ILE C 262 -8.83 64.91 -20.98
N GLY C 263 -9.72 65.51 -20.14
CA GLY C 263 -11.16 65.26 -20.21
C GLY C 263 -11.62 64.20 -19.21
N ARG C 264 -12.63 64.56 -18.38
CA ARG C 264 -13.22 63.68 -17.36
C ARG C 264 -14.44 62.99 -17.92
N ARG C 265 -15.10 62.17 -17.08
CA ARG C 265 -16.45 61.69 -17.35
C ARG C 265 -17.46 62.54 -16.59
N LEU C 266 -18.73 62.50 -17.05
CA LEU C 266 -19.84 63.25 -16.45
C LEU C 266 -20.22 62.65 -15.09
N THR C 267 -20.08 61.32 -15.00
CA THR C 267 -20.55 60.55 -13.85
C THR C 267 -19.44 60.45 -12.78
N ASP C 268 -18.23 60.96 -13.13
CA ASP C 268 -17.11 61.05 -12.19
C ASP C 268 -17.42 62.14 -11.14
N ALA C 269 -16.99 61.87 -9.89
CA ALA C 269 -17.28 62.71 -8.73
C ALA C 269 -16.52 64.03 -8.83
N GLY C 270 -17.13 65.11 -8.29
CA GLY C 270 -16.50 66.44 -8.21
C GLY C 270 -17.09 67.41 -9.25
N VAL C 271 -17.65 66.84 -10.33
CA VAL C 271 -18.26 67.58 -11.43
C VAL C 271 -19.51 68.31 -10.91
N ALA C 272 -19.50 69.67 -11.06
CA ALA C 272 -20.62 70.54 -10.65
C ALA C 272 -21.70 70.53 -11.73
N VAL C 273 -22.95 70.78 -11.32
CA VAL C 273 -24.08 70.96 -12.24
C VAL C 273 -24.72 72.30 -11.93
N LYS C 274 -25.30 72.94 -12.95
CA LYS C 274 -25.93 74.26 -12.78
C LYS C 274 -27.35 74.19 -13.34
N VAL C 275 -28.22 75.10 -12.84
CA VAL C 275 -29.60 75.27 -13.33
C VAL C 275 -29.88 76.79 -13.41
N ARG C 276 -31.07 77.19 -13.86
CA ARG C 276 -31.38 78.61 -13.99
C ARG C 276 -32.32 79.08 -12.87
N PHE C 277 -33.19 78.16 -12.37
CA PHE C 277 -33.99 78.39 -11.14
C PHE C 277 -34.59 77.06 -10.65
N ALA C 298 -33.92 84.48 -13.45
CA ALA C 298 -34.77 83.84 -14.49
C ALA C 298 -33.89 82.96 -15.39
N ASP C 299 -32.89 83.59 -16.06
CA ASP C 299 -31.98 82.90 -16.98
C ASP C 299 -30.53 82.95 -16.44
N THR C 300 -30.37 83.47 -15.20
CA THR C 300 -29.10 83.46 -14.47
C THR C 300 -28.86 82.06 -13.90
N LEU C 301 -27.65 81.51 -14.14
CA LEU C 301 -27.27 80.15 -13.71
C LEU C 301 -26.91 80.17 -12.22
N VAL C 302 -27.34 79.11 -11.48
CA VAL C 302 -27.07 78.96 -10.04
C VAL C 302 -26.29 77.67 -9.83
N GLU C 303 -25.15 77.76 -9.09
CA GLU C 303 -24.38 76.60 -8.64
C GLU C 303 -25.27 75.67 -7.82
N LEU C 304 -25.18 74.35 -8.10
CA LEU C 304 -26.01 73.32 -7.44
C LEU C 304 -25.13 72.37 -6.65
N ASP C 305 -25.56 72.04 -5.41
CA ASP C 305 -24.88 71.09 -4.52
C ASP C 305 -25.57 69.71 -4.61
N VAL C 306 -25.49 69.09 -5.81
CA VAL C 306 -25.94 67.71 -6.04
C VAL C 306 -24.79 66.96 -6.74
N LYS C 307 -24.64 65.66 -6.39
CA LYS C 307 -23.50 64.84 -6.84
C LYS C 307 -23.61 64.59 -8.35
N LEU C 308 -24.71 63.88 -8.75
CA LEU C 308 -24.89 63.33 -10.12
C LEU C 308 -24.03 62.08 -10.32
N SER C 309 -23.10 61.85 -9.38
CA SER C 309 -22.32 60.61 -9.30
C SER C 309 -23.05 59.58 -8.43
N ALA C 310 -23.98 60.06 -7.59
CA ALA C 310 -24.72 59.25 -6.60
C ALA C 310 -25.57 58.17 -7.29
N ILE C 311 -26.01 58.47 -8.53
CA ILE C 311 -26.84 57.58 -9.35
C ILE C 311 -26.00 56.41 -9.84
N ASP C 312 -24.70 56.72 -10.15
CA ASP C 312 -23.71 55.73 -10.58
C ASP C 312 -23.42 54.76 -9.43
N SER C 313 -23.14 55.33 -8.24
CA SER C 313 -22.92 54.58 -7.00
C SER C 313 -24.12 53.70 -6.67
N MSE C 314 -25.30 54.15 -7.08
CA MSE C 314 -26.51 53.39 -6.85
C MSE C 314 -26.46 52.08 -7.64
O MSE C 314 -26.76 51.03 -7.10
CB MSE C 314 -27.75 54.18 -7.25
CG MSE C 314 -29.04 53.55 -6.78
SE MSE C 314 -30.69 54.21 -7.68
CE MSE C 314 -30.59 56.15 -7.28
N LEU C 315 -26.08 52.19 -8.91
CA LEU C 315 -26.10 51.06 -9.82
C LEU C 315 -24.94 50.10 -9.49
N ARG C 316 -23.84 50.65 -8.92
CA ARG C 316 -22.69 49.84 -8.46
C ARG C 316 -23.15 48.87 -7.36
N GLU C 317 -24.08 49.35 -6.51
CA GLU C 317 -24.53 48.61 -5.32
C GLU C 317 -25.81 47.81 -5.62
N SER C 318 -26.32 47.92 -6.87
CA SER C 318 -27.60 47.31 -7.28
C SER C 318 -27.38 46.21 -8.32
N LEU C 319 -27.06 46.62 -9.58
CA LEU C 319 -26.78 45.68 -10.66
C LEU C 319 -25.44 44.99 -10.40
N PRO C 320 -25.28 43.68 -10.74
CA PRO C 320 -24.04 42.96 -10.49
C PRO C 320 -22.98 43.23 -11.57
N PHE C 321 -21.72 43.42 -11.10
CA PHE C 321 -20.54 43.64 -11.97
C PHE C 321 -20.69 44.91 -12.80
N TYR C 322 -21.38 45.93 -12.24
CA TYR C 322 -21.54 47.23 -12.89
C TYR C 322 -20.19 47.96 -12.93
N SER C 323 -19.41 47.82 -11.83
CA SER C 323 -18.09 48.44 -11.69
C SER C 323 -17.13 47.92 -12.77
N LEU C 324 -17.24 46.63 -13.11
CA LEU C 324 -16.43 46.03 -14.16
C LEU C 324 -16.75 46.67 -15.51
N ARG C 325 -18.00 47.19 -15.64
CA ARG C 325 -18.45 47.92 -16.83
C ARG C 325 -17.79 49.30 -16.90
N THR C 326 -17.97 50.10 -15.82
CA THR C 326 -17.43 51.47 -15.74
C THR C 326 -15.92 51.41 -15.66
N GLU C 327 -15.38 50.49 -14.82
CA GLU C 327 -13.95 50.43 -14.52
C GLU C 327 -13.17 49.81 -15.71
N ARG C 328 -13.50 48.55 -16.08
CA ARG C 328 -12.64 47.76 -17.00
C ARG C 328 -13.35 47.49 -18.36
N ASN C 329 -14.54 48.07 -18.55
CA ASN C 329 -15.31 47.95 -19.79
C ASN C 329 -15.64 46.47 -20.06
N LEU C 330 -16.09 45.77 -19.00
CA LEU C 330 -16.39 44.33 -19.04
C LEU C 330 -17.87 44.12 -18.78
N LEU C 331 -18.53 43.35 -19.66
CA LEU C 331 -19.92 42.97 -19.44
C LEU C 331 -19.97 41.53 -18.92
N VAL C 332 -20.22 41.39 -17.59
CA VAL C 332 -20.40 40.10 -16.93
C VAL C 332 -21.90 39.81 -16.83
N GLN C 333 -22.32 38.68 -17.42
CA GLN C 333 -23.73 38.24 -17.41
C GLN C 333 -23.80 36.78 -17.00
N GLU C 334 -25.06 36.27 -16.84
CA GLU C 334 -25.36 34.92 -16.35
C GLU C 334 -25.62 33.99 -17.52
N GLY C 335 -25.93 32.71 -17.19
CA GLY C 335 -26.01 31.60 -18.15
C GLY C 335 -25.60 30.28 -17.47
N GLU C 336 -25.91 29.13 -18.11
CA GLU C 336 -25.37 27.84 -17.67
C GLU C 336 -23.87 27.79 -18.03
N GLU C 337 -23.12 26.94 -17.29
CA GLU C 337 -21.65 26.93 -17.33
C GLU C 337 -21.11 28.26 -16.76
N GLY C 338 -21.87 28.85 -15.81
CA GLY C 338 -21.40 29.99 -15.00
C GLY C 338 -21.51 31.31 -15.75
N PHE C 339 -21.00 32.39 -15.10
CA PHE C 339 -20.99 33.76 -15.65
C PHE C 339 -20.15 33.82 -16.94
N GLU C 340 -20.66 34.59 -17.92
CA GLU C 340 -19.95 34.93 -19.17
C GLU C 340 -19.41 36.35 -19.07
N VAL C 341 -18.26 36.63 -19.74
CA VAL C 341 -17.68 37.98 -19.79
C VAL C 341 -17.29 38.32 -21.23
N ARG C 342 -17.68 39.55 -21.68
CA ARG C 342 -17.29 40.11 -22.97
C ARG C 342 -16.75 41.54 -22.75
N SER C 343 -16.18 42.14 -23.83
CA SER C 343 -16.00 43.60 -23.92
C SER C 343 -17.35 44.28 -24.07
N TRP C 344 -17.60 45.30 -23.23
CA TRP C 344 -18.85 46.06 -23.26
C TRP C 344 -18.93 46.84 -24.56
N PRO C 345 -20.05 46.75 -25.33
CA PRO C 345 -21.39 46.49 -24.79
C PRO C 345 -21.92 45.05 -24.92
N GLY C 346 -21.03 44.10 -25.28
CA GLY C 346 -21.33 42.67 -25.25
C GLY C 346 -21.94 42.16 -26.56
N ILE C 347 -21.69 42.90 -27.67
CA ILE C 347 -22.05 42.46 -29.03
C ILE C 347 -20.80 41.91 -29.75
N ASP C 348 -19.67 41.85 -29.01
CA ASP C 348 -18.41 41.24 -29.48
C ASP C 348 -18.56 39.71 -29.45
N GLY C 349 -17.83 39.04 -30.37
CA GLY C 349 -17.94 37.59 -30.56
C GLY C 349 -17.40 36.80 -29.37
N LYS C 350 -16.16 37.16 -28.93
CA LYS C 350 -15.43 36.40 -27.92
C LYS C 350 -16.11 36.50 -26.55
N SER C 351 -16.17 35.36 -25.83
CA SER C 351 -16.80 35.26 -24.51
C SER C 351 -15.99 34.30 -23.63
N LYS C 352 -15.20 34.89 -22.71
CA LYS C 352 -14.55 34.14 -21.63
C LYS C 352 -15.54 34.00 -20.46
N THR C 353 -15.23 33.12 -19.48
CA THR C 353 -16.21 32.69 -18.48
C THR C 353 -15.66 32.91 -17.07
N ILE C 354 -16.57 32.85 -16.06
CA ILE C 354 -16.23 32.88 -14.64
C ILE C 354 -17.12 31.87 -13.91
N LEU C 355 -16.51 30.94 -13.14
CA LEU C 355 -17.25 30.00 -12.31
C LEU C 355 -17.04 30.37 -10.84
N LEU C 356 -18.14 30.82 -10.19
CA LEU C 356 -18.19 31.06 -8.73
C LEU C 356 -18.68 29.80 -8.03
N ASP C 357 -18.13 29.53 -6.82
CA ASP C 357 -18.70 28.51 -5.90
C ASP C 357 -20.16 28.85 -5.65
N ASN C 358 -20.42 30.13 -5.25
CA ASN C 358 -21.76 30.64 -4.98
C ASN C 358 -22.01 31.91 -5.80
N PRO C 359 -22.70 31.80 -6.97
CA PRO C 359 -22.96 32.95 -7.82
C PRO C 359 -23.85 33.99 -7.14
N GLU C 360 -24.81 33.51 -6.35
CA GLU C 360 -25.87 34.35 -5.81
C GLU C 360 -25.32 35.19 -4.65
N ASP C 361 -24.40 34.61 -3.84
CA ASP C 361 -23.84 35.31 -2.68
C ASP C 361 -23.11 36.57 -3.15
N ALA C 362 -23.50 37.73 -2.57
CA ALA C 362 -22.95 39.04 -2.90
C ALA C 362 -21.44 39.08 -2.63
N ALA C 363 -21.05 38.57 -1.43
CA ALA C 363 -19.66 38.61 -0.93
C ALA C 363 -18.70 37.87 -1.88
N GLN C 364 -19.20 36.75 -2.45
CA GLN C 364 -18.48 35.96 -3.45
C GLN C 364 -18.44 36.69 -4.79
N GLN C 365 -19.43 37.58 -5.02
CA GLN C 365 -19.52 38.38 -6.24
C GLN C 365 -18.53 39.54 -6.18
N LYS C 366 -18.46 40.21 -5.01
CA LYS C 366 -17.52 41.32 -4.79
C LYS C 366 -16.07 40.81 -4.85
N SER C 367 -15.84 39.56 -4.44
CA SER C 367 -14.49 38.99 -4.36
C SER C 367 -13.85 38.92 -5.75
N ILE C 368 -14.57 38.30 -6.71
CA ILE C 368 -14.06 38.13 -8.09
C ILE C 368 -14.01 39.50 -8.79
N GLU C 369 -14.92 40.43 -8.39
CA GLU C 369 -14.90 41.84 -8.86
C GLU C 369 -13.53 42.46 -8.60
N ARG C 370 -13.17 42.57 -7.29
CA ARG C 370 -11.98 43.28 -6.82
C ARG C 370 -10.74 42.59 -7.37
N PHE C 371 -10.77 41.25 -7.43
CA PHE C 371 -9.68 40.47 -8.01
C PHE C 371 -9.42 40.99 -9.43
N ILE C 372 -10.50 41.14 -10.23
CA ILE C 372 -10.42 41.46 -11.67
C ILE C 372 -9.73 42.82 -11.85
N LEU C 373 -10.15 43.81 -11.02
CA LEU C 373 -9.62 45.17 -11.04
C LEU C 373 -8.11 45.16 -10.74
N ALA C 374 -7.70 44.25 -9.82
CA ALA C 374 -6.33 44.19 -9.32
C ALA C 374 -5.37 43.63 -10.39
N ASN C 375 -5.88 42.74 -11.27
CA ASN C 375 -5.02 41.90 -12.11
C ASN C 375 -5.09 42.33 -13.58
N PHE C 376 -6.26 42.82 -14.03
CA PHE C 376 -6.48 43.13 -15.45
C PHE C 376 -6.94 44.59 -15.60
N ASP C 377 -6.48 45.24 -16.70
CA ASP C 377 -6.79 46.63 -16.99
C ASP C 377 -7.89 46.69 -18.06
N ASN C 378 -8.01 45.60 -18.86
CA ASN C 378 -9.04 45.42 -19.88
C ASN C 378 -9.27 43.92 -20.09
N PHE C 379 -10.08 43.56 -21.12
CA PHE C 379 -10.72 42.24 -21.25
C PHE C 379 -9.76 41.21 -21.86
N GLU C 380 -8.95 41.63 -22.85
CA GLU C 380 -8.10 40.72 -23.61
C GLU C 380 -7.06 40.07 -22.69
N GLN C 381 -6.65 40.82 -21.63
CA GLN C 381 -5.61 40.39 -20.68
C GLN C 381 -6.09 39.19 -19.84
N MSE C 382 -7.40 39.01 -19.74
CA MSE C 382 -7.98 38.01 -18.87
C MSE C 382 -7.71 36.61 -19.47
O MSE C 382 -7.54 36.46 -20.68
CB MSE C 382 -9.48 38.27 -18.69
CG MSE C 382 -9.79 39.47 -17.83
SE MSE C 382 -11.77 39.73 -17.62
CE MSE C 382 -12.15 38.69 -15.96
N PRO C 383 -8.02 35.56 -18.64
CA PRO C 383 -7.68 34.20 -19.10
C PRO C 383 -9.04 33.64 -19.60
N ASP C 384 -9.00 32.52 -20.36
CA ASP C 384 -10.18 31.96 -21.03
C ASP C 384 -11.23 31.57 -19.98
N GLU C 385 -10.75 31.05 -18.82
CA GLU C 385 -11.62 30.66 -17.70
C GLU C 385 -11.00 31.11 -16.38
N LEU C 386 -11.88 31.58 -15.46
CA LEU C 386 -11.49 31.99 -14.11
C LEU C 386 -12.46 31.31 -13.13
N PHE C 387 -11.88 30.81 -12.00
CA PHE C 387 -12.61 30.07 -10.95
C PHE C 387 -12.31 30.70 -9.59
N LEU C 388 -13.37 30.91 -8.78
CA LEU C 388 -13.21 31.13 -7.33
C LEU C 388 -13.89 29.99 -6.58
N VAL C 389 -13.06 29.05 -6.03
CA VAL C 389 -13.53 27.76 -5.49
C VAL C 389 -12.77 27.44 -4.18
N ASP C 390 -13.51 27.42 -3.05
CA ASP C 390 -12.98 27.04 -1.71
C ASP C 390 -12.06 28.15 -1.17
N ASN C 391 -12.44 29.42 -1.42
CA ASN C 391 -11.68 30.60 -0.96
C ASN C 391 -10.30 30.64 -1.63
N LYS C 392 -10.22 30.04 -2.85
CA LYS C 392 -9.00 30.01 -3.67
C LYS C 392 -9.36 30.31 -5.14
N VAL C 393 -8.88 31.46 -5.66
CA VAL C 393 -9.00 31.83 -7.08
C VAL C 393 -7.96 31.04 -7.88
N LEU C 394 -8.43 30.36 -8.94
CA LEU C 394 -7.56 29.65 -9.90
C LEU C 394 -8.03 29.97 -11.32
N SER C 395 -7.17 29.70 -12.31
CA SER C 395 -7.47 29.92 -13.73
C SER C 395 -7.04 28.69 -14.52
N HIS C 396 -7.59 28.50 -15.74
CA HIS C 396 -6.92 27.68 -16.77
C HIS C 396 -7.14 28.27 -18.16
N HIS C 397 -6.01 28.57 -18.84
CA HIS C 397 -5.96 28.96 -20.24
C HIS C 397 -5.48 27.76 -21.06
N ASP C 398 -4.16 27.46 -20.96
CA ASP C 398 -3.62 26.19 -21.46
C ASP C 398 -3.24 25.27 -20.27
N GLY C 399 -3.23 25.84 -19.06
CA GLY C 399 -2.86 25.11 -17.85
C GLY C 399 -3.35 25.82 -16.60
N ARG C 400 -3.69 25.03 -15.56
CA ARG C 400 -4.26 25.54 -14.30
C ARG C 400 -3.16 26.24 -13.49
N THR C 401 -3.57 27.23 -12.67
CA THR C 401 -2.72 27.84 -11.62
C THR C 401 -3.62 28.35 -10.49
N ARG C 402 -3.28 28.01 -9.23
CA ARG C 402 -3.79 28.74 -8.05
C ARG C 402 -3.16 30.13 -8.06
N ILE C 403 -3.97 31.17 -7.71
CA ILE C 403 -3.53 32.57 -7.76
C ILE C 403 -3.77 33.23 -6.39
N ILE C 404 -5.00 33.14 -5.86
CA ILE C 404 -5.31 33.73 -4.55
C ILE C 404 -5.42 32.61 -3.52
N ALA C 405 -5.07 32.97 -2.27
CA ALA C 405 -5.16 32.13 -1.11
C ALA C 405 -5.86 32.92 -0.02
N GLN C 406 -7.04 32.45 0.41
CA GLN C 406 -7.84 33.20 1.38
C GLN C 406 -7.81 32.52 2.75
N LYS C 407 -7.05 33.15 3.68
CA LYS C 407 -7.01 32.77 5.10
C LYS C 407 -7.18 34.05 5.95
N GLU C 408 -8.34 34.71 5.77
CA GLU C 408 -8.68 36.03 6.35
C GLU C 408 -8.12 37.17 5.46
N ASP C 409 -7.35 36.79 4.43
CA ASP C 409 -6.68 37.72 3.51
C ASP C 409 -6.28 36.96 2.25
N GLY C 410 -6.12 37.68 1.13
CA GLY C 410 -5.54 37.12 -0.09
C GLY C 410 -4.00 37.05 -0.01
N ALA C 411 -3.45 35.88 -0.38
CA ALA C 411 -2.01 35.69 -0.60
C ALA C 411 -1.78 35.13 -2.00
N TRP C 412 -0.95 35.81 -2.80
CA TRP C 412 -0.63 35.42 -4.17
C TRP C 412 0.30 34.21 -4.18
N THR C 413 0.01 33.23 -5.08
CA THR C 413 0.83 32.01 -5.27
C THR C 413 0.85 31.19 -3.96
N LEU D 7 -15.15 53.16 13.41
CA LEU D 7 -14.21 52.01 13.35
C LEU D 7 -14.94 50.78 13.85
N THR D 8 -14.72 49.63 13.20
CA THR D 8 -15.37 48.37 13.60
C THR D 8 -14.46 47.22 13.15
N GLU D 9 -14.41 46.12 13.94
CA GLU D 9 -13.59 44.97 13.55
C GLU D 9 -14.20 44.31 12.31
N GLU D 10 -15.54 44.07 12.35
CA GLU D 10 -16.23 43.38 11.27
C GLU D 10 -16.21 44.25 9.99
N GLN D 11 -16.24 45.59 10.16
CA GLN D 11 -16.09 46.54 9.07
C GLN D 11 -14.69 46.45 8.49
N ILE D 12 -13.69 46.44 9.39
CA ILE D 12 -12.28 46.45 8.99
C ILE D 12 -11.92 45.12 8.36
N ALA D 13 -12.71 44.08 8.62
CA ALA D 13 -12.44 42.76 8.04
C ALA D 13 -12.53 42.84 6.52
N GLU D 14 -13.54 43.56 6.02
CA GLU D 14 -13.77 43.74 4.58
C GLU D 14 -12.57 44.47 3.95
N PHE D 15 -11.97 45.38 4.72
CA PHE D 15 -10.88 46.21 4.22
C PHE D 15 -9.60 45.38 4.13
N LYS D 16 -9.44 44.38 5.04
CA LYS D 16 -8.20 43.58 5.09
C LYS D 16 -8.14 42.65 3.89
N GLU D 17 -9.27 41.94 3.59
CA GLU D 17 -9.39 41.04 2.44
C GLU D 17 -9.20 41.84 1.14
N ALA D 18 -10.12 42.81 0.92
CA ALA D 18 -10.17 43.65 -0.29
C ALA D 18 -8.83 44.28 -0.57
N PHE D 19 -8.15 44.73 0.50
CA PHE D 19 -6.87 45.42 0.42
C PHE D 19 -5.78 44.46 -0.08
N SER D 20 -5.82 43.20 0.39
CA SER D 20 -4.77 42.22 0.10
C SER D 20 -4.76 41.83 -1.39
N LEU D 21 -5.94 41.94 -2.06
CA LEU D 21 -6.08 41.58 -3.47
C LEU D 21 -5.27 42.52 -4.38
N PHE D 22 -5.35 43.85 -4.09
CA PHE D 22 -4.65 44.87 -4.88
C PHE D 22 -3.15 44.85 -4.57
N ASP D 23 -2.77 44.36 -3.36
CA ASP D 23 -1.35 44.27 -2.96
C ASP D 23 -0.77 42.95 -3.53
N LYS D 24 -0.64 42.92 -4.88
CA LYS D 24 -0.06 41.81 -5.64
C LYS D 24 1.40 41.66 -5.30
N ASP D 25 2.01 42.81 -5.06
CA ASP D 25 3.39 42.93 -4.68
C ASP D 25 3.67 41.99 -3.48
N GLY D 26 2.75 41.99 -2.50
CA GLY D 26 2.88 41.17 -1.29
C GLY D 26 3.76 41.84 -0.23
N ASP D 27 4.18 43.11 -0.49
CA ASP D 27 5.20 43.81 0.31
C ASP D 27 4.54 44.65 1.41
N GLY D 28 3.20 44.75 1.38
CA GLY D 28 2.44 45.39 2.45
C GLY D 28 1.81 46.72 2.00
N THR D 29 2.22 47.21 0.81
CA THR D 29 1.81 48.52 0.29
C THR D 29 1.41 48.40 -1.18
N ILE D 30 0.43 49.25 -1.59
CA ILE D 30 -0.14 49.27 -2.95
C ILE D 30 0.16 50.63 -3.60
N THR D 31 0.11 50.67 -4.95
CA THR D 31 0.35 51.89 -5.73
C THR D 31 -0.86 52.83 -5.57
N THR D 32 -0.58 54.08 -5.12
CA THR D 32 -1.60 55.02 -4.63
C THR D 32 -2.45 55.56 -5.79
N LYS D 33 -2.05 55.24 -7.03
CA LYS D 33 -2.77 55.67 -8.22
C LYS D 33 -3.69 54.52 -8.70
N GLU D 34 -3.89 53.52 -7.80
CA GLU D 34 -4.97 52.55 -7.91
C GLU D 34 -5.58 52.33 -6.50
N LEU D 35 -5.73 53.45 -5.76
CA LEU D 35 -6.28 53.45 -4.38
C LEU D 35 -7.78 53.71 -4.42
N GLY D 36 -8.18 54.74 -5.21
CA GLY D 36 -9.58 55.13 -5.36
C GLY D 36 -10.42 54.02 -6.00
N THR D 37 -9.75 53.20 -6.86
CA THR D 37 -10.30 51.97 -7.42
C THR D 37 -10.80 51.04 -6.30
N VAL D 38 -10.01 50.98 -5.20
CA VAL D 38 -10.27 50.12 -4.05
C VAL D 38 -11.39 50.73 -3.20
N MSE D 39 -11.26 52.05 -2.92
CA MSE D 39 -12.25 52.78 -2.15
C MSE D 39 -13.58 52.76 -2.88
O MSE D 39 -14.64 52.74 -2.26
CB MSE D 39 -11.82 54.24 -1.95
CG MSE D 39 -10.39 54.40 -1.50
SE MSE D 39 -9.94 56.28 -0.85
CE MSE D 39 -11.37 56.63 0.50
N ARG D 40 -13.52 52.83 -4.21
CA ARG D 40 -14.71 52.92 -5.03
C ARG D 40 -15.50 51.61 -4.93
N SER D 41 -14.76 50.48 -4.82
CA SER D 41 -15.33 49.13 -4.75
C SER D 41 -16.02 48.87 -3.41
N LEU D 42 -15.74 49.75 -2.41
CA LEU D 42 -16.34 49.65 -1.07
C LEU D 42 -17.33 50.81 -0.84
N GLY D 43 -18.01 51.26 -1.92
CA GLY D 43 -19.13 52.19 -1.84
C GLY D 43 -18.70 53.62 -1.46
N GLN D 44 -17.40 53.92 -1.61
CA GLN D 44 -16.84 55.23 -1.28
C GLN D 44 -16.28 55.88 -2.54
N ASN D 45 -16.88 57.02 -2.97
CA ASN D 45 -16.44 57.73 -4.18
C ASN D 45 -15.94 59.12 -3.82
N PRO D 46 -14.63 59.27 -3.53
CA PRO D 46 -14.04 60.58 -3.34
C PRO D 46 -13.73 61.18 -4.69
N THR D 47 -13.69 62.51 -4.74
CA THR D 47 -13.38 63.22 -5.97
C THR D 47 -11.87 63.24 -6.18
N GLU D 48 -11.44 63.68 -7.38
CA GLU D 48 -10.02 63.78 -7.72
C GLU D 48 -9.30 64.67 -6.69
N ALA D 49 -9.95 65.80 -6.33
CA ALA D 49 -9.41 66.73 -5.34
C ALA D 49 -9.36 66.06 -3.94
N GLU D 50 -10.44 65.36 -3.54
CA GLU D 50 -10.54 64.78 -2.19
C GLU D 50 -9.47 63.67 -2.00
N LEU D 51 -9.16 62.97 -3.10
CA LEU D 51 -8.18 61.87 -3.10
C LEU D 51 -6.81 62.37 -2.63
N GLN D 52 -6.42 63.57 -3.10
CA GLN D 52 -5.11 64.12 -2.79
C GLN D 52 -4.97 64.44 -1.30
N ASP D 53 -6.08 64.82 -0.65
CA ASP D 53 -6.06 65.01 0.82
C ASP D 53 -5.66 63.70 1.50
N MSE D 54 -6.18 62.58 0.98
CA MSE D 54 -5.87 61.27 1.53
C MSE D 54 -4.41 60.91 1.21
O MSE D 54 -3.95 61.30 0.13
CB MSE D 54 -6.82 60.21 0.93
CG MSE D 54 -8.20 60.75 0.54
SE MSE D 54 -9.25 61.19 2.22
CE MSE D 54 -11.10 61.38 1.50
N ILE D 66 1.45 53.09 0.14
CA ILE D 66 0.29 53.27 1.05
C ILE D 66 0.10 51.99 1.85
N ASP D 67 0.35 52.06 3.18
CA ASP D 67 0.18 50.91 4.05
C ASP D 67 -1.27 50.83 4.50
N PHE D 68 -1.64 49.67 5.08
CA PHE D 68 -2.97 49.42 5.62
C PHE D 68 -3.31 50.38 6.74
N PRO D 69 -2.39 50.62 7.70
CA PRO D 69 -2.67 51.49 8.82
C PRO D 69 -3.29 52.81 8.44
N GLU D 70 -2.66 53.55 7.52
CA GLU D 70 -3.16 54.87 7.17
C GLU D 70 -4.58 54.69 6.58
N PHE D 71 -4.72 53.73 5.63
CA PHE D 71 -5.93 53.51 4.84
C PHE D 71 -7.13 53.05 5.70
N LEU D 72 -6.88 52.25 6.73
CA LEU D 72 -7.96 51.74 7.57
C LEU D 72 -8.69 52.92 8.27
N THR D 73 -7.92 53.92 8.73
CA THR D 73 -8.55 55.07 9.40
C THR D 73 -8.91 56.12 8.36
N MSE D 74 -8.11 56.17 7.27
CA MSE D 74 -8.35 57.09 6.18
C MSE D 74 -9.79 56.95 5.69
O MSE D 74 -10.43 57.94 5.38
CB MSE D 74 -7.37 56.81 5.04
CG MSE D 74 -7.21 57.93 4.06
SE MSE D 74 -6.86 57.28 2.17
CE MSE D 74 -5.07 56.39 2.36
N MSE D 75 -10.27 55.70 5.64
CA MSE D 75 -11.68 55.41 5.41
C MSE D 75 -12.52 56.07 6.50
O MSE D 75 -13.51 56.73 6.21
CB MSE D 75 -11.92 53.91 5.38
CG MSE D 75 -11.17 53.18 4.28
SE MSE D 75 -12.39 52.66 2.80
CE MSE D 75 -11.72 53.81 1.32
N ALA D 76 -12.08 55.91 7.76
CA ALA D 76 -12.80 56.42 8.91
C ALA D 76 -13.14 57.91 8.70
N ARG D 77 -12.12 58.71 8.28
CA ARG D 77 -12.29 60.16 8.07
C ARG D 77 -12.63 60.45 6.60
N LYS D 78 -13.21 59.44 5.90
CA LYS D 78 -13.80 59.59 4.55
C LYS D 78 -15.19 58.93 4.52
N MSE D 79 -15.57 58.29 5.63
CA MSE D 79 -16.80 57.50 5.70
C MSE D 79 -17.91 58.32 6.35
O MSE D 79 -19.09 57.94 6.28
CB MSE D 79 -16.56 56.21 6.47
CG MSE D 79 -16.14 55.04 5.61
SE MSE D 79 -16.98 53.34 6.21
CE MSE D 79 -18.93 53.81 6.07
N LYS D 80 -17.55 59.42 7.02
CA LYS D 80 -18.49 60.19 7.82
C LYS D 80 -18.66 61.60 7.24
N ASP D 81 -18.05 61.84 6.05
CA ASP D 81 -18.19 63.12 5.32
C ASP D 81 -19.36 63.04 4.33
N THR D 82 -20.01 61.84 4.27
CA THR D 82 -20.96 61.50 3.20
C THR D 82 -22.19 60.79 3.79
N ASP D 83 -23.38 61.20 3.31
CA ASP D 83 -24.63 60.49 3.55
C ASP D 83 -25.16 60.01 2.21
N SER D 84 -24.90 58.73 1.86
CA SER D 84 -25.14 58.26 0.49
C SER D 84 -26.64 58.31 0.14
N GLU D 85 -27.52 57.92 1.09
CA GLU D 85 -28.96 57.97 0.85
C GLU D 85 -29.35 59.43 0.54
N GLU D 86 -28.87 60.36 1.37
CA GLU D 86 -29.16 61.76 1.19
C GLU D 86 -28.67 62.21 -0.20
N GLU D 87 -27.44 61.80 -0.59
CA GLU D 87 -26.90 62.20 -1.89
C GLU D 87 -27.87 61.79 -2.99
N ILE D 88 -28.22 60.50 -3.04
CA ILE D 88 -29.07 60.00 -4.13
C ILE D 88 -30.38 60.78 -4.13
N ARG D 89 -30.97 60.94 -2.93
CA ARG D 89 -32.26 61.58 -2.75
C ARG D 89 -32.21 63.01 -3.27
N GLU D 90 -31.17 63.76 -2.86
CA GLU D 90 -31.07 65.17 -3.22
C GLU D 90 -30.81 65.30 -4.73
N ALA D 91 -30.08 64.32 -5.34
CA ALA D 91 -29.86 64.31 -6.78
C ALA D 91 -31.18 64.09 -7.51
N PHE D 92 -32.05 63.24 -6.97
CA PHE D 92 -33.34 63.02 -7.60
C PHE D 92 -34.25 64.24 -7.39
N ARG D 93 -34.10 64.93 -6.23
CA ARG D 93 -34.93 66.08 -5.91
C ARG D 93 -34.77 67.15 -7.00
N VAL D 94 -33.50 67.46 -7.38
CA VAL D 94 -33.20 68.47 -8.42
C VAL D 94 -34.01 68.16 -9.69
N PHE D 95 -34.31 66.87 -9.96
CA PHE D 95 -35.07 66.55 -11.17
C PHE D 95 -36.59 66.72 -10.99
N ASP D 96 -37.05 67.14 -9.79
CA ASP D 96 -38.49 67.37 -9.54
C ASP D 96 -38.93 68.71 -10.16
N LYS D 97 -39.85 68.65 -11.15
CA LYS D 97 -40.39 69.86 -11.78
C LYS D 97 -41.85 70.07 -11.35
N ASP D 98 -42.29 69.29 -10.33
CA ASP D 98 -43.69 69.26 -9.86
C ASP D 98 -43.76 69.72 -8.38
N GLY D 99 -42.59 69.78 -7.71
CA GLY D 99 -42.47 70.37 -6.36
C GLY D 99 -42.65 69.34 -5.23
N ASN D 100 -43.15 68.16 -5.61
CA ASN D 100 -43.57 67.10 -4.67
C ASN D 100 -42.40 66.14 -4.48
N GLY D 101 -42.71 64.90 -4.03
CA GLY D 101 -41.74 63.81 -4.03
C GLY D 101 -41.98 62.81 -5.16
N TYR D 102 -42.89 63.19 -6.10
CA TYR D 102 -43.24 62.36 -7.26
C TYR D 102 -42.72 63.01 -8.54
N ILE D 103 -41.72 62.37 -9.19
CA ILE D 103 -41.22 62.78 -10.52
C ILE D 103 -41.75 61.79 -11.57
N SER D 104 -41.77 62.24 -12.84
CA SER D 104 -42.41 61.51 -13.94
C SER D 104 -41.50 60.39 -14.44
N ALA D 105 -42.13 59.30 -14.95
CA ALA D 105 -41.42 58.14 -15.50
C ALA D 105 -40.63 58.53 -16.74
N ALA D 106 -41.26 59.32 -17.64
CA ALA D 106 -40.58 59.91 -18.79
C ALA D 106 -39.34 60.67 -18.33
N GLU D 107 -39.47 61.40 -17.20
CA GLU D 107 -38.39 62.19 -16.62
C GLU D 107 -37.32 61.27 -16.04
N LEU D 108 -37.73 60.27 -15.23
CA LEU D 108 -36.82 59.30 -14.61
C LEU D 108 -35.95 58.66 -15.69
N ARG D 109 -36.59 58.27 -16.82
CA ARG D 109 -35.95 57.61 -17.95
C ARG D 109 -34.83 58.49 -18.53
N HIS D 110 -35.13 59.78 -18.77
CA HIS D 110 -34.17 60.74 -19.37
C HIS D 110 -32.94 60.90 -18.46
N VAL D 111 -33.15 60.78 -17.13
CA VAL D 111 -32.06 60.91 -16.14
C VAL D 111 -31.22 59.62 -16.14
N MSE D 112 -31.89 58.47 -16.34
CA MSE D 112 -31.25 57.19 -16.19
C MSE D 112 -30.34 56.89 -17.38
O MSE D 112 -29.33 56.22 -17.24
CB MSE D 112 -32.31 56.10 -16.03
CG MSE D 112 -32.91 56.06 -14.62
SE MSE D 112 -31.46 55.95 -13.24
CE MSE D 112 -31.49 57.76 -12.46
N THR D 113 -30.70 57.42 -18.56
CA THR D 113 -29.91 57.24 -19.78
C THR D 113 -28.58 58.00 -19.64
N ASN D 114 -28.69 59.29 -19.28
CA ASN D 114 -27.55 60.19 -19.27
C ASN D 114 -26.58 59.80 -18.14
N LEU D 115 -27.12 59.61 -16.92
CA LEU D 115 -26.30 59.37 -15.72
C LEU D 115 -25.92 57.89 -15.61
N GLY D 116 -26.71 57.01 -16.24
CA GLY D 116 -26.36 55.59 -16.39
C GLY D 116 -25.39 55.36 -17.56
N GLU D 117 -24.08 55.39 -17.23
CA GLU D 117 -22.99 55.36 -18.22
C GLU D 117 -23.07 54.07 -19.05
N LYS D 118 -22.99 52.91 -18.36
CA LYS D 118 -22.93 51.58 -19.01
C LYS D 118 -24.21 50.80 -18.73
N LEU D 119 -25.37 51.48 -18.91
CA LEU D 119 -26.69 50.84 -18.87
C LEU D 119 -27.09 50.42 -20.29
N THR D 120 -28.10 49.54 -20.39
CA THR D 120 -28.64 49.07 -21.68
C THR D 120 -30.12 49.48 -21.75
N ASP D 121 -30.71 49.45 -22.97
CA ASP D 121 -32.11 49.91 -23.18
C ASP D 121 -33.05 49.13 -22.26
N GLU D 122 -32.97 47.78 -22.33
CA GLU D 122 -33.89 46.88 -21.66
C GLU D 122 -33.81 47.09 -20.13
N GLU D 123 -32.59 47.32 -19.62
CA GLU D 123 -32.33 47.49 -18.19
C GLU D 123 -33.10 48.70 -17.66
N VAL D 124 -33.02 49.83 -18.39
CA VAL D 124 -33.68 51.08 -18.02
C VAL D 124 -35.21 50.91 -18.20
N ASP D 125 -35.60 50.08 -19.20
CA ASP D 125 -37.01 49.74 -19.46
C ASP D 125 -37.58 49.00 -18.25
N GLN D 126 -36.82 48.00 -17.72
CA GLN D 126 -37.24 47.14 -16.58
C GLN D 126 -37.21 47.94 -15.28
N MSE D 127 -36.41 48.99 -15.24
CA MSE D 127 -36.32 49.83 -14.07
C MSE D 127 -37.62 50.62 -13.91
O MSE D 127 -37.95 51.03 -12.80
CB MSE D 127 -35.14 50.79 -14.22
CG MSE D 127 -33.78 50.12 -14.00
SE MSE D 127 -32.43 51.49 -13.49
CE MSE D 127 -30.79 50.42 -13.51
N ILE D 128 -38.39 50.77 -15.00
CA ILE D 128 -39.51 51.70 -15.04
C ILE D 128 -40.78 51.03 -14.49
N ARG D 129 -41.00 49.74 -14.83
CA ARG D 129 -42.14 48.97 -14.28
C ARG D 129 -41.98 48.81 -12.77
N GLU D 130 -40.74 48.55 -12.32
CA GLU D 130 -40.41 48.33 -10.92
C GLU D 130 -40.60 49.63 -10.12
N ALA D 131 -40.18 50.76 -10.73
CA ALA D 131 -40.29 52.10 -10.13
C ALA D 131 -41.75 52.57 -10.15
N ASP D 132 -42.35 52.64 -11.35
CA ASP D 132 -43.74 53.05 -11.55
C ASP D 132 -44.66 51.89 -11.19
N ILE D 133 -44.58 51.47 -9.91
CA ILE D 133 -45.43 50.42 -9.34
C ILE D 133 -46.92 50.78 -9.53
N ASP D 134 -47.22 52.10 -9.44
CA ASP D 134 -48.59 52.63 -9.53
C ASP D 134 -49.17 52.30 -10.92
N GLY D 135 -48.31 52.35 -11.97
CA GLY D 135 -48.72 52.16 -13.36
C GLY D 135 -49.30 53.46 -13.97
N ASP D 136 -49.46 54.48 -13.11
CA ASP D 136 -49.98 55.81 -13.47
C ASP D 136 -49.00 56.54 -14.38
N GLY D 137 -47.69 56.33 -14.14
CA GLY D 137 -46.64 57.06 -14.85
C GLY D 137 -45.74 57.82 -13.88
N GLN D 138 -46.34 58.46 -12.86
CA GLN D 138 -45.55 59.18 -11.89
C GLN D 138 -44.70 58.18 -11.14
N VAL D 139 -43.39 58.31 -11.27
CA VAL D 139 -42.46 57.49 -10.52
C VAL D 139 -42.55 57.94 -9.09
N ASN D 140 -42.87 57.03 -8.17
CA ASN D 140 -43.01 57.39 -6.77
C ASN D 140 -41.70 57.99 -6.26
N TYR D 141 -40.55 57.38 -6.70
CA TYR D 141 -39.11 57.81 -6.48
C TYR D 141 -38.72 57.68 -4.99
N GLU D 142 -39.67 57.16 -4.17
CA GLU D 142 -39.44 56.74 -2.79
C GLU D 142 -38.95 55.32 -2.82
N GLU D 143 -39.74 54.48 -3.52
CA GLU D 143 -39.54 53.05 -3.65
C GLU D 143 -38.35 52.76 -4.55
N PHE D 144 -38.02 53.69 -5.46
CA PHE D 144 -36.90 53.51 -6.37
C PHE D 144 -35.62 53.41 -5.59
N VAL D 145 -35.36 54.43 -4.77
CA VAL D 145 -34.18 54.40 -3.93
C VAL D 145 -34.34 53.26 -2.92
N GLN D 146 -35.45 53.29 -2.15
CA GLN D 146 -35.78 52.27 -1.14
C GLN D 146 -35.52 50.86 -1.71
N MSE D 147 -35.99 50.62 -2.96
CA MSE D 147 -36.02 49.28 -3.55
C MSE D 147 -34.71 49.01 -4.30
O MSE D 147 -34.31 47.86 -4.46
CB MSE D 147 -37.23 49.14 -4.48
CG MSE D 147 -37.01 48.26 -5.70
SE MSE D 147 -37.25 49.24 -7.46
CE MSE D 147 -38.78 50.49 -7.03
N MSE D 148 -34.09 50.07 -4.85
CA MSE D 148 -32.86 49.92 -5.62
C MSE D 148 -31.71 49.54 -4.68
O MSE D 148 -30.80 48.82 -5.07
CB MSE D 148 -32.55 51.18 -6.41
CG MSE D 148 -33.38 51.32 -7.72
SE MSE D 148 -32.44 50.42 -9.24
CE MSE D 148 -33.95 49.51 -10.18
N THR D 149 -31.78 50.01 -3.42
CA THR D 149 -30.88 49.55 -2.37
C THR D 149 -31.56 48.43 -1.57
N ALA D 150 -32.11 47.43 -2.30
CA ALA D 150 -32.86 46.30 -1.74
C ALA D 150 -33.37 45.41 -2.87
N SER E 10 23.52 -13.46 2.78
CA SER E 10 23.29 -12.32 1.85
C SER E 10 21.79 -12.13 1.59
N LEU E 11 21.16 -13.16 1.00
CA LEU E 11 19.76 -13.09 0.59
C LEU E 11 18.84 -13.10 1.81
N VAL E 12 18.87 -14.21 2.60
CA VAL E 12 18.02 -14.34 3.80
C VAL E 12 18.33 -13.20 4.77
N ALA E 13 19.62 -12.80 4.84
CA ALA E 13 20.09 -11.74 5.73
C ALA E 13 19.38 -10.42 5.43
N ALA E 14 19.18 -10.14 4.11
CA ALA E 14 18.43 -8.98 3.63
C ALA E 14 16.98 -9.08 4.05
N ARG E 15 16.45 -10.32 4.06
CA ARG E 15 15.05 -10.59 4.38
C ARG E 15 14.80 -10.42 5.87
N ALA E 16 15.70 -11.00 6.69
CA ALA E 16 15.64 -10.89 8.15
C ALA E 16 15.76 -9.43 8.59
N GLU E 17 16.43 -8.61 7.76
CA GLU E 17 16.56 -7.16 8.02
C GLU E 17 15.28 -6.44 7.57
N LYS E 18 14.61 -7.02 6.57
CA LYS E 18 13.30 -6.54 6.10
C LYS E 18 12.22 -6.92 7.13
N VAL E 19 12.34 -8.15 7.70
CA VAL E 19 11.37 -8.70 8.68
C VAL E 19 11.49 -7.93 9.99
N ALA E 20 12.73 -7.75 10.46
CA ALA E 20 13.03 -7.04 11.70
C ALA E 20 12.36 -5.66 11.71
N ASN E 21 12.40 -4.98 10.56
CA ASN E 21 11.84 -3.64 10.41
C ASN E 21 10.33 -3.65 10.72
N LEU E 22 9.61 -4.66 10.19
CA LEU E 22 8.15 -4.79 10.40
C LEU E 22 7.85 -5.14 11.85
N TYR E 23 8.69 -6.00 12.45
CA TYR E 23 8.56 -6.40 13.84
C TYR E 23 8.79 -5.20 14.75
N ARG E 24 9.74 -4.33 14.34
CA ARG E 24 10.12 -3.15 15.10
C ARG E 24 9.02 -2.08 14.97
N TRP E 25 8.34 -2.08 13.81
CA TRP E 25 7.18 -1.21 13.55
C TRP E 25 5.95 -1.70 14.31
N LEU E 26 5.81 -3.04 14.43
CA LEU E 26 4.66 -3.66 15.08
C LEU E 26 4.77 -3.52 16.60
N ASP E 27 6.02 -3.32 17.09
CA ASP E 27 6.31 -3.18 18.52
C ASP E 27 6.54 -1.70 18.87
N THR E 28 6.22 -0.78 17.93
CA THR E 28 6.40 0.64 18.11
C THR E 28 5.86 1.09 19.47
N ASP E 29 4.64 0.65 19.81
CA ASP E 29 3.91 1.22 20.94
C ASP E 29 4.41 0.62 22.27
N ASN E 30 4.63 -0.72 22.34
CA ASN E 30 5.17 -1.35 23.56
C ASN E 30 6.61 -0.95 23.77
N ASP E 31 7.30 -0.72 22.64
CA ASP E 31 8.75 -0.53 22.54
C ASP E 31 9.46 -1.54 23.44
N VAL E 32 9.10 -2.82 23.27
CA VAL E 32 9.69 -3.92 24.03
C VAL E 32 10.92 -4.46 23.28
N ALA E 33 11.14 -3.96 22.06
CA ALA E 33 12.22 -4.46 21.21
C ALA E 33 13.53 -3.82 21.61
N THR E 34 14.47 -4.65 22.09
CA THR E 34 15.78 -4.20 22.54
C THR E 34 16.78 -4.40 21.39
N ASP E 35 18.07 -4.39 21.71
CA ASP E 35 19.08 -4.69 20.73
C ASP E 35 19.44 -6.17 20.87
N LYS E 36 19.38 -6.91 19.74
CA LYS E 36 19.48 -8.39 19.68
C LYS E 36 18.30 -9.03 20.46
N TYR E 37 17.14 -8.36 20.38
CA TYR E 37 15.84 -8.94 20.68
C TYR E 37 14.77 -8.13 19.95
N VAL E 38 14.04 -8.78 19.03
CA VAL E 38 12.90 -8.17 18.36
C VAL E 38 11.71 -9.13 18.48
N PRO E 39 10.58 -8.71 19.08
CA PRO E 39 9.47 -9.61 19.35
C PRO E 39 8.81 -10.10 18.07
N VAL E 40 8.36 -11.37 18.09
CA VAL E 40 7.56 -11.96 17.01
C VAL E 40 6.08 -11.76 17.34
N PRO E 41 5.30 -11.08 16.47
CA PRO E 41 3.88 -10.79 16.76
C PRO E 41 3.04 -12.05 16.98
N GLY E 42 2.33 -12.10 18.13
CA GLY E 42 1.36 -13.17 18.44
C GLY E 42 2.03 -14.36 19.13
N PHE E 43 3.36 -14.26 19.33
CA PHE E 43 4.16 -15.26 20.04
C PHE E 43 4.90 -14.59 21.19
N GLU E 44 4.48 -14.92 22.43
CA GLU E 44 5.12 -14.41 23.65
C GLU E 44 6.52 -15.01 23.79
N ARG E 45 7.34 -14.44 24.71
CA ARG E 45 8.68 -14.92 25.00
C ARG E 45 8.71 -15.48 26.42
N VAL E 46 8.88 -16.81 26.52
CA VAL E 46 9.17 -17.49 27.78
C VAL E 46 10.63 -17.92 27.73
N ASP E 47 11.41 -17.46 28.73
CA ASP E 47 12.82 -17.85 28.87
C ASP E 47 12.97 -18.63 30.18
N VAL E 48 13.94 -19.58 30.18
CA VAL E 48 14.38 -20.27 31.40
C VAL E 48 15.90 -20.36 31.34
N ASP E 49 16.56 -20.11 32.49
CA ASP E 49 18.02 -20.11 32.58
C ASP E 49 18.50 -21.53 32.93
N VAL E 50 18.91 -22.28 31.88
CA VAL E 50 19.28 -23.70 31.97
C VAL E 50 20.76 -23.80 32.40
N SER E 51 21.23 -25.03 32.65
CA SER E 51 22.59 -25.29 33.04
C SER E 51 23.42 -25.67 31.81
N ASP E 52 24.71 -25.26 31.84
CA ASP E 52 25.72 -25.65 30.88
C ASP E 52 25.55 -27.13 30.54
N GLU E 53 25.31 -27.95 31.59
CA GLU E 53 25.16 -29.39 31.46
C GLU E 53 23.97 -29.71 30.55
N VAL E 54 22.78 -29.21 30.91
CA VAL E 54 21.58 -29.53 30.15
C VAL E 54 21.70 -28.93 28.76
N LYS E 55 22.25 -27.72 28.67
CA LYS E 55 22.39 -27.06 27.39
C LYS E 55 23.21 -27.95 26.48
N GLN E 56 24.35 -28.45 26.99
CA GLN E 56 25.26 -29.27 26.20
C GLN E 56 24.55 -30.56 25.79
N ARG E 57 23.74 -31.14 26.69
CA ARG E 57 23.01 -32.36 26.34
C ARG E 57 22.14 -32.10 25.13
N MSE E 58 21.32 -31.03 25.18
CA MSE E 58 20.43 -30.68 24.08
C MSE E 58 21.28 -30.45 22.81
O MSE E 58 20.93 -30.93 21.73
CB MSE E 58 19.62 -29.41 24.39
CG MSE E 58 18.42 -29.62 25.33
SE MSE E 58 17.88 -27.82 26.12
CE MSE E 58 15.94 -27.97 26.05
N ILE E 59 22.40 -29.73 22.97
CA ILE E 59 23.28 -29.42 21.87
C ILE E 59 23.84 -30.72 21.29
N GLN E 60 24.21 -31.65 22.17
CA GLN E 60 24.81 -32.91 21.79
C GLN E 60 23.77 -33.81 21.06
N SER E 61 22.49 -33.77 21.52
CA SER E 61 21.44 -34.51 20.81
C SER E 61 21.27 -33.95 19.41
N MSE E 62 21.33 -32.62 19.30
CA MSE E 62 21.29 -31.93 18.02
C MSE E 62 22.43 -32.39 17.13
O MSE E 62 22.23 -32.63 15.97
CB MSE E 62 21.38 -30.43 18.22
CG MSE E 62 20.08 -29.77 18.37
SE MSE E 62 19.27 -29.74 16.59
CE MSE E 62 17.40 -29.69 17.05
N SER E 63 23.65 -32.47 17.67
CA SER E 63 24.77 -32.90 16.84
C SER E 63 24.50 -34.29 16.30
N GLY E 64 24.04 -35.19 17.18
CA GLY E 64 23.70 -36.54 16.77
C GLY E 64 22.68 -36.54 15.64
N TYR E 65 21.63 -35.74 15.81
CA TYR E 65 20.54 -35.65 14.85
C TYR E 65 21.06 -35.17 13.50
N ILE E 66 21.91 -34.12 13.52
CA ILE E 66 22.45 -33.55 12.28
C ILE E 66 23.37 -34.58 11.64
N GLU E 67 24.17 -35.24 12.50
CA GLU E 67 25.16 -36.26 12.13
C GLU E 67 24.57 -37.31 11.19
N HIS E 68 23.30 -37.67 11.35
CA HIS E 68 22.85 -38.85 10.61
C HIS E 68 21.49 -38.68 9.90
N THR E 69 21.21 -37.52 9.29
CA THR E 69 20.06 -37.41 8.37
C THR E 69 20.62 -36.98 6.99
N ASP E 70 19.95 -37.35 5.87
CA ASP E 70 20.48 -36.99 4.56
C ASP E 70 20.28 -35.50 4.34
N ASN E 71 21.33 -34.73 4.69
CA ASN E 71 21.31 -33.27 4.64
C ASN E 71 22.65 -32.78 4.06
N GLN E 72 22.64 -31.60 3.47
CA GLN E 72 23.84 -30.98 2.92
C GLN E 72 24.51 -30.14 4.00
N VAL E 73 25.12 -30.80 5.00
CA VAL E 73 25.85 -30.10 6.06
C VAL E 73 27.21 -30.74 6.22
N PRO E 74 28.29 -29.95 6.30
CA PRO E 74 29.62 -30.49 6.53
C PRO E 74 29.63 -31.40 7.75
N LYS E 75 30.12 -32.64 7.58
CA LYS E 75 30.14 -33.63 8.65
C LYS E 75 30.82 -33.04 9.91
N ASP E 76 32.03 -32.49 9.72
CA ASP E 76 32.79 -31.81 10.78
C ASP E 76 31.97 -30.64 11.33
N GLN E 77 31.34 -29.88 10.40
CA GLN E 77 30.60 -28.67 10.71
C GLN E 77 29.17 -29.01 11.15
N ALA E 78 29.06 -30.01 12.05
CA ALA E 78 27.79 -30.41 12.64
C ALA E 78 27.68 -29.84 14.05
N GLU E 79 28.80 -29.89 14.80
CA GLU E 79 28.87 -29.44 16.18
C GLU E 79 28.50 -27.95 16.26
N ALA E 80 29.13 -27.13 15.39
CA ALA E 80 28.98 -25.67 15.40
C ALA E 80 27.51 -25.26 15.15
N LEU E 81 26.89 -25.91 14.13
CA LEU E 81 25.56 -25.53 13.63
C LEU E 81 24.49 -25.71 14.71
N ALA E 82 24.73 -26.67 15.63
CA ALA E 82 23.80 -27.00 16.72
C ALA E 82 24.10 -26.14 17.96
N THR E 83 25.39 -25.83 18.19
CA THR E 83 25.83 -24.91 19.24
C THR E 83 25.07 -23.60 19.11
N LEU E 84 24.96 -23.11 17.86
CA LEU E 84 24.40 -21.80 17.52
C LEU E 84 22.87 -21.84 17.62
N PHE E 85 22.24 -22.82 16.92
CA PHE E 85 20.78 -22.91 16.76
C PHE E 85 20.08 -22.99 18.15
N VAL E 86 20.55 -23.91 19.04
CA VAL E 86 19.89 -24.14 20.34
C VAL E 86 20.13 -22.93 21.27
N GLU E 87 21.21 -22.14 20.99
CA GLU E 87 21.47 -20.89 21.71
C GLU E 87 20.56 -19.77 21.18
N SER E 88 20.44 -19.69 19.84
CA SER E 88 19.61 -18.66 19.20
C SER E 88 18.17 -18.82 19.62
N THR E 89 17.67 -20.07 19.57
CA THR E 89 16.30 -20.40 19.97
C THR E 89 16.10 -20.16 21.44
N LEU E 90 16.99 -20.68 22.26
CA LEU E 90 16.81 -20.61 23.71
C LEU E 90 16.91 -19.16 24.20
N ASP E 91 17.82 -18.35 23.62
CA ASP E 91 18.13 -17.03 24.20
C ASP E 91 17.35 -15.91 23.49
N TYR E 92 16.65 -16.24 22.39
CA TYR E 92 15.89 -15.28 21.55
C TYR E 92 16.81 -14.20 20.98
N ASP E 93 18.05 -14.56 20.63
CA ASP E 93 19.02 -13.62 20.05
C ASP E 93 18.66 -13.36 18.59
N TRP E 94 18.40 -12.10 18.22
CA TRP E 94 17.88 -11.85 16.87
C TRP E 94 18.91 -12.22 15.80
N ASP E 95 20.15 -11.73 15.93
CA ASP E 95 21.16 -11.92 14.89
C ASP E 95 21.75 -13.33 14.95
N LYS E 96 21.60 -14.01 16.10
CA LYS E 96 21.95 -15.43 16.21
C LYS E 96 21.02 -16.24 15.30
N ARG E 97 19.71 -15.88 15.31
CA ARG E 97 18.67 -16.54 14.50
C ARG E 97 18.94 -16.38 13.00
N VAL E 98 19.59 -15.24 12.63
CA VAL E 98 19.90 -14.92 11.23
C VAL E 98 21.26 -15.54 10.85
N GLU E 99 22.18 -15.66 11.83
CA GLU E 99 23.47 -16.34 11.65
C GLU E 99 23.26 -17.83 11.31
N PHE E 100 22.20 -18.42 11.90
CA PHE E 100 21.80 -19.81 11.66
C PHE E 100 21.25 -19.96 10.24
N LEU E 101 20.45 -18.99 9.80
CA LEU E 101 19.86 -18.97 8.46
C LEU E 101 20.94 -18.63 7.44
N THR E 102 21.77 -17.62 7.75
CA THR E 102 23.00 -17.31 7.01
C THR E 102 23.84 -18.57 6.84
N LYS E 103 24.04 -19.31 7.95
CA LYS E 103 24.85 -20.52 7.99
C LYS E 103 24.27 -21.61 7.07
N LEU E 104 22.92 -21.74 7.06
CA LEU E 104 22.25 -22.74 6.24
C LEU E 104 22.35 -22.36 4.75
N GLU E 105 22.30 -21.03 4.44
CA GLU E 105 22.51 -20.50 3.07
C GLU E 105 23.92 -20.87 2.59
N SER E 106 24.88 -20.91 3.54
CA SER E 106 26.29 -21.23 3.29
C SER E 106 26.50 -22.74 3.08
N TYR E 107 25.42 -23.55 3.26
CA TYR E 107 25.48 -25.01 3.12
C TYR E 107 24.68 -25.46 1.89
N GLY E 108 24.01 -24.51 1.21
CA GLY E 108 23.39 -24.76 -0.09
C GLY E 108 21.87 -24.96 0.00
N TYR E 109 21.23 -24.29 0.98
CA TYR E 109 19.78 -24.23 1.11
C TYR E 109 19.27 -22.85 0.68
N SER E 110 18.40 -22.83 -0.36
CA SER E 110 17.72 -21.59 -0.79
C SER E 110 16.53 -21.33 0.13
N PHE E 111 16.40 -20.06 0.55
CA PHE E 111 15.21 -19.57 1.20
C PHE E 111 14.37 -18.82 0.17
N GLU E 112 14.44 -19.30 -1.08
CA GLU E 112 13.93 -18.61 -2.25
C GLU E 112 13.14 -19.61 -3.11
N ALA E 113 12.01 -19.16 -3.69
CA ALA E 113 11.15 -20.02 -4.50
C ALA E 113 11.94 -20.60 -5.68
N PRO E 114 11.68 -21.87 -6.10
CA PRO E 114 12.47 -22.52 -7.14
C PRO E 114 12.42 -21.79 -8.46
N HIS E 115 11.20 -21.53 -8.94
CA HIS E 115 11.02 -20.80 -10.17
C HIS E 115 10.88 -19.32 -9.88
N ALA E 116 11.95 -18.69 -9.35
CA ALA E 116 11.85 -17.34 -8.80
C ALA E 116 11.29 -16.35 -9.85
N GLU E 117 11.71 -16.51 -11.12
CA GLU E 117 11.27 -15.67 -12.23
C GLU E 117 9.73 -15.68 -12.34
N LYS E 118 9.15 -16.88 -12.36
CA LYS E 118 7.72 -17.07 -12.62
C LYS E 118 7.13 -18.06 -11.61
N SER E 119 7.02 -17.64 -10.34
CA SER E 119 6.35 -18.44 -9.30
C SER E 119 5.38 -17.55 -8.56
N ILE E 120 4.32 -18.17 -8.05
CA ILE E 120 3.36 -17.47 -7.21
C ILE E 120 3.58 -17.94 -5.76
N VAL E 121 4.18 -17.07 -4.94
CA VAL E 121 4.37 -17.34 -3.52
C VAL E 121 3.01 -17.35 -2.86
N SER E 122 2.51 -18.57 -2.53
CA SER E 122 1.18 -18.76 -1.96
C SER E 122 1.30 -19.22 -0.53
N PHE E 123 0.20 -19.12 0.21
CA PHE E 123 0.13 -19.49 1.60
C PHE E 123 -0.97 -20.50 1.77
N TRP E 124 -0.75 -21.50 2.62
CA TRP E 124 -1.70 -22.57 2.87
C TRP E 124 -1.83 -22.75 4.37
N SER E 125 -3.02 -22.66 4.91
CA SER E 125 -3.15 -22.63 6.36
C SER E 125 -4.21 -23.62 6.78
N GLY E 126 -4.56 -24.53 5.86
CA GLY E 126 -5.62 -25.49 6.06
C GLY E 126 -5.06 -26.89 6.34
N LYS E 127 -5.73 -27.94 5.78
CA LYS E 127 -5.38 -29.35 6.00
C LYS E 127 -5.30 -30.13 4.67
N ASN E 128 -5.46 -29.44 3.53
CA ASN E 128 -5.52 -30.12 2.24
C ASN E 128 -5.07 -29.18 1.14
N PHE E 129 -3.79 -28.82 1.18
CA PHE E 129 -3.21 -27.86 0.25
C PHE E 129 -3.01 -28.49 -1.12
N LYS E 130 -2.68 -29.79 -1.15
CA LYS E 130 -2.26 -30.44 -2.40
C LYS E 130 -3.33 -30.28 -3.47
N GLN E 131 -4.59 -30.60 -3.14
CA GLN E 131 -5.68 -30.51 -4.10
C GLN E 131 -5.68 -29.13 -4.73
N TYR E 132 -5.76 -28.13 -3.84
CA TYR E 132 -5.87 -26.72 -4.17
C TYR E 132 -4.69 -26.30 -5.01
N ARG E 133 -3.52 -26.76 -4.62
CA ARG E 133 -2.31 -26.44 -5.35
C ARG E 133 -2.50 -26.84 -6.80
N ASP E 134 -2.89 -28.10 -7.02
CA ASP E 134 -3.00 -28.60 -8.37
C ASP E 134 -4.08 -27.83 -9.15
N ILE E 135 -5.22 -27.51 -8.51
CA ILE E 135 -6.25 -26.70 -9.18
C ILE E 135 -5.62 -25.39 -9.66
N LEU E 136 -4.96 -24.73 -8.72
CA LEU E 136 -4.38 -23.41 -8.95
C LEU E 136 -3.41 -23.48 -10.12
N ASP E 137 -2.55 -24.53 -10.13
CA ASP E 137 -1.54 -24.70 -11.16
C ASP E 137 -2.20 -24.83 -12.53
N ASN E 138 -3.26 -25.66 -12.61
CA ASN E 138 -3.92 -25.93 -13.88
C ASN E 138 -4.33 -24.61 -14.55
N ALA E 139 -5.00 -23.73 -13.76
CA ALA E 139 -5.71 -22.57 -14.30
C ALA E 139 -4.78 -21.39 -14.68
N GLN E 140 -3.51 -21.38 -14.24
CA GLN E 140 -2.70 -20.16 -14.35
C GLN E 140 -2.56 -19.69 -15.82
N THR E 141 -2.12 -20.60 -16.72
CA THR E 141 -2.04 -20.32 -18.18
C THR E 141 -1.18 -19.08 -18.50
N ASP E 142 -0.18 -18.78 -17.67
CA ASP E 142 0.77 -17.70 -17.92
C ASP E 142 2.10 -18.35 -18.05
N GLY E 143 2.20 -19.50 -17.39
CA GLY E 143 3.41 -20.26 -17.27
C GLY E 143 3.89 -20.31 -15.81
N LYS E 144 3.37 -19.39 -14.98
CA LYS E 144 3.70 -19.29 -13.56
C LYS E 144 3.12 -20.50 -12.81
N LYS E 145 3.82 -20.93 -11.73
CA LYS E 145 3.39 -22.03 -10.87
C LYS E 145 3.32 -21.54 -9.41
N VAL E 146 2.37 -22.09 -8.64
CA VAL E 146 2.19 -21.75 -7.22
C VAL E 146 3.31 -22.42 -6.42
N VAL E 147 3.85 -21.68 -5.43
CA VAL E 147 4.91 -22.15 -4.54
C VAL E 147 4.42 -22.02 -3.10
N TYR E 148 4.62 -23.07 -2.29
CA TYR E 148 4.33 -23.08 -0.86
C TYR E 148 5.64 -23.02 -0.08
N ASP E 149 5.54 -22.87 1.26
CA ASP E 149 6.69 -22.74 2.15
C ASP E 149 7.44 -24.07 2.27
N ILE E 150 6.79 -25.20 1.88
CA ILE E 150 7.40 -26.56 1.99
C ILE E 150 8.37 -26.77 0.83
N ASP E 151 8.26 -25.92 -0.21
CA ASP E 151 9.05 -26.04 -1.44
C ASP E 151 10.43 -25.42 -1.25
N VAL E 152 10.56 -24.59 -0.19
CA VAL E 152 11.81 -23.95 0.19
C VAL E 152 12.64 -24.95 1.01
N LYS E 153 13.86 -25.28 0.50
CA LYS E 153 14.71 -26.32 1.10
C LYS E 153 15.30 -25.81 2.43
N GLY E 154 15.58 -24.49 2.50
CA GLY E 154 16.13 -23.84 3.70
C GLY E 154 15.13 -23.83 4.86
N ASN E 155 13.90 -23.36 4.58
CA ASN E 155 12.77 -23.37 5.53
C ASN E 155 12.49 -24.80 6.01
N ALA E 156 12.32 -25.71 5.03
CA ALA E 156 11.92 -27.11 5.27
C ALA E 156 12.90 -27.80 6.23
N PHE E 157 14.20 -27.51 6.07
CA PHE E 157 15.25 -28.14 6.86
C PHE E 157 15.33 -27.49 8.24
N ALA E 158 15.27 -26.14 8.28
CA ALA E 158 15.22 -25.38 9.53
C ALA E 158 14.14 -25.94 10.44
N ILE E 159 12.98 -26.26 9.85
CA ILE E 159 11.84 -26.81 10.57
C ILE E 159 12.21 -28.16 11.21
N ASP E 160 13.01 -28.96 10.51
CA ASP E 160 13.37 -30.31 10.95
C ASP E 160 14.08 -30.25 12.30
N LEU E 161 15.11 -29.39 12.39
CA LEU E 161 15.91 -29.27 13.60
C LEU E 161 15.06 -28.71 14.73
N ASN E 162 14.16 -27.78 14.40
CA ASN E 162 13.24 -27.17 15.36
C ASN E 162 12.38 -28.28 15.97
N LYS E 163 11.84 -29.13 15.09
CA LYS E 163 10.97 -30.21 15.51
C LYS E 163 11.76 -31.18 16.39
N HIS E 164 13.02 -31.46 16.04
CA HIS E 164 13.84 -32.37 16.82
C HIS E 164 14.05 -31.83 18.24
N LEU E 165 14.37 -30.54 18.38
CA LEU E 165 14.58 -29.95 19.71
C LEU E 165 13.27 -29.93 20.52
N MSE E 166 12.14 -29.73 19.83
CA MSE E 166 10.82 -29.80 20.46
C MSE E 166 10.61 -31.20 21.01
O MSE E 166 10.10 -31.37 22.13
CB MSE E 166 9.73 -29.49 19.43
CG MSE E 166 9.67 -28.06 19.00
SE MSE E 166 8.49 -27.82 17.41
CE MSE E 166 7.10 -26.62 18.16
N ARG E 167 10.96 -32.19 20.16
CA ARG E 167 10.80 -33.59 20.49
C ARG E 167 11.70 -33.92 21.67
N TRP E 168 12.92 -33.34 21.74
CA TRP E 168 13.79 -33.59 22.89
C TRP E 168 13.08 -33.20 24.17
N GLY E 169 12.49 -32.00 24.18
CA GLY E 169 11.77 -31.54 25.34
C GLY E 169 10.71 -32.55 25.75
N GLY E 170 9.88 -32.94 24.79
CA GLY E 170 8.82 -33.92 25.06
C GLY E 170 9.39 -35.21 25.66
N LEU E 171 10.63 -35.58 25.23
CA LEU E 171 11.24 -36.90 25.55
C LEU E 171 11.83 -37.04 26.99
N PHE E 172 12.96 -36.38 27.28
CA PHE E 172 13.59 -36.59 28.60
C PHE E 172 13.44 -35.36 29.50
N LEU E 173 12.23 -35.17 30.09
CA LEU E 173 11.94 -34.03 30.98
C LEU E 173 10.55 -34.22 31.57
N ASP E 174 10.30 -33.61 32.76
CA ASP E 174 8.94 -33.33 33.27
C ASP E 174 8.06 -34.55 33.58
N PRO E 175 8.39 -35.30 34.60
CA PRO E 175 7.46 -36.26 35.10
C PRO E 175 6.60 -35.54 36.12
N ASP E 176 5.74 -34.59 35.63
CA ASP E 176 4.91 -33.69 36.47
C ASP E 176 5.71 -33.14 37.68
N ASN E 177 6.86 -32.51 37.41
CA ASN E 177 7.78 -32.09 38.50
C ASN E 177 7.60 -30.60 38.87
N ALA E 178 6.83 -29.87 38.01
CA ALA E 178 6.49 -28.42 38.17
C ALA E 178 7.68 -27.51 37.85
N GLU E 179 8.83 -27.67 38.54
CA GLU E 179 9.96 -26.72 38.40
C GLU E 179 10.77 -26.97 37.11
N GLN E 180 10.46 -28.05 36.37
CA GLN E 180 11.08 -28.29 35.07
C GLN E 180 10.00 -28.35 34.00
N ASN E 181 8.73 -28.50 34.42
CA ASN E 181 7.60 -28.36 33.51
C ASN E 181 7.61 -26.94 32.93
N GLN E 182 7.91 -25.97 33.81
CA GLN E 182 8.05 -24.56 33.47
C GLN E 182 9.13 -24.40 32.39
N LEU E 183 10.14 -25.30 32.43
CA LEU E 183 11.19 -25.38 31.42
C LEU E 183 10.63 -25.96 30.13
N LYS E 184 9.78 -26.97 30.27
CA LYS E 184 9.08 -27.58 29.17
C LYS E 184 8.39 -26.49 28.36
N SER E 185 7.55 -25.73 29.04
CA SER E 185 6.72 -24.75 28.35
C SER E 185 7.59 -23.60 27.80
N SER E 186 8.71 -23.28 28.45
CA SER E 186 9.62 -22.28 27.91
C SER E 186 10.22 -22.75 26.58
N ILE E 187 10.62 -24.04 26.49
CA ILE E 187 11.17 -24.57 25.23
C ILE E 187 10.09 -24.53 24.16
N ASP E 188 8.84 -24.84 24.54
CA ASP E 188 7.74 -24.91 23.60
C ASP E 188 7.38 -23.52 23.09
N ALA E 189 7.63 -22.48 23.89
CA ALA E 189 7.33 -21.10 23.49
C ALA E 189 8.40 -20.55 22.57
N ALA E 190 9.66 -21.02 22.75
CA ALA E 190 10.83 -20.50 22.03
C ALA E 190 10.88 -21.06 20.61
N THR E 191 10.59 -22.37 20.49
CA THR E 191 10.51 -23.07 19.21
C THR E 191 9.33 -22.56 18.38
N PHE E 192 8.24 -22.14 19.06
CA PHE E 192 7.04 -21.63 18.37
C PHE E 192 7.35 -20.27 17.72
N SER E 193 8.09 -19.41 18.45
CA SER E 193 8.55 -18.12 17.94
C SER E 193 9.48 -18.32 16.75
N ASN E 194 10.22 -19.45 16.75
CA ASN E 194 11.10 -19.81 15.64
C ASN E 194 10.31 -19.89 14.35
N THR E 195 9.33 -20.82 14.32
CA THR E 195 8.53 -21.09 13.14
C THR E 195 7.82 -19.80 12.71
N GLY E 196 7.38 -18.99 13.70
CA GLY E 196 6.75 -17.71 13.45
C GLY E 196 7.62 -16.78 12.61
N PHE E 197 8.92 -16.74 12.94
CA PHE E 197 9.87 -15.82 12.32
C PHE E 197 10.19 -16.26 10.90
N TRP E 198 10.40 -17.60 10.71
CA TRP E 198 10.76 -18.16 9.39
C TRP E 198 9.60 -18.02 8.40
N SER E 199 8.35 -17.97 8.93
CA SER E 199 7.15 -17.75 8.12
C SER E 199 7.16 -16.35 7.53
N SER E 200 7.67 -15.38 8.31
CA SER E 200 7.81 -13.99 7.88
C SER E 200 8.98 -13.83 6.91
N VAL E 201 10.03 -14.67 7.06
CA VAL E 201 11.16 -14.70 6.11
C VAL E 201 10.65 -15.17 4.75
N TYR E 202 9.69 -16.12 4.76
CA TYR E 202 9.14 -16.72 3.54
C TYR E 202 8.23 -15.74 2.81
N ALA E 203 7.41 -14.99 3.60
CA ALA E 203 6.26 -14.24 3.10
C ALA E 203 6.69 -12.88 2.50
N THR E 204 7.89 -12.39 2.87
CA THR E 204 8.44 -11.13 2.29
C THR E 204 9.02 -11.39 0.89
N GLY E 205 9.06 -12.68 0.47
CA GLY E 205 9.50 -13.07 -0.86
C GLY E 205 8.40 -12.92 -1.91
N ALA E 206 7.16 -12.61 -1.45
CA ALA E 206 5.97 -12.62 -2.29
C ALA E 206 6.00 -11.44 -3.27
N GLN E 207 5.50 -11.68 -4.50
CA GLN E 207 5.46 -10.68 -5.58
C GLN E 207 4.12 -10.79 -6.30
N ASN E 208 3.59 -9.64 -6.76
CA ASN E 208 2.34 -9.58 -7.54
C ASN E 208 1.22 -10.23 -6.72
N ASP E 209 0.32 -10.98 -7.39
CA ASP E 209 -0.82 -11.62 -6.73
C ASP E 209 -0.32 -12.80 -5.90
N VAL E 210 -0.96 -13.02 -4.76
CA VAL E 210 -0.63 -14.10 -3.85
C VAL E 210 -1.92 -14.84 -3.50
N TYR E 211 -1.83 -16.18 -3.41
CA TYR E 211 -2.96 -17.03 -3.02
C TYR E 211 -2.78 -17.45 -1.56
N VAL E 212 -3.91 -17.55 -0.83
CA VAL E 212 -3.91 -18.07 0.53
C VAL E 212 -4.97 -19.17 0.61
N ILE E 213 -4.56 -20.39 1.03
CA ILE E 213 -5.48 -21.49 1.32
C ILE E 213 -5.89 -21.40 2.78
N ALA E 214 -7.10 -20.86 3.02
CA ALA E 214 -7.74 -20.85 4.33
C ALA E 214 -9.17 -21.32 4.19
N GLU E 215 -9.45 -22.58 4.57
CA GLU E 215 -10.79 -23.14 4.52
C GLU E 215 -11.52 -22.83 5.83
N GLY E 216 -12.80 -22.42 5.72
CA GLY E 216 -13.58 -21.96 6.85
C GLY E 216 -13.26 -20.51 7.23
N GLY E 217 -12.63 -19.79 6.28
CA GLY E 217 -12.22 -18.40 6.49
C GLY E 217 -10.95 -18.31 7.32
N VAL E 218 -10.69 -17.10 7.87
CA VAL E 218 -9.46 -16.79 8.58
C VAL E 218 -9.53 -17.39 9.98
N ARG E 219 -8.33 -17.60 10.61
CA ARG E 219 -8.18 -18.16 11.96
C ARG E 219 -7.34 -17.20 12.82
N LEU E 220 -8.01 -16.35 13.63
CA LEU E 220 -7.32 -15.36 14.48
C LEU E 220 -6.26 -16.08 15.30
N GLY E 221 -5.01 -15.53 15.29
CA GLY E 221 -3.94 -16.01 16.15
C GLY E 221 -3.22 -17.25 15.62
N ASN E 222 -3.36 -17.50 14.29
CA ASN E 222 -2.54 -18.50 13.59
C ASN E 222 -1.44 -17.77 12.83
N TYR E 223 -0.62 -18.52 12.07
CA TYR E 223 0.58 -18.00 11.41
C TYR E 223 0.23 -16.95 10.35
N PHE E 224 -0.82 -17.22 9.56
CA PHE E 224 -1.23 -16.30 8.50
C PHE E 224 -1.51 -14.94 9.10
N TRP E 225 -2.47 -14.92 10.04
CA TRP E 225 -2.97 -13.71 10.67
C TRP E 225 -1.85 -12.97 11.40
N ASN E 226 -0.97 -13.73 12.08
CA ASN E 226 -0.02 -13.18 13.05
C ASN E 226 1.20 -12.58 12.33
N VAL E 227 1.86 -13.36 11.43
CA VAL E 227 3.19 -12.99 10.94
C VAL E 227 3.23 -12.95 9.40
N GLU E 228 2.21 -13.49 8.71
CA GLU E 228 2.21 -13.54 7.23
C GLU E 228 1.50 -12.31 6.63
N LEU E 229 0.24 -12.06 7.06
CA LEU E 229 -0.59 -10.98 6.52
C LEU E 229 0.08 -9.62 6.75
N PRO E 230 0.62 -9.34 7.95
CA PRO E 230 1.34 -8.10 8.20
C PRO E 230 2.45 -7.83 7.17
N ALA E 231 3.23 -8.89 6.84
CA ALA E 231 4.38 -8.79 5.92
C ALA E 231 3.92 -8.57 4.48
N LEU E 232 2.74 -9.12 4.15
CA LEU E 232 2.12 -8.97 2.83
C LEU E 232 1.58 -7.57 2.65
N ARG E 233 0.96 -7.03 3.73
CA ARG E 233 0.37 -5.70 3.74
C ARG E 233 1.43 -4.66 3.44
N GLN E 234 2.58 -4.80 4.11
CA GLN E 234 3.72 -3.89 3.97
C GLN E 234 4.21 -3.93 2.52
N LEU E 235 4.17 -5.12 1.91
CA LEU E 235 4.61 -5.32 0.52
C LEU E 235 3.70 -4.58 -0.44
N GLN E 236 2.38 -4.62 -0.17
CA GLN E 236 1.36 -3.92 -0.96
C GLN E 236 1.61 -2.42 -0.90
N ARG E 237 1.82 -1.92 0.33
CA ARG E 237 2.04 -0.50 0.60
C ARG E 237 3.26 0.02 -0.17
N GLU E 238 4.11 -0.91 -0.65
CA GLU E 238 5.34 -0.58 -1.37
C GLU E 238 5.19 -0.89 -2.86
N GLY E 239 3.99 -1.37 -3.25
CA GLY E 239 3.65 -1.59 -4.66
C GLY E 239 4.16 -2.93 -5.20
N LEU E 240 4.78 -3.74 -4.32
CA LEU E 240 5.51 -4.94 -4.72
C LEU E 240 4.58 -6.15 -4.83
N VAL E 241 3.47 -6.14 -4.05
CA VAL E 241 2.40 -7.16 -4.11
C VAL E 241 1.11 -6.44 -4.52
N GLY E 242 0.19 -7.19 -5.14
CA GLY E 242 -1.11 -6.68 -5.57
C GLY E 242 -2.24 -7.24 -4.70
N GLU E 243 -3.04 -8.14 -5.29
CA GLU E 243 -4.20 -8.73 -4.62
C GLU E 243 -3.75 -9.93 -3.77
N ILE E 244 -4.19 -9.96 -2.49
CA ILE E 244 -4.11 -11.14 -1.63
C ILE E 244 -5.43 -11.91 -1.76
N ARG E 245 -5.44 -12.92 -2.65
CA ARG E 245 -6.63 -13.73 -2.96
C ARG E 245 -6.75 -14.85 -1.94
N LEU E 246 -7.89 -14.89 -1.22
CA LEU E 246 -8.10 -15.86 -0.15
C LEU E 246 -9.18 -16.85 -0.58
N LEU E 247 -8.84 -18.16 -0.52
CA LEU E 247 -9.73 -19.26 -0.92
C LEU E 247 -10.35 -19.89 0.34
N ASP E 248 -11.53 -19.37 0.75
CA ASP E 248 -12.18 -19.76 2.00
C ASP E 248 -13.29 -20.80 1.72
N LYS E 249 -13.64 -20.99 0.44
CA LYS E 249 -14.78 -21.84 0.04
C LYS E 249 -14.29 -23.27 -0.21
N PRO E 250 -15.20 -24.25 -0.45
CA PRO E 250 -14.79 -25.61 -0.82
C PRO E 250 -14.12 -25.67 -2.19
N VAL E 251 -13.31 -26.73 -2.42
CA VAL E 251 -12.45 -26.86 -3.60
C VAL E 251 -13.25 -26.59 -4.88
N SER E 252 -14.54 -27.01 -4.88
CA SER E 252 -15.37 -27.02 -6.09
C SER E 252 -15.83 -25.61 -6.50
N GLU E 253 -15.60 -24.59 -5.67
CA GLU E 253 -16.07 -23.24 -6.02
C GLU E 253 -14.96 -22.46 -6.74
N TYR E 254 -13.82 -23.15 -6.99
CA TYR E 254 -12.71 -22.64 -7.80
C TYR E 254 -12.51 -23.57 -8.99
N LYS E 255 -13.63 -24.21 -9.39
CA LYS E 255 -13.69 -25.17 -10.50
C LYS E 255 -13.78 -24.45 -11.83
N ASP E 256 -12.86 -24.77 -12.78
CA ASP E 256 -12.93 -24.25 -14.14
C ASP E 256 -13.13 -22.73 -14.13
N LEU E 257 -12.14 -22.01 -13.53
CA LEU E 257 -12.14 -20.56 -13.51
C LEU E 257 -10.77 -20.06 -13.90
N PRO E 258 -10.65 -18.82 -14.43
CA PRO E 258 -9.37 -18.19 -14.66
C PRO E 258 -8.74 -17.74 -13.36
N ALA E 259 -7.43 -17.46 -13.40
CA ALA E 259 -6.62 -17.22 -12.21
C ALA E 259 -7.13 -16.00 -11.40
N ASP E 260 -7.65 -14.96 -12.09
CA ASP E 260 -8.08 -13.72 -11.42
C ASP E 260 -9.45 -13.91 -10.74
N GLN E 261 -10.17 -14.96 -11.11
CA GLN E 261 -11.49 -15.27 -10.55
C GLN E 261 -11.36 -16.09 -9.27
N ILE E 262 -10.13 -16.57 -9.00
CA ILE E 262 -9.86 -17.48 -7.88
C ILE E 262 -9.56 -16.65 -6.64
N GLY E 263 -10.35 -16.88 -5.56
CA GLY E 263 -10.12 -16.26 -4.26
C GLY E 263 -10.84 -14.92 -4.15
N ARG E 264 -10.89 -14.39 -2.93
CA ARG E 264 -11.51 -13.10 -2.64
C ARG E 264 -10.66 -12.41 -1.56
N ARG E 265 -11.04 -11.16 -1.20
CA ARG E 265 -10.32 -10.38 -0.19
C ARG E 265 -10.86 -10.74 1.21
N LEU E 266 -10.01 -10.53 2.25
CA LEU E 266 -10.30 -10.92 3.64
C LEU E 266 -11.44 -10.09 4.19
N THR E 267 -11.45 -8.81 3.77
CA THR E 267 -12.31 -7.78 4.35
C THR E 267 -13.66 -7.75 3.63
N ASP E 268 -13.81 -8.62 2.61
CA ASP E 268 -15.10 -8.86 1.94
C ASP E 268 -16.09 -9.46 2.91
N ALA E 269 -17.39 -9.13 2.74
CA ALA E 269 -18.47 -9.66 3.56
C ALA E 269 -18.62 -11.15 3.31
N GLY E 270 -19.01 -11.91 4.35
CA GLY E 270 -19.34 -13.32 4.22
C GLY E 270 -18.17 -14.23 4.61
N VAL E 271 -16.96 -13.64 4.71
CA VAL E 271 -15.74 -14.35 5.14
C VAL E 271 -15.87 -14.66 6.63
N ALA E 272 -15.50 -15.89 7.01
CA ALA E 272 -15.72 -16.38 8.37
C ALA E 272 -14.42 -16.27 9.16
N VAL E 273 -14.54 -16.22 10.50
CA VAL E 273 -13.40 -16.18 11.41
C VAL E 273 -13.59 -17.30 12.45
N LYS E 274 -12.47 -17.95 12.86
CA LYS E 274 -12.47 -19.08 13.81
C LYS E 274 -11.38 -18.87 14.84
N VAL E 275 -11.62 -19.39 16.07
CA VAL E 275 -10.59 -19.59 17.09
C VAL E 275 -10.70 -21.06 17.57
N ARG E 276 -10.03 -21.38 18.68
CA ARG E 276 -10.10 -22.69 19.30
C ARG E 276 -10.83 -22.56 20.64
N PHE E 277 -10.61 -23.52 21.56
CA PHE E 277 -11.07 -23.39 22.95
C PHE E 277 -10.07 -22.51 23.73
N ASP E 278 -10.32 -21.20 23.69
CA ASP E 278 -9.38 -20.18 24.18
C ASP E 278 -10.07 -19.30 25.25
N ALA E 279 -11.34 -18.89 24.98
CA ALA E 279 -12.19 -18.20 25.95
C ALA E 279 -12.35 -19.06 27.20
N LEU E 280 -12.19 -18.43 28.39
CA LEU E 280 -12.15 -19.15 29.66
C LEU E 280 -13.58 -19.47 30.13
N SER E 281 -14.54 -18.64 29.76
CA SER E 281 -15.94 -18.90 30.11
C SER E 281 -16.65 -19.64 28.99
N HIS E 282 -16.60 -19.08 27.77
CA HIS E 282 -17.34 -19.67 26.65
C HIS E 282 -17.04 -21.18 26.59
N GLU E 283 -15.79 -21.54 26.91
CA GLU E 283 -15.42 -22.97 26.97
C GLU E 283 -16.53 -23.68 27.73
N ARG E 284 -16.77 -23.22 28.95
CA ARG E 284 -17.80 -23.86 29.81
C ARG E 284 -19.16 -23.77 29.12
N GLN E 285 -19.61 -22.55 28.79
CA GLN E 285 -20.98 -22.41 28.22
C GLN E 285 -21.08 -23.31 27.00
N ALA E 286 -20.04 -23.31 26.17
CA ALA E 286 -20.18 -24.09 24.94
C ALA E 286 -20.24 -25.60 25.25
N GLU E 287 -19.53 -26.02 26.32
CA GLU E 287 -19.39 -27.43 26.71
C GLU E 287 -20.74 -28.04 27.13
N LEU E 288 -21.44 -27.35 28.05
CA LEU E 288 -22.69 -27.84 28.66
C LEU E 288 -23.76 -28.12 27.60
N LEU E 289 -23.63 -27.49 26.44
CA LEU E 289 -24.60 -27.67 25.36
C LEU E 289 -24.04 -28.66 24.33
N ALA E 290 -22.69 -28.67 24.22
CA ALA E 290 -21.97 -29.37 23.15
C ALA E 290 -21.34 -30.68 23.64
N ASP E 291 -21.57 -31.05 24.91
CA ASP E 291 -21.17 -32.39 25.39
C ASP E 291 -22.37 -33.33 25.31
N ASN E 292 -23.44 -32.88 24.64
CA ASN E 292 -24.64 -33.69 24.42
C ASN E 292 -24.37 -34.65 23.28
N PRO E 293 -24.20 -34.12 22.06
CA PRO E 293 -23.68 -34.86 20.93
C PRO E 293 -22.22 -34.51 20.80
N ASP E 294 -21.39 -35.48 20.39
CA ASP E 294 -19.92 -35.32 20.21
C ASP E 294 -19.17 -34.53 21.33
N GLY E 295 -18.45 -33.43 20.95
CA GLY E 295 -17.80 -32.54 21.92
C GLY E 295 -16.70 -31.66 21.28
N TYR E 296 -15.78 -31.17 22.14
CA TYR E 296 -14.72 -30.22 21.76
C TYR E 296 -13.37 -30.65 22.33
N LYS E 297 -12.28 -30.06 21.78
CA LYS E 297 -10.93 -30.17 22.34
C LYS E 297 -10.34 -28.76 22.47
N ALA E 298 -9.04 -28.66 22.80
CA ALA E 298 -8.38 -27.36 22.94
C ALA E 298 -8.15 -26.73 21.57
N ASP E 299 -7.82 -27.58 20.57
CA ASP E 299 -7.50 -27.15 19.21
C ASP E 299 -8.74 -27.18 18.32
N THR E 300 -9.92 -27.46 18.89
CA THR E 300 -11.16 -27.48 18.11
C THR E 300 -11.51 -26.04 17.72
N LEU E 301 -12.07 -25.87 16.50
CA LEU E 301 -12.29 -24.54 15.91
C LEU E 301 -13.76 -24.13 16.04
N VAL E 302 -14.01 -23.11 16.90
CA VAL E 302 -15.34 -22.52 17.07
C VAL E 302 -15.47 -21.35 16.11
N GLU E 303 -16.62 -21.26 15.42
CA GLU E 303 -16.87 -20.15 14.52
C GLU E 303 -17.57 -19.03 15.29
N LEU E 304 -16.96 -17.82 15.26
CA LEU E 304 -17.50 -16.64 15.92
C LEU E 304 -18.45 -15.92 14.98
N ASP E 305 -19.51 -15.31 15.53
CA ASP E 305 -20.39 -14.46 14.74
C ASP E 305 -19.93 -13.02 14.88
N VAL E 306 -18.72 -12.75 14.38
CA VAL E 306 -18.20 -11.38 14.22
C VAL E 306 -17.91 -11.17 12.75
N LYS E 307 -18.26 -10.01 12.24
CA LYS E 307 -17.89 -9.64 10.91
C LYS E 307 -16.58 -8.88 10.98
N LEU E 308 -15.53 -9.44 10.36
CA LEU E 308 -14.21 -8.81 10.28
C LEU E 308 -14.28 -7.58 9.37
N SER E 309 -15.21 -7.64 8.39
CA SER E 309 -15.38 -6.63 7.34
C SER E 309 -15.97 -5.32 7.89
N ALA E 310 -16.47 -5.36 9.15
CA ALA E 310 -16.99 -4.19 9.84
C ALA E 310 -15.91 -3.12 10.00
N ILE E 311 -14.66 -3.56 10.23
CA ILE E 311 -13.53 -2.64 10.37
C ILE E 311 -13.24 -1.95 9.03
N ASP E 312 -13.47 -2.64 7.90
CA ASP E 312 -13.30 -2.04 6.57
C ASP E 312 -14.46 -1.07 6.30
N SER E 313 -15.68 -1.53 6.56
CA SER E 313 -16.88 -0.68 6.46
C SER E 313 -16.74 0.56 7.34
N MSE E 314 -15.99 0.42 8.45
CA MSE E 314 -15.75 1.54 9.36
C MSE E 314 -14.86 2.58 8.70
O MSE E 314 -15.01 3.76 8.96
CB MSE E 314 -15.07 1.09 10.65
CG MSE E 314 -14.52 2.29 11.49
SE MSE E 314 -13.78 1.88 13.27
CE MSE E 314 -11.95 1.27 12.91
N LEU E 315 -13.86 2.11 7.94
CA LEU E 315 -12.81 2.97 7.42
C LEU E 315 -13.37 3.83 6.28
N ARG E 316 -14.45 3.35 5.65
CA ARG E 316 -15.12 4.07 4.56
C ARG E 316 -16.14 5.05 5.14
N GLU E 317 -16.08 5.26 6.48
CA GLU E 317 -17.02 6.13 7.20
C GLU E 317 -16.25 7.12 8.08
N SER E 318 -14.90 7.13 7.95
CA SER E 318 -14.02 7.88 8.86
C SER E 318 -12.93 8.59 8.06
N LEU E 319 -12.38 7.89 7.04
CA LEU E 319 -11.38 8.45 6.13
C LEU E 319 -12.05 8.89 4.83
N PRO E 320 -11.74 10.11 4.32
CA PRO E 320 -12.23 10.58 3.03
C PRO E 320 -11.67 9.82 1.81
N PHE E 321 -12.60 9.26 1.00
CA PHE E 321 -12.33 8.66 -0.32
C PHE E 321 -11.59 7.30 -0.16
N TYR E 322 -11.68 6.70 1.04
CA TYR E 322 -11.04 5.40 1.30
C TYR E 322 -11.72 4.30 0.47
N SER E 323 -12.96 4.60 -0.01
CA SER E 323 -13.78 3.62 -0.74
C SER E 323 -13.37 3.55 -2.22
N LEU E 324 -12.78 4.65 -2.76
CA LEU E 324 -12.18 4.62 -4.11
C LEU E 324 -10.87 3.83 -4.10
N ARG E 325 -10.22 3.73 -2.92
CA ARG E 325 -9.03 2.89 -2.72
C ARG E 325 -9.39 1.42 -2.93
N THR E 326 -10.35 0.94 -2.14
CA THR E 326 -10.79 -0.45 -2.12
C THR E 326 -11.48 -0.85 -3.46
N GLU E 327 -12.15 0.14 -4.13
CA GLU E 327 -13.04 -0.11 -5.27
C GLU E 327 -12.32 0.14 -6.61
N ARG E 328 -11.55 1.26 -6.69
CA ARG E 328 -10.96 1.74 -7.94
C ARG E 328 -9.43 1.85 -7.82
N ASN E 329 -8.88 1.41 -6.66
CA ASN E 329 -7.42 1.41 -6.40
C ASN E 329 -6.84 2.82 -6.57
N LEU E 330 -7.56 3.83 -6.04
CA LEU E 330 -7.13 5.24 -6.08
C LEU E 330 -6.65 5.66 -4.70
N LEU E 331 -5.80 6.70 -4.66
CA LEU E 331 -5.36 7.31 -3.40
C LEU E 331 -5.55 8.82 -3.48
N VAL E 332 -6.64 9.31 -2.86
CA VAL E 332 -6.96 10.73 -2.83
C VAL E 332 -6.43 11.30 -1.53
N GLN E 333 -5.44 12.20 -1.63
CA GLN E 333 -4.88 12.87 -0.45
C GLN E 333 -5.07 14.37 -0.64
N GLU E 334 -5.03 15.14 0.46
CA GLU E 334 -5.22 16.59 0.37
C GLU E 334 -3.94 17.23 -0.15
N GLY E 335 -4.06 18.43 -0.71
CA GLY E 335 -2.94 19.09 -1.33
C GLY E 335 -3.02 20.59 -1.13
N GLU E 336 -2.01 21.31 -1.64
CA GLU E 336 -2.01 22.76 -1.66
C GLU E 336 -3.22 23.25 -2.44
N GLU E 337 -3.53 22.59 -3.58
CA GLU E 337 -4.51 23.10 -4.55
C GLU E 337 -5.75 22.16 -4.67
N GLY E 338 -6.04 21.37 -3.62
CA GLY E 338 -7.21 20.49 -3.65
C GLY E 338 -6.82 19.07 -3.27
N PHE E 339 -7.60 18.07 -3.71
CA PHE E 339 -7.19 16.67 -3.47
C PHE E 339 -6.39 16.18 -4.68
N GLU E 340 -5.28 15.50 -4.42
CA GLU E 340 -4.48 14.88 -5.48
C GLU E 340 -4.90 13.42 -5.60
N VAL E 341 -4.83 12.86 -6.82
CA VAL E 341 -5.26 11.48 -7.07
C VAL E 341 -4.13 10.76 -7.79
N ARG E 342 -3.75 9.59 -7.26
CA ARG E 342 -2.76 8.71 -7.89
C ARG E 342 -3.27 7.28 -7.78
N SER E 343 -2.73 6.38 -8.63
CA SER E 343 -2.97 4.94 -8.48
C SER E 343 -2.28 4.46 -7.21
N TRP E 344 -3.07 3.86 -6.29
CA TRP E 344 -2.60 3.34 -5.00
C TRP E 344 -1.43 2.40 -5.22
N PRO E 345 -0.29 2.51 -4.45
CA PRO E 345 -0.22 3.25 -3.19
C PRO E 345 0.16 4.72 -3.32
N GLY E 346 0.17 5.25 -4.55
CA GLY E 346 0.33 6.68 -4.81
C GLY E 346 1.76 7.19 -4.52
N ILE E 347 2.77 6.41 -4.90
CA ILE E 347 4.18 6.79 -4.78
C ILE E 347 4.79 6.95 -6.18
N ASP E 348 4.11 6.41 -7.19
CA ASP E 348 4.68 6.37 -8.56
C ASP E 348 4.06 7.41 -9.50
N GLY E 349 4.04 8.66 -9.10
CA GLY E 349 3.65 9.77 -10.01
C GLY E 349 2.29 9.78 -10.63
N LYS E 350 2.13 10.52 -11.71
CA LYS E 350 0.81 10.62 -12.40
C LYS E 350 -0.43 11.14 -11.69
N SER E 351 -0.45 12.43 -11.35
CA SER E 351 -1.37 13.01 -10.33
C SER E 351 -2.49 13.83 -10.97
N LYS E 352 -3.73 13.43 -10.72
CA LYS E 352 -4.89 14.19 -11.14
C LYS E 352 -5.44 14.91 -9.91
N THR E 353 -6.34 15.86 -10.12
CA THR E 353 -6.79 16.74 -9.04
C THR E 353 -8.31 16.77 -9.01
N ILE E 354 -8.86 16.84 -7.76
CA ILE E 354 -10.29 17.00 -7.49
C ILE E 354 -10.46 18.19 -6.56
N LEU E 355 -11.21 19.21 -7.02
CA LEU E 355 -11.48 20.41 -6.24
C LEU E 355 -12.93 20.39 -5.81
N LEU E 356 -13.17 20.53 -4.49
CA LEU E 356 -14.51 20.65 -3.91
C LEU E 356 -14.71 22.09 -3.46
N ASP E 357 -15.89 22.66 -3.74
CA ASP E 357 -16.22 23.99 -3.25
C ASP E 357 -16.32 23.94 -1.71
N ASN E 358 -16.39 22.70 -1.15
CA ASN E 358 -16.44 22.44 0.30
C ASN E 358 -15.72 21.11 0.61
N PRO E 359 -14.39 21.13 0.85
CA PRO E 359 -13.62 19.89 1.04
C PRO E 359 -13.99 19.08 2.30
N GLU E 360 -14.51 19.76 3.33
CA GLU E 360 -14.68 19.18 4.67
C GLU E 360 -16.12 18.69 4.87
N ASP E 361 -17.04 19.12 3.99
CA ASP E 361 -18.42 18.62 3.95
C ASP E 361 -18.40 17.17 3.48
N ALA E 362 -18.88 16.25 4.34
CA ALA E 362 -18.87 14.80 4.10
C ALA E 362 -19.83 14.42 2.97
N ALA E 363 -20.85 15.27 2.74
CA ALA E 363 -21.90 15.04 1.73
C ALA E 363 -21.34 15.23 0.31
N GLN E 364 -20.47 16.25 0.14
CA GLN E 364 -19.86 16.62 -1.15
C GLN E 364 -18.78 15.61 -1.54
N GLN E 365 -18.10 15.03 -0.51
CA GLN E 365 -17.12 13.95 -0.69
C GLN E 365 -17.81 12.72 -1.23
N LYS E 366 -19.00 12.42 -0.67
CA LYS E 366 -19.75 11.20 -0.96
C LYS E 366 -20.33 11.26 -2.38
N SER E 367 -20.78 12.45 -2.79
CA SER E 367 -21.32 12.67 -4.13
C SER E 367 -20.26 12.32 -5.19
N ILE E 368 -19.07 12.95 -5.09
CA ILE E 368 -18.00 12.80 -6.10
C ILE E 368 -17.32 11.43 -5.95
N GLU E 369 -17.37 10.82 -4.75
CA GLU E 369 -17.09 9.39 -4.57
C GLU E 369 -17.95 8.58 -5.55
N ARG E 370 -19.28 8.82 -5.49
CA ARG E 370 -20.28 8.05 -6.22
C ARG E 370 -20.27 8.39 -7.70
N PHE E 371 -19.88 9.62 -8.03
CA PHE E 371 -19.71 10.04 -9.42
C PHE E 371 -18.53 9.28 -10.06
N ILE E 372 -17.39 9.20 -9.35
CA ILE E 372 -16.15 8.59 -9.86
C ILE E 372 -16.36 7.08 -10.06
N LEU E 373 -17.05 6.45 -9.10
CA LEU E 373 -17.42 5.04 -9.21
C LEU E 373 -18.31 4.82 -10.45
N ALA E 374 -19.25 5.76 -10.68
CA ALA E 374 -20.26 5.64 -11.73
C ALA E 374 -19.61 5.68 -13.12
N ASN E 375 -18.55 6.51 -13.30
CA ASN E 375 -18.10 6.95 -14.62
C ASN E 375 -16.70 6.39 -14.97
N PHE E 376 -15.94 5.94 -13.96
CA PHE E 376 -14.54 5.54 -14.16
C PHE E 376 -14.30 4.17 -13.51
N ASP E 377 -13.68 3.25 -14.29
CA ASP E 377 -13.36 1.90 -13.84
C ASP E 377 -11.95 1.85 -13.26
N ASN E 378 -11.06 2.78 -13.72
CA ASN E 378 -9.67 2.85 -13.24
C ASN E 378 -9.19 4.30 -13.31
N PHE E 379 -7.98 4.55 -12.72
CA PHE E 379 -7.42 5.88 -12.51
C PHE E 379 -7.08 6.55 -13.84
N GLU E 380 -6.65 5.73 -14.81
CA GLU E 380 -6.13 6.22 -16.10
C GLU E 380 -7.29 6.59 -17.02
N GLN E 381 -8.52 6.60 -16.45
CA GLN E 381 -9.76 6.86 -17.19
C GLN E 381 -10.31 8.25 -16.80
N MSE E 382 -9.75 8.82 -15.73
CA MSE E 382 -10.27 10.04 -15.16
C MSE E 382 -9.71 11.25 -15.94
O MSE E 382 -8.72 11.10 -16.65
CB MSE E 382 -9.92 10.11 -13.66
CG MSE E 382 -10.63 9.09 -12.83
SE MSE E 382 -9.96 9.07 -10.94
CE MSE E 382 -10.66 10.81 -10.19
N PRO E 383 -10.18 12.47 -15.55
CA PRO E 383 -9.69 13.67 -16.26
C PRO E 383 -8.65 14.29 -15.29
N ASP E 384 -7.68 15.05 -15.82
CA ASP E 384 -6.55 15.61 -15.05
C ASP E 384 -7.08 16.54 -13.94
N GLU E 385 -8.29 17.10 -14.14
CA GLU E 385 -8.98 17.91 -13.14
C GLU E 385 -10.47 17.54 -13.14
N LEU E 386 -11.09 17.58 -11.93
CA LEU E 386 -12.50 17.25 -11.68
C LEU E 386 -13.03 18.24 -10.63
N PHE E 387 -14.22 18.82 -10.84
CA PHE E 387 -14.77 19.85 -9.94
C PHE E 387 -16.22 19.52 -9.55
N LEU E 388 -16.50 19.60 -8.22
CA LEU E 388 -17.88 19.69 -7.69
C LEU E 388 -18.12 21.11 -7.19
N VAL E 389 -18.78 21.92 -8.05
CA VAL E 389 -19.02 23.35 -7.81
C VAL E 389 -20.48 23.60 -8.09
N ASP E 390 -21.15 24.45 -7.29
CA ASP E 390 -22.43 25.07 -7.68
C ASP E 390 -23.48 23.98 -8.02
N ASN E 391 -23.33 22.79 -7.38
CA ASN E 391 -24.24 21.64 -7.53
C ASN E 391 -24.10 21.00 -8.93
N LYS E 392 -22.92 21.13 -9.55
CA LYS E 392 -22.61 20.47 -10.82
C LYS E 392 -21.20 19.86 -10.75
N VAL E 393 -20.92 18.93 -11.68
CA VAL E 393 -19.62 18.27 -11.82
C VAL E 393 -19.08 18.58 -13.21
N LEU E 394 -17.84 19.08 -13.30
CA LEU E 394 -17.19 19.36 -14.58
C LEU E 394 -15.78 18.76 -14.56
N SER E 395 -15.06 18.90 -15.70
CA SER E 395 -13.71 18.35 -15.86
C SER E 395 -12.92 19.25 -16.81
N HIS E 396 -11.61 18.98 -16.92
CA HIS E 396 -10.74 19.70 -17.86
C HIS E 396 -9.62 18.75 -18.30
N HIS E 397 -9.70 18.24 -19.55
CA HIS E 397 -8.68 17.37 -20.13
C HIS E 397 -7.82 18.16 -21.13
N ASP E 398 -8.50 18.96 -21.99
CA ASP E 398 -7.90 20.09 -22.71
C ASP E 398 -8.87 21.27 -22.66
N GLY E 399 -10.18 20.96 -22.89
CA GLY E 399 -11.28 21.92 -22.78
C GLY E 399 -12.32 21.43 -21.76
N ARG E 400 -13.04 22.42 -21.17
CA ARG E 400 -13.91 22.25 -19.98
C ARG E 400 -15.35 21.92 -20.42
N THR E 401 -15.94 20.88 -19.77
CA THR E 401 -17.33 20.46 -19.98
C THR E 401 -17.97 20.20 -18.61
N ARG E 402 -19.27 20.59 -18.47
CA ARG E 402 -20.07 20.35 -17.26
C ARG E 402 -20.88 19.06 -17.44
N ILE E 403 -20.49 18.00 -16.71
CA ILE E 403 -20.90 16.63 -17.02
C ILE E 403 -22.31 16.37 -16.49
N ILE E 404 -22.66 16.98 -15.32
CA ILE E 404 -23.97 16.74 -14.65
C ILE E 404 -24.29 17.92 -13.72
N ALA E 405 -25.55 18.43 -13.83
CA ALA E 405 -26.14 19.36 -12.86
C ALA E 405 -27.03 18.58 -11.90
N GLN E 406 -27.37 19.19 -10.75
CA GLN E 406 -28.19 18.54 -9.72
C GLN E 406 -29.24 19.50 -9.17
N LYS E 407 -30.53 19.17 -9.41
CA LYS E 407 -31.68 19.80 -8.73
C LYS E 407 -32.53 18.71 -8.05
N GLU E 408 -32.04 18.24 -6.87
CA GLU E 408 -32.62 17.09 -6.10
C GLU E 408 -32.16 15.74 -6.70
N ASP E 409 -31.54 15.80 -7.90
CA ASP E 409 -31.33 14.65 -8.78
C ASP E 409 -30.08 14.90 -9.61
N GLY E 410 -29.42 13.83 -10.04
CA GLY E 410 -28.36 13.93 -11.02
C GLY E 410 -28.89 13.84 -12.45
N ALA E 411 -28.84 14.99 -13.16
CA ALA E 411 -29.08 15.06 -14.62
C ALA E 411 -27.73 15.19 -15.33
N TRP E 412 -27.62 14.55 -16.52
CA TRP E 412 -26.37 14.52 -17.30
C TRP E 412 -26.47 15.51 -18.47
N THR E 413 -25.32 15.76 -19.13
CA THR E 413 -25.20 16.79 -20.18
C THR E 413 -25.65 18.16 -19.63
N LEU F 7 -41.20 4.79 3.71
CA LEU F 7 -40.32 4.65 4.90
C LEU F 7 -39.88 6.04 5.37
N THR F 8 -38.62 6.19 5.79
CA THR F 8 -38.14 7.50 6.21
C THR F 8 -38.06 8.38 4.98
N GLU F 9 -38.59 9.62 5.06
CA GLU F 9 -38.47 10.57 3.96
C GLU F 9 -37.01 10.82 3.67
N GLU F 10 -36.24 11.07 4.74
CA GLU F 10 -34.84 11.43 4.64
C GLU F 10 -34.09 10.36 3.85
N GLN F 11 -34.36 9.10 4.19
CA GLN F 11 -33.74 7.94 3.56
C GLN F 11 -34.11 7.87 2.07
N ILE F 12 -35.40 8.07 1.71
CA ILE F 12 -35.77 7.89 0.28
C ILE F 12 -35.06 8.94 -0.57
N ALA F 13 -34.86 10.15 -0.03
CA ALA F 13 -34.19 11.24 -0.75
C ALA F 13 -32.75 10.82 -1.09
N GLU F 14 -32.04 10.30 -0.09
CA GLU F 14 -30.62 9.98 -0.23
C GLU F 14 -30.40 8.88 -1.25
N PHE F 15 -31.33 7.94 -1.35
CA PHE F 15 -31.15 6.79 -2.22
C PHE F 15 -31.40 7.18 -3.70
N LYS F 16 -32.29 8.17 -3.93
CA LYS F 16 -32.56 8.68 -5.29
C LYS F 16 -31.44 9.65 -5.70
N GLU F 17 -30.80 10.32 -4.71
CA GLU F 17 -29.59 11.14 -4.92
C GLU F 17 -28.45 10.24 -5.43
N ALA F 18 -28.17 9.16 -4.69
CA ALA F 18 -27.13 8.18 -5.02
C ALA F 18 -27.48 7.44 -6.32
N PHE F 19 -28.73 6.99 -6.43
CA PHE F 19 -29.20 6.17 -7.56
C PHE F 19 -29.04 6.93 -8.89
N SER F 20 -29.50 8.19 -8.90
CA SER F 20 -29.49 9.07 -10.07
C SER F 20 -28.08 9.24 -10.63
N LEU F 21 -27.06 9.18 -9.75
CA LEU F 21 -25.65 9.31 -10.12
C LEU F 21 -25.20 8.09 -10.93
N PHE F 22 -25.66 6.90 -10.52
CA PHE F 22 -25.28 5.64 -11.16
C PHE F 22 -26.10 5.42 -12.44
N ASP F 23 -27.36 5.89 -12.45
CA ASP F 23 -28.23 5.85 -13.63
C ASP F 23 -27.80 6.93 -14.62
N LYS F 24 -26.63 6.71 -15.27
CA LYS F 24 -26.04 7.67 -16.22
C LYS F 24 -26.93 7.77 -17.47
N ASP F 25 -27.56 6.65 -17.83
CA ASP F 25 -28.32 6.50 -19.06
C ASP F 25 -29.66 7.25 -18.96
N GLY F 26 -30.14 7.44 -17.70
CA GLY F 26 -31.32 8.26 -17.41
C GLY F 26 -32.64 7.50 -17.57
N ASP F 27 -32.52 6.18 -17.84
CA ASP F 27 -33.66 5.30 -18.11
C ASP F 27 -34.34 4.88 -16.81
N GLY F 28 -33.82 5.38 -15.67
CA GLY F 28 -34.35 5.07 -14.34
C GLY F 28 -33.93 3.66 -13.86
N THR F 29 -32.86 3.15 -14.41
CA THR F 29 -32.34 1.79 -14.17
C THR F 29 -30.83 1.83 -13.93
N ILE F 30 -30.30 0.89 -13.12
CA ILE F 30 -28.85 0.74 -12.95
C ILE F 30 -28.42 -0.58 -13.64
N THR F 31 -27.08 -0.85 -13.65
CA THR F 31 -26.50 -1.89 -14.51
C THR F 31 -26.79 -3.30 -13.97
N THR F 32 -26.99 -3.44 -12.62
CA THR F 32 -27.32 -4.73 -11.90
C THR F 32 -26.10 -5.64 -11.73
N LYS F 33 -24.95 -5.18 -12.20
CA LYS F 33 -23.68 -5.81 -11.90
C LYS F 33 -22.99 -4.96 -10.84
N GLU F 34 -23.31 -3.65 -10.88
CA GLU F 34 -22.67 -2.62 -10.09
C GLU F 34 -23.68 -2.01 -9.11
N LEU F 35 -24.68 -2.79 -8.69
CA LEU F 35 -25.61 -2.35 -7.65
C LEU F 35 -25.05 -2.71 -6.28
N GLY F 36 -24.02 -3.59 -6.25
CA GLY F 36 -23.22 -3.84 -5.05
C GLY F 36 -22.44 -2.59 -4.63
N THR F 37 -21.96 -1.83 -5.63
CA THR F 37 -21.18 -0.61 -5.43
C THR F 37 -22.03 0.46 -4.74
N VAL F 38 -23.31 0.56 -5.15
CA VAL F 38 -24.25 1.57 -4.64
C VAL F 38 -24.64 1.24 -3.19
N MSE F 39 -24.84 -0.05 -2.92
CA MSE F 39 -25.20 -0.48 -1.58
C MSE F 39 -24.03 -0.16 -0.64
O MSE F 39 -24.24 0.37 0.44
CB MSE F 39 -25.53 -1.97 -1.57
CG MSE F 39 -26.38 -2.42 -2.74
SE MSE F 39 -27.58 -4.00 -2.36
CE MSE F 39 -28.31 -3.57 -0.56
N ARG F 40 -22.82 -0.43 -1.10
CA ARG F 40 -21.64 -0.36 -0.26
C ARG F 40 -21.31 1.12 0.07
N SER F 41 -21.64 2.04 -0.86
CA SER F 41 -21.40 3.48 -0.65
C SER F 41 -22.48 4.08 0.25
N LEU F 42 -23.65 3.40 0.35
CA LEU F 42 -24.77 3.86 1.18
C LEU F 42 -24.74 3.17 2.58
N GLY F 43 -23.68 2.36 2.83
CA GLY F 43 -23.37 1.88 4.18
C GLY F 43 -23.92 0.47 4.46
N GLN F 44 -24.26 -0.27 3.39
CA GLN F 44 -24.75 -1.64 3.50
C GLN F 44 -23.80 -2.57 2.74
N ASN F 45 -23.24 -3.58 3.48
CA ASN F 45 -22.27 -4.54 2.93
C ASN F 45 -22.91 -5.93 2.85
N PRO F 46 -23.64 -6.25 1.74
CA PRO F 46 -24.27 -7.54 1.58
C PRO F 46 -23.27 -8.53 0.98
N THR F 47 -23.28 -9.78 1.49
CA THR F 47 -22.36 -10.84 1.06
C THR F 47 -22.75 -11.27 -0.36
N GLU F 48 -21.81 -11.88 -1.09
CA GLU F 48 -22.03 -12.28 -2.47
C GLU F 48 -23.35 -13.08 -2.57
N ALA F 49 -23.53 -14.02 -1.65
CA ALA F 49 -24.72 -14.83 -1.63
C ALA F 49 -25.96 -13.95 -1.52
N GLU F 50 -25.95 -12.99 -0.58
CA GLU F 50 -27.11 -12.12 -0.35
C GLU F 50 -27.43 -11.34 -1.60
N LEU F 51 -26.39 -10.81 -2.24
CA LEU F 51 -26.57 -10.04 -3.47
C LEU F 51 -27.24 -10.93 -4.50
N GLN F 52 -26.75 -12.17 -4.63
CA GLN F 52 -27.31 -13.14 -5.56
C GLN F 52 -28.78 -13.41 -5.28
N ASP F 53 -29.11 -13.65 -3.99
CA ASP F 53 -30.51 -13.88 -3.61
C ASP F 53 -31.34 -12.71 -4.13
N MSE F 54 -30.90 -11.48 -3.83
CA MSE F 54 -31.63 -10.29 -4.25
C MSE F 54 -31.70 -10.22 -5.78
O MSE F 54 -32.77 -9.98 -6.34
CB MSE F 54 -30.98 -9.04 -3.64
CG MSE F 54 -31.03 -9.00 -2.13
SE MSE F 54 -30.40 -7.27 -1.34
CE MSE F 54 -28.48 -7.42 -1.46
N ILE F 55 -30.60 -10.54 -6.46
CA ILE F 55 -30.61 -10.53 -7.92
C ILE F 55 -31.60 -11.58 -8.44
N ASN F 56 -31.71 -12.72 -7.78
CA ASN F 56 -32.61 -13.77 -8.25
C ASN F 56 -34.06 -13.33 -8.11
N GLU F 57 -34.42 -12.59 -7.04
CA GLU F 57 -35.83 -12.24 -6.81
C GLU F 57 -36.35 -11.42 -8.00
N VAL F 58 -35.58 -10.45 -8.49
CA VAL F 58 -36.03 -9.76 -9.69
C VAL F 58 -35.13 -10.13 -10.85
N ASP F 59 -35.63 -11.02 -11.72
CA ASP F 59 -34.86 -11.57 -12.83
C ASP F 59 -34.32 -10.42 -13.68
N ALA F 60 -33.04 -10.51 -14.01
CA ALA F 60 -32.37 -9.56 -14.88
C ALA F 60 -32.38 -10.10 -16.30
N ASP F 61 -33.59 -10.37 -16.85
CA ASP F 61 -33.72 -10.84 -18.22
C ASP F 61 -32.94 -9.91 -19.14
N GLY F 62 -33.09 -8.58 -18.93
CA GLY F 62 -32.22 -7.56 -19.52
C GLY F 62 -31.08 -7.22 -18.55
N ASN F 63 -30.12 -6.42 -18.97
CA ASN F 63 -29.01 -6.11 -18.08
C ASN F 63 -29.49 -5.12 -17.00
N GLY F 64 -30.09 -5.66 -15.93
CA GLY F 64 -30.57 -4.85 -14.82
C GLY F 64 -32.06 -4.54 -14.93
N THR F 65 -32.87 -5.36 -14.22
CA THR F 65 -34.32 -5.14 -14.02
C THR F 65 -34.54 -4.33 -12.73
N ILE F 66 -33.41 -3.96 -12.11
CA ILE F 66 -33.30 -3.26 -10.84
C ILE F 66 -33.50 -1.76 -11.07
N ASP F 67 -34.73 -1.30 -10.81
CA ASP F 67 -35.13 0.10 -10.92
C ASP F 67 -35.30 0.65 -9.50
N PHE F 68 -35.56 1.94 -9.37
CA PHE F 68 -35.54 2.59 -8.07
C PHE F 68 -36.52 1.90 -7.10
N PRO F 69 -37.77 1.60 -7.51
CA PRO F 69 -38.72 0.90 -6.65
C PRO F 69 -38.24 -0.47 -6.17
N GLU F 70 -37.50 -1.19 -7.01
CA GLU F 70 -36.92 -2.47 -6.59
C GLU F 70 -35.70 -2.20 -5.75
N PHE F 71 -34.85 -1.31 -6.25
CA PHE F 71 -33.65 -0.91 -5.55
C PHE F 71 -33.99 -0.48 -4.13
N LEU F 72 -35.12 0.24 -3.98
CA LEU F 72 -35.62 0.68 -2.67
C LEU F 72 -35.96 -0.54 -1.81
N THR F 73 -36.51 -1.60 -2.46
CA THR F 73 -36.93 -2.84 -1.79
C THR F 73 -35.69 -3.53 -1.18
N MSE F 74 -34.66 -3.75 -2.02
CA MSE F 74 -33.47 -4.49 -1.60
C MSE F 74 -32.86 -3.84 -0.35
O MSE F 74 -32.44 -4.54 0.56
CB MSE F 74 -32.45 -4.53 -2.74
CG MSE F 74 -32.90 -5.40 -3.93
SE MSE F 74 -33.21 -7.27 -3.33
CE MSE F 74 -34.80 -7.79 -4.40
N MSE F 75 -32.82 -2.50 -0.32
CA MSE F 75 -32.06 -1.78 0.68
C MSE F 75 -32.68 -2.00 2.07
O MSE F 75 -31.98 -2.30 3.01
CB MSE F 75 -31.99 -0.29 0.34
CG MSE F 75 -31.00 0.05 -0.78
SE MSE F 75 -29.04 0.11 -0.22
CE MSE F 75 -29.10 1.20 1.45
N ALA F 76 -34.02 -1.86 2.16
CA ALA F 76 -34.72 -1.97 3.42
C ALA F 76 -34.46 -3.34 4.08
N ARG F 77 -34.37 -4.40 3.24
CA ARG F 77 -34.15 -5.78 3.71
C ARG F 77 -32.88 -5.85 4.54
N LYS F 78 -31.73 -5.45 3.92
CA LYS F 78 -30.39 -5.55 4.51
C LYS F 78 -30.26 -4.61 5.72
N MSE F 79 -31.07 -3.56 5.75
CA MSE F 79 -30.87 -2.45 6.67
C MSE F 79 -31.09 -2.89 8.11
O MSE F 79 -30.21 -2.73 8.95
CB MSE F 79 -31.83 -1.30 6.36
CG MSE F 79 -31.67 -0.74 5.01
SE MSE F 79 -31.95 1.19 4.93
CE MSE F 79 -30.99 1.83 6.61
N LYS F 80 -32.29 -3.40 8.41
CA LYS F 80 -32.70 -3.65 9.78
C LYS F 80 -32.31 -5.08 10.19
N ASP F 81 -31.69 -5.83 9.24
CA ASP F 81 -31.19 -7.19 9.48
C ASP F 81 -29.70 -7.16 9.88
N THR F 82 -29.15 -5.92 10.03
CA THR F 82 -27.78 -5.70 10.49
C THR F 82 -27.75 -4.51 11.44
N ASP F 83 -26.90 -4.61 12.48
CA ASP F 83 -26.63 -3.51 13.40
C ASP F 83 -25.18 -3.08 13.20
N SER F 84 -24.97 -2.05 12.34
CA SER F 84 -23.63 -1.53 11.97
C SER F 84 -22.76 -1.31 13.21
N GLU F 85 -23.38 -0.80 14.30
CA GLU F 85 -22.68 -0.27 15.47
C GLU F 85 -22.09 -1.41 16.31
N GLU F 86 -22.89 -2.47 16.56
CA GLU F 86 -22.48 -3.58 17.43
C GLU F 86 -21.48 -4.50 16.68
N GLU F 87 -21.59 -4.54 15.34
CA GLU F 87 -20.70 -5.35 14.52
C GLU F 87 -19.26 -4.90 14.72
N ILE F 88 -19.04 -3.56 14.79
CA ILE F 88 -17.71 -2.99 15.06
C ILE F 88 -17.30 -3.33 16.50
N ARG F 89 -18.24 -3.16 17.48
CA ARG F 89 -18.03 -3.58 18.87
C ARG F 89 -17.62 -5.04 18.93
N GLU F 90 -18.46 -5.90 18.35
CA GLU F 90 -18.26 -7.34 18.43
C GLU F 90 -16.92 -7.69 17.77
N ALA F 91 -16.56 -6.92 16.70
CA ALA F 91 -15.28 -7.07 15.99
C ALA F 91 -14.10 -6.70 16.90
N PHE F 92 -14.16 -5.50 17.51
CA PHE F 92 -13.11 -5.03 18.43
C PHE F 92 -13.14 -5.86 19.74
N ARG F 93 -14.36 -6.23 20.21
CA ARG F 93 -14.56 -6.97 21.47
C ARG F 93 -13.81 -8.30 21.45
N VAL F 94 -13.67 -8.89 20.24
CA VAL F 94 -13.08 -10.23 20.04
C VAL F 94 -11.62 -10.22 20.47
N PHE F 95 -11.02 -9.01 20.55
CA PHE F 95 -9.61 -8.84 20.87
C PHE F 95 -9.46 -8.43 22.34
N ASP F 96 -10.61 -8.34 23.06
CA ASP F 96 -10.65 -7.92 24.46
C ASP F 96 -10.54 -9.15 25.36
N LYS F 97 -9.33 -9.73 25.41
CA LYS F 97 -9.06 -10.99 26.09
C LYS F 97 -9.54 -10.90 27.55
N ASP F 98 -9.01 -9.88 28.28
CA ASP F 98 -9.32 -9.68 29.71
C ASP F 98 -10.69 -8.98 29.90
N GLY F 99 -11.37 -8.69 28.77
CA GLY F 99 -12.80 -8.37 28.75
C GLY F 99 -13.15 -7.02 29.41
N ASN F 100 -12.14 -6.14 29.58
CA ASN F 100 -12.36 -4.77 30.08
C ASN F 100 -12.75 -3.88 28.90
N GLY F 101 -12.99 -2.59 29.17
CA GLY F 101 -13.31 -1.63 28.12
C GLY F 101 -12.24 -1.58 27.02
N TYR F 102 -11.00 -1.96 27.37
CA TYR F 102 -9.78 -1.51 26.69
C TYR F 102 -9.10 -2.67 25.94
N ILE F 103 -8.34 -2.30 24.89
CA ILE F 103 -7.39 -3.20 24.23
C ILE F 103 -6.02 -2.49 24.20
N SER F 104 -4.99 -3.22 23.72
CA SER F 104 -3.61 -2.72 23.67
C SER F 104 -3.40 -1.95 22.34
N ALA F 105 -2.55 -0.91 22.39
CA ALA F 105 -2.20 -0.10 21.21
C ALA F 105 -1.45 -0.96 20.19
N ALA F 106 -0.66 -1.94 20.70
CA ALA F 106 0.03 -2.94 19.87
C ALA F 106 -0.99 -3.83 19.15
N GLU F 107 -1.98 -4.35 19.92
CA GLU F 107 -3.07 -5.19 19.39
C GLU F 107 -3.87 -4.42 18.31
N LEU F 108 -4.27 -3.16 18.63
CA LEU F 108 -5.12 -2.32 17.75
C LEU F 108 -4.37 -1.99 16.44
N ARG F 109 -3.05 -1.81 16.55
CA ARG F 109 -2.18 -1.51 15.40
C ARG F 109 -2.10 -2.73 14.49
N HIS F 110 -2.16 -3.93 15.10
CA HIS F 110 -2.06 -5.21 14.40
C HIS F 110 -3.37 -5.51 13.66
N VAL F 111 -4.51 -5.20 14.28
CA VAL F 111 -5.82 -5.40 13.68
C VAL F 111 -6.00 -4.44 12.50
N MSE F 112 -5.43 -3.23 12.63
CA MSE F 112 -5.67 -2.17 11.66
C MSE F 112 -4.77 -2.34 10.43
O MSE F 112 -5.11 -1.86 9.36
CB MSE F 112 -5.47 -0.79 12.31
CG MSE F 112 -6.55 -0.40 13.34
SE MSE F 112 -8.49 -0.72 12.80
CE MSE F 112 -8.56 0.02 10.93
N THR F 113 -3.65 -3.03 10.59
CA THR F 113 -2.76 -3.31 9.48
C THR F 113 -3.31 -4.46 8.64
N ASN F 114 -3.82 -5.49 9.32
CA ASN F 114 -4.31 -6.71 8.68
C ASN F 114 -5.65 -6.43 8.00
N LEU F 115 -6.58 -5.81 8.75
CA LEU F 115 -7.92 -5.52 8.24
C LEU F 115 -7.94 -4.20 7.50
N GLY F 116 -6.81 -3.48 7.54
CA GLY F 116 -6.69 -2.20 6.85
C GLY F 116 -6.13 -2.38 5.45
N GLU F 117 -6.97 -2.82 4.55
CA GLU F 117 -6.58 -3.33 3.24
C GLU F 117 -5.86 -2.24 2.41
N LYS F 118 -6.41 -1.03 2.33
CA LYS F 118 -5.76 0.00 1.50
C LYS F 118 -5.29 1.14 2.40
N LEU F 119 -4.74 0.81 3.56
CA LEU F 119 -4.27 1.82 4.50
C LEU F 119 -2.80 2.12 4.25
N THR F 120 -2.22 2.93 5.16
CA THR F 120 -0.82 3.37 5.06
C THR F 120 -0.17 3.17 6.42
N ASP F 121 1.16 3.04 6.47
CA ASP F 121 1.86 2.93 7.75
C ASP F 121 1.56 4.15 8.60
N GLU F 122 1.78 5.36 8.00
CA GLU F 122 1.67 6.63 8.69
C GLU F 122 0.21 6.92 9.08
N GLU F 123 -0.73 6.48 8.23
CA GLU F 123 -2.16 6.50 8.53
C GLU F 123 -2.44 5.71 9.80
N VAL F 124 -1.95 4.45 9.81
CA VAL F 124 -2.04 3.55 10.96
C VAL F 124 -1.28 4.17 12.13
N ASP F 125 -0.03 4.63 11.87
CA ASP F 125 0.80 5.32 12.87
C ASP F 125 -0.02 6.42 13.56
N GLN F 126 -0.59 7.33 12.73
CA GLN F 126 -1.22 8.58 13.20
C GLN F 126 -2.54 8.30 13.92
N MSE F 127 -3.22 7.21 13.52
CA MSE F 127 -4.53 6.92 14.08
C MSE F 127 -4.38 6.17 15.42
O MSE F 127 -5.26 6.25 16.26
CB MSE F 127 -5.39 6.13 13.08
CG MSE F 127 -4.96 4.69 12.82
SE MSE F 127 -6.15 3.79 11.42
CE MSE F 127 -7.64 3.15 12.53
N ILE F 128 -3.23 5.51 15.64
CA ILE F 128 -2.92 4.90 16.94
C ILE F 128 -2.69 6.01 17.96
N ARG F 129 -2.00 7.10 17.52
CA ARG F 129 -1.61 8.23 18.38
C ARG F 129 -2.83 8.98 18.88
N GLU F 130 -3.97 8.85 18.15
CA GLU F 130 -5.23 9.49 18.52
C GLU F 130 -5.99 8.59 19.52
N ALA F 131 -5.75 7.27 19.43
CA ALA F 131 -6.31 6.30 20.37
C ALA F 131 -5.61 6.40 21.73
N ASP F 132 -4.28 6.62 21.67
CA ASP F 132 -3.43 6.62 22.86
C ASP F 132 -3.10 8.05 23.27
N ILE F 133 -4.15 8.82 23.65
CA ILE F 133 -4.02 10.21 24.14
C ILE F 133 -3.33 10.23 25.51
N ASP F 134 -3.81 9.37 26.43
CA ASP F 134 -3.26 9.27 27.79
C ASP F 134 -1.78 8.93 27.71
N GLY F 135 -1.40 8.10 26.72
CA GLY F 135 0.00 7.73 26.47
C GLY F 135 0.42 6.45 27.20
N ASP F 136 -0.57 5.77 27.84
CA ASP F 136 -0.33 4.64 28.75
C ASP F 136 -0.29 3.32 27.97
N GLY F 137 -0.68 3.35 26.68
CA GLY F 137 -0.49 2.23 25.75
C GLY F 137 -1.78 1.39 25.57
N GLN F 138 -2.86 1.81 26.22
CA GLN F 138 -4.17 1.14 26.17
C GLN F 138 -5.16 2.03 25.40
N VAL F 139 -6.21 1.42 24.79
CA VAL F 139 -7.17 2.12 23.94
C VAL F 139 -8.58 1.57 24.22
N ASN F 140 -9.46 2.44 24.75
CA ASN F 140 -10.90 2.22 24.72
C ASN F 140 -11.30 2.18 23.24
N TYR F 141 -11.78 1.00 22.77
CA TYR F 141 -12.05 0.78 21.35
C TYR F 141 -13.42 1.38 20.99
N GLU F 142 -14.36 1.39 21.95
CA GLU F 142 -15.67 2.04 21.77
C GLU F 142 -15.48 3.56 21.60
N GLU F 143 -14.50 4.13 22.34
CA GLU F 143 -14.12 5.55 22.24
C GLU F 143 -13.41 5.82 20.90
N PHE F 144 -12.57 4.86 20.46
CA PHE F 144 -11.77 4.98 19.24
C PHE F 144 -12.68 5.00 18.00
N VAL F 145 -13.83 4.30 18.07
CA VAL F 145 -14.81 4.23 16.96
C VAL F 145 -15.52 5.58 16.84
N GLN F 146 -16.11 6.05 17.96
CA GLN F 146 -16.89 7.29 18.01
C GLN F 146 -16.03 8.47 17.56
N MSE F 147 -14.72 8.29 17.61
CA MSE F 147 -13.77 9.32 17.18
C MSE F 147 -13.39 9.10 15.71
O MSE F 147 -12.60 9.86 15.17
CB MSE F 147 -12.54 9.27 18.08
CG MSE F 147 -11.39 10.11 17.64
SE MSE F 147 -9.87 9.95 18.89
CE MSE F 147 -9.12 8.22 18.34
N MSE F 148 -13.95 8.06 15.10
CA MSE F 148 -13.86 7.87 13.66
C MSE F 148 -15.27 7.83 13.07
O MSE F 148 -15.46 7.51 11.91
CB MSE F 148 -13.07 6.59 13.36
CG MSE F 148 -11.69 6.53 14.07
SE MSE F 148 -10.20 5.98 12.84
CE MSE F 148 -9.35 7.75 12.39
N THR F 149 -16.26 8.19 13.89
CA THR F 149 -17.65 8.32 13.47
C THR F 149 -18.13 9.72 13.85
N ALA F 150 -17.40 10.75 13.37
CA ALA F 150 -17.67 12.16 13.70
C ALA F 150 -17.56 13.03 12.43
N SER G 10 20.71 0.82 -37.97
CA SER G 10 20.85 0.24 -36.60
C SER G 10 20.86 1.38 -35.57
N LEU G 11 20.01 1.26 -34.53
CA LEU G 11 19.68 2.38 -33.65
C LEU G 11 20.85 2.68 -32.69
N VAL G 12 21.58 1.63 -32.24
CA VAL G 12 22.81 1.80 -31.42
C VAL G 12 23.97 2.27 -32.29
N ALA G 13 23.94 1.90 -33.58
CA ALA G 13 25.01 2.20 -34.52
C ALA G 13 25.15 3.72 -34.69
N ALA G 14 24.02 4.40 -34.95
CA ALA G 14 23.96 5.85 -35.05
C ALA G 14 24.33 6.50 -33.73
N ARG G 15 24.06 5.77 -32.64
CA ARG G 15 24.33 6.22 -31.29
C ARG G 15 25.83 6.21 -31.02
N ALA G 16 26.51 5.17 -31.55
CA ALA G 16 27.96 5.00 -31.44
C ALA G 16 28.71 5.93 -32.41
N GLU G 17 28.02 6.34 -33.50
CA GLU G 17 28.54 7.33 -34.45
C GLU G 17 28.63 8.69 -33.76
N LYS G 18 27.75 8.91 -32.77
CA LYS G 18 27.68 10.13 -31.98
C LYS G 18 28.83 10.16 -30.98
N VAL G 19 29.01 9.04 -30.26
CA VAL G 19 29.98 8.91 -29.17
C VAL G 19 31.42 8.95 -29.72
N ALA G 20 31.63 8.25 -30.86
CA ALA G 20 32.90 8.24 -31.58
C ALA G 20 33.31 9.66 -31.96
N ASN G 21 32.33 10.44 -32.46
CA ASN G 21 32.57 11.83 -32.91
C ASN G 21 33.07 12.66 -31.73
N LEU G 22 32.41 12.52 -30.57
CA LEU G 22 32.73 13.29 -29.35
C LEU G 22 34.14 12.95 -28.85
N TYR G 23 34.54 11.67 -28.97
CA TYR G 23 35.80 11.16 -28.43
C TYR G 23 36.99 11.70 -29.23
N ARG G 24 36.81 11.79 -30.57
CA ARG G 24 37.82 12.29 -31.50
C ARG G 24 38.06 13.78 -31.26
N TRP G 25 36.95 14.52 -31.01
CA TRP G 25 36.97 15.94 -30.68
C TRP G 25 37.71 16.18 -29.36
N LEU G 26 37.56 15.24 -28.41
CA LEU G 26 38.17 15.34 -27.07
C LEU G 26 39.65 14.96 -27.12
N ASP G 27 39.97 14.04 -28.07
CA ASP G 27 41.32 13.56 -28.31
C ASP G 27 41.90 14.28 -29.53
N THR G 28 41.42 15.49 -29.80
CA THR G 28 41.88 16.30 -30.92
C THR G 28 43.30 16.83 -30.65
N ASP G 29 43.56 17.29 -29.41
CA ASP G 29 44.83 17.93 -29.09
C ASP G 29 45.96 16.90 -29.10
N ASN G 30 45.81 15.81 -28.36
CA ASN G 30 46.78 14.74 -28.43
C ASN G 30 46.35 13.80 -29.51
N ASP G 31 46.89 13.90 -30.71
CA ASP G 31 46.32 13.14 -31.82
C ASP G 31 46.68 11.66 -31.65
N VAL G 32 45.86 10.96 -30.83
CA VAL G 32 46.06 9.57 -30.44
C VAL G 32 45.11 8.68 -31.20
N ALA G 33 43.99 9.27 -31.62
CA ALA G 33 42.94 8.54 -32.32
C ALA G 33 43.49 8.02 -33.64
N THR G 34 43.14 6.78 -33.98
CA THR G 34 43.51 6.20 -35.27
C THR G 34 42.23 5.82 -36.01
N ASP G 35 42.35 5.10 -37.11
CA ASP G 35 41.15 4.74 -37.83
C ASP G 35 40.38 3.65 -37.06
N LYS G 36 41.08 2.64 -36.53
CA LYS G 36 40.38 1.52 -35.93
C LYS G 36 40.29 1.71 -34.42
N TYR G 37 40.95 2.72 -33.88
CA TYR G 37 40.98 2.94 -32.43
C TYR G 37 40.52 4.35 -32.10
N VAL G 38 39.53 4.47 -31.21
CA VAL G 38 39.12 5.76 -30.68
C VAL G 38 39.17 5.68 -29.17
N PRO G 39 39.90 6.57 -28.47
CA PRO G 39 40.09 6.43 -27.03
C PRO G 39 38.84 6.71 -26.22
N VAL G 40 38.80 6.14 -25.02
CA VAL G 40 37.76 6.41 -24.05
C VAL G 40 38.28 7.45 -23.07
N PRO G 41 37.73 8.68 -23.09
CA PRO G 41 38.25 9.77 -22.26
C PRO G 41 38.49 9.31 -20.82
N GLY G 42 39.75 9.42 -20.34
CA GLY G 42 40.08 9.15 -18.94
C GLY G 42 40.59 7.72 -18.71
N PHE G 43 40.18 6.78 -19.58
CA PHE G 43 40.54 5.35 -19.45
C PHE G 43 41.74 5.03 -20.35
N GLU G 44 42.84 4.55 -19.72
CA GLU G 44 44.08 4.24 -20.44
C GLU G 44 43.90 2.95 -21.22
N ARG G 45 44.78 2.72 -22.21
CA ARG G 45 44.76 1.50 -23.02
C ARG G 45 46.03 0.71 -22.75
N VAL G 46 45.88 -0.63 -22.61
CA VAL G 46 46.98 -1.52 -22.22
C VAL G 46 46.85 -2.83 -23.00
N ASP G 47 47.33 -2.86 -24.25
CA ASP G 47 47.28 -4.07 -25.07
C ASP G 47 48.41 -5.01 -24.62
N VAL G 48 48.20 -6.34 -24.78
CA VAL G 48 49.28 -7.34 -24.62
C VAL G 48 49.15 -8.37 -25.75
N ASP G 49 50.01 -9.38 -25.69
CA ASP G 49 50.07 -10.39 -26.71
C ASP G 49 49.64 -11.69 -26.08
N VAL G 50 48.75 -12.42 -26.77
CA VAL G 50 48.32 -13.73 -26.32
C VAL G 50 48.51 -14.70 -27.47
N SER G 51 48.81 -15.96 -27.17
CA SER G 51 48.87 -16.98 -28.19
C SER G 51 47.47 -17.43 -28.53
N ASP G 52 47.29 -18.03 -29.72
CA ASP G 52 45.96 -18.53 -30.12
C ASP G 52 45.49 -19.60 -29.13
N GLU G 53 46.43 -20.41 -28.58
CA GLU G 53 46.08 -21.37 -27.53
C GLU G 53 45.27 -20.67 -26.45
N VAL G 54 45.85 -19.63 -25.84
CA VAL G 54 45.20 -18.99 -24.70
C VAL G 54 44.00 -18.17 -25.17
N LYS G 55 44.08 -17.57 -26.37
CA LYS G 55 42.97 -16.77 -26.91
C LYS G 55 41.77 -17.67 -27.16
N GLN G 56 42.00 -18.83 -27.79
CA GLN G 56 40.90 -19.76 -28.13
C GLN G 56 40.22 -20.23 -26.84
N ARG G 57 40.99 -20.44 -25.77
CA ARG G 57 40.46 -20.84 -24.47
C ARG G 57 39.47 -19.78 -23.95
N MSE G 58 39.83 -18.48 -24.12
CA MSE G 58 38.98 -17.39 -23.65
C MSE G 58 37.67 -17.36 -24.43
O MSE G 58 36.61 -17.19 -23.85
CB MSE G 58 39.71 -16.06 -23.80
CG MSE G 58 40.69 -15.74 -22.69
SE MSE G 58 41.78 -14.15 -23.25
CE MSE G 58 42.08 -13.20 -21.56
N ILE G 59 37.76 -17.48 -25.76
CA ILE G 59 36.59 -17.46 -26.62
C ILE G 59 35.72 -18.68 -26.33
N GLN G 60 36.39 -19.80 -25.95
CA GLN G 60 35.74 -21.07 -25.64
C GLN G 60 34.91 -20.93 -24.36
N SER G 61 35.50 -20.26 -23.35
CA SER G 61 34.83 -19.96 -22.07
C SER G 61 33.59 -19.12 -22.33
N MSE G 62 33.76 -18.10 -23.19
CA MSE G 62 32.71 -17.13 -23.50
C MSE G 62 31.52 -17.85 -24.16
O MSE G 62 30.38 -17.68 -23.73
CB MSE G 62 33.30 -16.07 -24.44
CG MSE G 62 32.44 -14.88 -24.67
SE MSE G 62 32.00 -13.94 -22.98
CE MSE G 62 33.84 -13.66 -22.16
N SER G 63 31.80 -18.64 -25.21
CA SER G 63 30.77 -19.33 -25.96
C SER G 63 29.95 -20.24 -25.02
N GLY G 64 30.63 -20.83 -24.02
CA GLY G 64 29.99 -21.69 -23.03
C GLY G 64 29.01 -20.91 -22.15
N TYR G 65 29.44 -19.69 -21.74
CA TYR G 65 28.64 -18.79 -20.87
C TYR G 65 27.37 -18.34 -21.61
N ILE G 66 27.52 -18.06 -22.92
CA ILE G 66 26.43 -17.55 -23.78
C ILE G 66 25.44 -18.68 -24.11
N GLU G 67 25.95 -19.93 -24.20
CA GLU G 67 25.18 -21.06 -24.71
C GLU G 67 24.45 -21.78 -23.58
N HIS G 68 24.98 -21.69 -22.35
CA HIS G 68 24.46 -22.46 -21.21
C HIS G 68 24.06 -21.50 -20.10
N THR G 69 23.43 -20.39 -20.53
CA THR G 69 22.73 -19.46 -19.66
C THR G 69 21.37 -19.15 -20.28
N ASP G 70 20.50 -18.49 -19.54
CA ASP G 70 19.23 -18.09 -20.11
C ASP G 70 19.41 -16.69 -20.67
N ASN G 71 19.39 -16.58 -21.99
CA ASN G 71 19.57 -15.31 -22.65
C ASN G 71 18.97 -15.42 -24.04
N GLN G 72 18.77 -14.29 -24.73
CA GLN G 72 18.11 -14.30 -26.02
C GLN G 72 19.13 -14.47 -27.14
N VAL G 73 20.24 -15.16 -26.89
CA VAL G 73 21.20 -15.39 -27.97
C VAL G 73 20.99 -16.78 -28.54
N PRO G 74 20.88 -16.93 -29.87
CA PRO G 74 20.73 -18.26 -30.48
C PRO G 74 21.98 -19.10 -30.21
N LYS G 75 21.79 -20.41 -29.98
CA LYS G 75 22.89 -21.34 -29.68
C LYS G 75 23.88 -21.37 -30.86
N ASP G 76 23.33 -21.28 -32.09
CA ASP G 76 24.12 -21.20 -33.33
C ASP G 76 25.20 -20.15 -33.21
N GLN G 77 24.80 -18.94 -32.76
CA GLN G 77 25.58 -17.72 -32.91
C GLN G 77 26.35 -17.42 -31.62
N ALA G 78 26.55 -18.47 -30.78
CA ALA G 78 27.25 -18.36 -29.50
C ALA G 78 28.77 -18.19 -29.73
N GLU G 79 29.37 -19.15 -30.47
CA GLU G 79 30.80 -19.12 -30.77
C GLU G 79 31.15 -17.82 -31.51
N ALA G 80 30.22 -17.36 -32.39
CA ALA G 80 30.40 -16.17 -33.24
C ALA G 80 30.45 -14.88 -32.42
N LEU G 81 29.48 -14.73 -31.48
CA LEU G 81 29.37 -13.56 -30.60
C LEU G 81 30.58 -13.46 -29.67
N ALA G 82 31.03 -14.62 -29.15
CA ALA G 82 32.16 -14.73 -28.22
C ALA G 82 33.45 -14.29 -28.92
N THR G 83 33.59 -14.68 -30.21
CA THR G 83 34.70 -14.26 -31.06
C THR G 83 34.73 -12.73 -31.14
N LEU G 84 33.61 -12.15 -31.61
CA LEU G 84 33.47 -10.71 -31.82
C LEU G 84 33.76 -9.95 -30.52
N PHE G 85 33.01 -10.28 -29.45
CA PHE G 85 33.13 -9.60 -28.16
C PHE G 85 34.57 -9.67 -27.64
N VAL G 86 35.11 -10.90 -27.55
CA VAL G 86 36.47 -11.16 -27.07
C VAL G 86 37.46 -10.30 -27.88
N GLU G 87 37.40 -10.43 -29.22
CA GLU G 87 38.32 -9.76 -30.14
C GLU G 87 38.21 -8.23 -29.99
N SER G 88 36.96 -7.73 -30.00
CA SER G 88 36.66 -6.29 -29.95
C SER G 88 37.07 -5.65 -28.62
N THR G 89 37.41 -6.49 -27.62
CA THR G 89 37.73 -6.01 -26.26
C THR G 89 39.25 -5.91 -26.07
N LEU G 90 39.99 -7.00 -26.44
CA LEU G 90 41.45 -7.07 -26.27
C LEU G 90 42.15 -6.24 -27.35
N ASP G 91 41.66 -6.31 -28.60
CA ASP G 91 41.86 -5.24 -29.59
C ASP G 91 40.96 -4.09 -29.21
N TYR G 92 41.46 -2.85 -29.24
CA TYR G 92 40.62 -1.69 -28.94
C TYR G 92 39.92 -1.23 -30.22
N ASP G 93 39.30 -2.22 -30.90
CA ASP G 93 38.76 -2.08 -32.25
C ASP G 93 37.36 -1.45 -32.19
N TRP G 94 37.24 -0.19 -32.65
CA TRP G 94 36.02 0.59 -32.50
C TRP G 94 34.89 -0.03 -33.30
N ASP G 95 35.16 -0.32 -34.60
CA ASP G 95 34.14 -0.85 -35.52
C ASP G 95 33.58 -2.18 -34.98
N LYS G 96 34.47 -2.97 -34.33
CA LYS G 96 34.11 -4.28 -33.79
C LYS G 96 33.25 -4.12 -32.52
N ARG G 97 33.64 -3.17 -31.64
CA ARG G 97 32.92 -2.88 -30.41
C ARG G 97 31.48 -2.45 -30.73
N VAL G 98 31.32 -1.79 -31.89
CA VAL G 98 30.01 -1.38 -32.42
C VAL G 98 29.30 -2.61 -32.97
N GLU G 99 30.03 -3.39 -33.81
CA GLU G 99 29.53 -4.61 -34.42
C GLU G 99 28.84 -5.48 -33.35
N PHE G 100 29.44 -5.53 -32.13
CA PHE G 100 28.95 -6.38 -31.01
C PHE G 100 27.60 -5.85 -30.51
N LEU G 101 27.53 -4.53 -30.24
CA LEU G 101 26.28 -3.83 -29.83
C LEU G 101 25.16 -4.03 -30.87
N THR G 102 25.53 -3.99 -32.15
CA THR G 102 24.61 -4.15 -33.27
C THR G 102 23.97 -5.54 -33.24
N LYS G 103 24.75 -6.55 -32.85
CA LYS G 103 24.27 -7.94 -32.74
C LYS G 103 23.29 -8.08 -31.57
N LEU G 104 23.69 -7.59 -30.39
CA LEU G 104 22.85 -7.61 -29.18
C LEU G 104 21.47 -7.05 -29.50
N GLU G 105 21.46 -5.86 -30.15
CA GLU G 105 20.23 -5.18 -30.58
C GLU G 105 19.38 -6.11 -31.44
N SER G 106 20.04 -6.81 -32.39
CA SER G 106 19.40 -7.76 -33.32
C SER G 106 18.73 -8.94 -32.58
N TYR G 107 19.22 -9.25 -31.34
CA TYR G 107 18.70 -10.36 -30.51
C TYR G 107 17.59 -9.83 -29.58
N GLY G 108 17.22 -8.55 -29.76
CA GLY G 108 16.11 -7.94 -29.02
C GLY G 108 16.57 -7.26 -27.73
N TYR G 109 17.90 -7.03 -27.61
CA TYR G 109 18.48 -6.29 -26.49
C TYR G 109 18.54 -4.82 -26.86
N SER G 110 17.60 -4.05 -26.25
CA SER G 110 17.42 -2.63 -26.51
C SER G 110 18.45 -1.83 -25.73
N PHE G 111 18.90 -0.71 -26.34
CA PHE G 111 19.81 0.24 -25.68
C PHE G 111 19.10 1.59 -25.53
N GLU G 112 17.76 1.52 -25.57
CA GLU G 112 16.88 2.66 -25.42
C GLU G 112 15.81 2.27 -24.44
N ALA G 113 15.46 3.19 -23.54
CA ALA G 113 14.35 2.95 -22.62
C ALA G 113 13.06 2.88 -23.43
N PRO G 114 12.13 1.97 -23.08
CA PRO G 114 10.92 1.78 -23.87
C PRO G 114 9.98 3.00 -23.94
N HIS G 115 9.75 3.66 -22.82
CA HIS G 115 8.86 4.81 -22.79
C HIS G 115 9.67 6.06 -22.98
N ALA G 116 10.15 6.32 -24.18
CA ALA G 116 11.11 7.40 -24.38
C ALA G 116 10.48 8.74 -23.95
N GLU G 117 9.26 9.03 -24.43
CA GLU G 117 8.68 10.36 -24.25
C GLU G 117 8.35 10.60 -22.78
N LYS G 118 7.96 9.56 -22.05
CA LYS G 118 7.53 9.76 -20.67
C LYS G 118 8.42 8.97 -19.73
N SER G 119 9.67 9.44 -19.64
CA SER G 119 10.69 8.90 -18.75
C SER G 119 11.85 9.91 -18.69
N ILE G 120 12.65 9.85 -17.63
CA ILE G 120 13.79 10.76 -17.47
C ILE G 120 15.03 9.92 -17.28
N VAL G 121 15.99 10.04 -18.23
CA VAL G 121 17.26 9.31 -18.19
C VAL G 121 18.14 9.94 -17.13
N SER G 122 18.51 9.15 -16.10
CA SER G 122 19.18 9.65 -14.91
C SER G 122 20.50 8.92 -14.74
N PHE G 123 21.39 9.51 -13.92
CA PHE G 123 22.72 8.97 -13.66
C PHE G 123 22.89 8.86 -12.15
N TRP G 124 23.52 7.80 -11.69
CA TRP G 124 23.72 7.56 -10.27
C TRP G 124 25.17 7.14 -10.07
N SER G 125 25.92 7.91 -9.29
CA SER G 125 27.32 7.62 -9.08
C SER G 125 27.53 7.36 -7.61
N GLY G 126 26.52 6.76 -6.96
CA GLY G 126 26.52 6.68 -5.50
C GLY G 126 26.35 5.24 -4.98
N LYS G 127 25.68 5.15 -3.81
CA LYS G 127 25.53 3.91 -3.03
C LYS G 127 24.03 3.60 -2.84
N ASN G 128 23.25 4.65 -2.55
CA ASN G 128 21.84 4.54 -2.19
C ASN G 128 20.95 4.80 -3.40
N PHE G 129 21.36 4.30 -4.58
CA PHE G 129 20.76 4.73 -5.85
C PHE G 129 19.26 4.40 -5.88
N LYS G 130 18.88 3.25 -5.26
CA LYS G 130 17.51 2.75 -5.30
C LYS G 130 16.57 3.71 -4.56
N GLN G 131 16.98 4.12 -3.35
CA GLN G 131 16.21 5.02 -2.45
C GLN G 131 15.94 6.37 -3.13
N TYR G 132 17.00 6.93 -3.77
CA TYR G 132 16.97 8.17 -4.54
C TYR G 132 15.97 8.09 -5.69
N ARG G 133 15.95 6.93 -6.39
CA ARG G 133 15.08 6.67 -7.54
C ARG G 133 13.61 6.81 -7.13
N ASP G 134 13.27 6.21 -5.96
CA ASP G 134 11.91 6.09 -5.48
C ASP G 134 11.38 7.45 -5.06
N ILE G 135 12.24 8.25 -4.40
CA ILE G 135 11.93 9.63 -4.00
C ILE G 135 11.69 10.48 -5.25
N LEU G 136 12.60 10.34 -6.25
CA LEU G 136 12.53 11.11 -7.51
C LEU G 136 11.25 10.79 -8.27
N ASP G 137 10.84 9.52 -8.25
CA ASP G 137 9.62 9.04 -8.90
C ASP G 137 8.39 9.52 -8.14
N ASN G 138 8.53 9.70 -6.82
CA ASN G 138 7.44 10.15 -5.96
C ASN G 138 7.04 11.59 -6.32
N ALA G 139 8.06 12.44 -6.58
CA ALA G 139 7.90 13.87 -6.80
C ALA G 139 7.48 14.17 -8.25
N GLN G 140 7.59 13.15 -9.13
CA GLN G 140 7.27 13.29 -10.55
C GLN G 140 5.78 13.05 -10.77
N THR G 141 4.97 14.13 -10.63
CA THR G 141 3.50 14.05 -10.67
C THR G 141 3.02 14.14 -12.13
N ASP G 142 3.97 13.97 -13.07
CA ASP G 142 3.76 14.16 -14.51
C ASP G 142 3.29 12.84 -15.16
N GLY G 143 3.83 11.70 -14.66
CA GLY G 143 3.67 10.42 -15.33
C GLY G 143 5.03 9.83 -15.76
N LYS G 144 6.07 10.69 -15.80
CA LYS G 144 7.45 10.25 -16.04
C LYS G 144 7.98 9.53 -14.80
N LYS G 145 8.70 8.39 -15.05
CA LYS G 145 9.54 7.72 -14.02
C LYS G 145 11.01 7.94 -14.40
N VAL G 146 11.93 7.73 -13.46
CA VAL G 146 13.36 7.88 -13.73
C VAL G 146 13.89 6.57 -14.30
N VAL G 147 14.99 6.66 -15.07
CA VAL G 147 15.57 5.56 -15.83
C VAL G 147 17.06 5.51 -15.50
N TYR G 148 17.51 4.34 -14.99
CA TYR G 148 18.92 4.06 -14.71
C TYR G 148 19.45 3.13 -15.81
N ASP G 149 20.79 2.97 -15.87
CA ASP G 149 21.42 2.21 -16.94
C ASP G 149 21.18 0.70 -16.73
N ILE G 150 20.79 0.28 -15.49
CA ILE G 150 20.50 -1.15 -15.20
C ILE G 150 19.22 -1.58 -15.91
N ASP G 151 18.29 -0.60 -16.09
CA ASP G 151 16.99 -0.81 -16.71
C ASP G 151 17.16 -1.22 -18.18
N VAL G 152 18.15 -0.62 -18.85
CA VAL G 152 18.37 -0.80 -20.28
C VAL G 152 18.94 -2.20 -20.54
N LYS G 153 18.23 -2.96 -21.41
CA LYS G 153 18.38 -4.41 -21.54
C LYS G 153 19.72 -4.77 -22.19
N GLY G 154 20.17 -3.93 -23.15
CA GLY G 154 21.45 -4.13 -23.85
C GLY G 154 22.66 -3.99 -22.93
N ASN G 155 22.70 -2.87 -22.16
CA ASN G 155 23.78 -2.57 -21.20
C ASN G 155 23.85 -3.67 -20.15
N ALA G 156 22.68 -4.05 -19.61
CA ALA G 156 22.58 -5.12 -18.62
C ALA G 156 23.38 -6.35 -19.09
N PHE G 157 23.12 -6.78 -20.34
CA PHE G 157 23.60 -8.05 -20.88
C PHE G 157 25.06 -7.93 -21.30
N ALA G 158 25.39 -6.80 -21.96
CA ALA G 158 26.77 -6.49 -22.35
C ALA G 158 27.69 -6.55 -21.15
N ILE G 159 27.22 -6.03 -20.01
CA ILE G 159 27.98 -5.96 -18.77
C ILE G 159 28.09 -7.36 -18.13
N ASP G 160 27.14 -8.27 -18.49
CA ASP G 160 27.18 -9.67 -18.04
C ASP G 160 28.33 -10.42 -18.71
N LEU G 161 28.46 -10.23 -20.04
CA LEU G 161 29.54 -10.84 -20.84
C LEU G 161 30.90 -10.27 -20.41
N ASN G 162 30.93 -8.94 -20.24
CA ASN G 162 32.10 -8.19 -19.78
C ASN G 162 32.57 -8.75 -18.44
N LYS G 163 31.61 -8.91 -17.49
CA LYS G 163 31.91 -9.31 -16.10
C LYS G 163 32.45 -10.75 -16.05
N HIS G 164 31.97 -11.61 -16.97
CA HIS G 164 32.42 -13.00 -17.04
C HIS G 164 33.87 -13.07 -17.48
N LEU G 165 34.22 -12.24 -18.50
CA LEU G 165 35.59 -12.08 -18.99
C LEU G 165 36.53 -11.66 -17.86
N MSE G 166 36.04 -10.82 -16.95
CA MSE G 166 36.83 -10.35 -15.82
C MSE G 166 37.12 -11.50 -14.86
O MSE G 166 38.18 -11.56 -14.27
CB MSE G 166 36.09 -9.25 -15.06
CG MSE G 166 35.83 -8.04 -15.87
SE MSE G 166 34.82 -6.59 -14.86
CE MSE G 166 36.10 -6.17 -13.37
N ARG G 167 36.10 -12.34 -14.64
CA ARG G 167 36.22 -13.51 -13.78
C ARG G 167 37.27 -14.44 -14.34
N TRP G 168 37.20 -14.65 -15.65
CA TRP G 168 38.04 -15.62 -16.35
C TRP G 168 39.52 -15.29 -16.17
N GLY G 169 39.88 -14.00 -16.17
CA GLY G 169 41.26 -13.61 -15.87
C GLY G 169 41.61 -13.87 -14.41
N GLY G 170 40.70 -13.44 -13.51
CA GLY G 170 40.89 -13.52 -12.07
C GLY G 170 40.87 -14.96 -11.52
N LEU G 171 40.00 -15.82 -12.11
CA LEU G 171 39.83 -17.19 -11.66
C LEU G 171 40.93 -18.12 -12.24
N PHE G 172 41.74 -17.65 -13.18
CA PHE G 172 42.62 -18.57 -13.88
C PHE G 172 44.08 -18.08 -13.90
N LEU G 173 44.91 -18.80 -14.68
CA LEU G 173 46.35 -18.55 -14.79
C LEU G 173 46.98 -18.61 -13.40
N ASP G 174 47.88 -17.63 -13.08
CA ASP G 174 48.51 -17.53 -11.76
C ASP G 174 49.13 -16.13 -11.63
N PRO G 175 48.79 -15.35 -10.57
CA PRO G 175 49.22 -13.94 -10.48
C PRO G 175 50.70 -13.71 -10.14
N ASP G 176 51.20 -14.33 -9.05
CA ASP G 176 52.59 -14.16 -8.64
C ASP G 176 53.50 -14.28 -9.87
N ASN G 177 53.23 -15.30 -10.70
CA ASN G 177 53.94 -15.49 -11.96
C ASN G 177 53.64 -14.28 -12.84
N ALA G 178 54.70 -13.56 -13.29
CA ALA G 178 54.56 -12.24 -13.92
C ALA G 178 54.08 -12.30 -15.41
N GLU G 179 54.57 -13.23 -16.25
CA GLU G 179 54.17 -13.18 -17.67
C GLU G 179 52.69 -13.58 -17.77
N GLN G 180 52.21 -14.23 -16.71
CA GLN G 180 50.83 -14.66 -16.60
C GLN G 180 49.95 -13.47 -16.20
N ASN G 181 50.41 -12.69 -15.20
CA ASN G 181 49.63 -11.57 -14.65
C ASN G 181 49.55 -10.41 -15.65
N GLN G 182 50.49 -10.37 -16.63
CA GLN G 182 50.57 -9.32 -17.65
C GLN G 182 49.25 -9.20 -18.40
N LEU G 183 48.64 -10.36 -18.72
CA LEU G 183 47.37 -10.41 -19.43
C LEU G 183 46.23 -9.96 -18.51
N LYS G 184 46.26 -10.37 -17.24
CA LYS G 184 45.20 -10.01 -16.29
C LYS G 184 45.09 -8.48 -16.19
N SER G 185 46.25 -7.80 -16.28
CA SER G 185 46.33 -6.32 -16.30
C SER G 185 45.76 -5.76 -17.60
N SER G 186 45.90 -6.54 -18.70
CA SER G 186 45.43 -6.13 -20.03
C SER G 186 43.93 -6.42 -20.21
N ILE G 187 43.43 -7.52 -19.61
CA ILE G 187 41.99 -7.80 -19.50
C ILE G 187 41.33 -6.72 -18.67
N ASP G 188 41.87 -6.51 -17.45
CA ASP G 188 41.26 -5.62 -16.45
C ASP G 188 41.01 -4.24 -17.07
N ALA G 189 41.95 -3.80 -17.93
CA ALA G 189 41.97 -2.46 -18.54
C ALA G 189 40.99 -2.37 -19.72
N ALA G 190 40.94 -3.44 -20.55
CA ALA G 190 40.15 -3.48 -21.78
C ALA G 190 38.67 -3.54 -21.44
N THR G 191 38.31 -4.37 -20.44
CA THR G 191 36.93 -4.53 -19.99
C THR G 191 36.47 -3.23 -19.31
N PHE G 192 37.43 -2.51 -18.69
CA PHE G 192 37.21 -1.19 -18.10
C PHE G 192 36.95 -0.16 -19.20
N SER G 193 37.67 -0.29 -20.33
CA SER G 193 37.48 0.59 -21.48
C SER G 193 36.15 0.29 -22.17
N ASN G 194 35.63 -0.93 -21.95
CA ASN G 194 34.31 -1.32 -22.48
C ASN G 194 33.22 -0.54 -21.75
N THR G 195 33.28 -0.63 -20.44
CA THR G 195 32.24 -0.18 -19.54
C THR G 195 32.03 1.35 -19.68
N GLY G 196 33.14 2.09 -19.97
CA GLY G 196 33.12 3.53 -20.24
C GLY G 196 32.38 3.87 -21.53
N PHE G 197 32.64 3.08 -22.61
CA PHE G 197 32.01 3.27 -23.94
C PHE G 197 30.50 3.05 -23.85
N TRP G 198 30.08 2.12 -22.97
CA TRP G 198 28.67 1.75 -22.79
C TRP G 198 27.95 2.78 -21.94
N SER G 199 28.66 3.33 -20.92
CA SER G 199 28.19 4.45 -20.10
C SER G 199 27.93 5.67 -20.97
N SER G 200 28.69 5.74 -22.08
CA SER G 200 28.64 6.84 -23.04
C SER G 200 27.45 6.69 -23.97
N VAL G 201 27.26 5.47 -24.50
CA VAL G 201 26.15 5.14 -25.40
C VAL G 201 24.83 5.36 -24.69
N TYR G 202 24.84 5.17 -23.36
CA TYR G 202 23.66 5.30 -22.52
C TYR G 202 23.22 6.75 -22.41
N ALA G 203 24.19 7.66 -22.14
CA ALA G 203 23.93 9.08 -21.83
C ALA G 203 23.48 9.86 -23.09
N THR G 204 23.69 9.24 -24.27
CA THR G 204 23.34 9.81 -25.58
C THR G 204 21.82 9.67 -25.84
N GLY G 205 21.12 8.93 -24.94
CA GLY G 205 19.68 8.75 -25.02
C GLY G 205 18.94 9.71 -24.11
N ALA G 206 19.71 10.54 -23.39
CA ALA G 206 19.17 11.50 -22.44
C ALA G 206 18.43 12.59 -23.21
N GLN G 207 17.28 12.99 -22.64
CA GLN G 207 16.40 14.00 -23.22
C GLN G 207 15.87 14.89 -22.10
N ASN G 208 15.63 16.20 -22.44
CA ASN G 208 15.01 17.21 -21.56
C ASN G 208 15.87 17.42 -20.31
N ASP G 209 15.24 17.36 -19.12
CA ASP G 209 15.94 17.59 -17.84
C ASP G 209 16.34 16.24 -17.26
N VAL G 210 17.60 16.09 -16.84
CA VAL G 210 18.10 14.80 -16.36
C VAL G 210 18.47 14.92 -14.89
N TYR G 211 18.63 13.77 -14.20
CA TYR G 211 19.01 13.74 -12.79
C TYR G 211 20.35 13.02 -12.66
N VAL G 212 21.25 13.60 -11.83
CA VAL G 212 22.55 12.99 -11.52
C VAL G 212 22.66 12.85 -10.00
N ILE G 213 22.72 11.59 -9.51
CA ILE G 213 22.82 11.28 -8.09
C ILE G 213 24.30 11.08 -7.75
N ALA G 214 24.90 12.13 -7.15
CA ALA G 214 26.28 12.14 -6.73
C ALA G 214 26.38 12.75 -5.33
N GLU G 215 25.95 11.99 -4.31
CA GLU G 215 25.94 12.44 -2.92
C GLU G 215 27.35 12.91 -2.54
N GLY G 216 27.42 14.05 -1.83
CA GLY G 216 28.68 14.62 -1.37
C GLY G 216 29.22 15.68 -2.35
N GLY G 217 28.87 15.54 -3.64
CA GLY G 217 29.29 16.45 -4.69
C GLY G 217 29.85 15.69 -5.89
N VAL G 218 30.65 16.39 -6.73
CA VAL G 218 31.30 15.80 -7.90
C VAL G 218 32.59 15.12 -7.45
N ARG G 219 32.92 13.99 -8.12
CA ARG G 219 34.21 13.30 -7.97
C ARG G 219 34.92 13.32 -9.34
N LEU G 220 36.04 14.06 -9.43
CA LEU G 220 36.80 14.21 -10.68
C LEU G 220 37.41 12.86 -11.07
N GLY G 221 37.27 12.49 -12.35
CA GLY G 221 37.89 11.28 -12.90
C GLY G 221 37.07 10.01 -12.63
N ASN G 222 35.81 10.17 -12.20
CA ASN G 222 34.85 9.06 -12.12
C ASN G 222 34.18 8.90 -13.48
N TYR G 223 33.28 7.92 -13.59
CA TYR G 223 32.54 7.66 -14.83
C TYR G 223 31.77 8.91 -15.24
N PHE G 224 31.06 9.53 -14.28
CA PHE G 224 30.21 10.68 -14.59
C PHE G 224 31.05 11.75 -15.29
N TRP G 225 32.16 12.15 -14.63
CA TRP G 225 32.98 13.28 -15.09
C TRP G 225 33.64 12.97 -16.46
N ASN G 226 34.09 11.71 -16.62
CA ASN G 226 34.91 11.31 -17.78
C ASN G 226 34.05 11.06 -19.02
N VAL G 227 32.88 10.39 -18.83
CA VAL G 227 32.21 9.74 -19.96
C VAL G 227 30.69 10.00 -19.94
N GLU G 228 30.15 10.63 -18.88
CA GLU G 228 28.72 10.96 -18.86
C GLU G 228 28.53 12.47 -19.15
N LEU G 229 29.24 13.33 -18.40
CA LEU G 229 29.06 14.81 -18.47
C LEU G 229 29.36 15.33 -19.88
N PRO G 230 30.45 14.89 -20.54
CA PRO G 230 30.73 15.33 -21.90
C PRO G 230 29.65 14.93 -22.89
N ALA G 231 29.08 13.72 -22.69
CA ALA G 231 28.04 13.20 -23.57
C ALA G 231 26.75 14.02 -23.39
N LEU G 232 26.50 14.51 -22.14
CA LEU G 232 25.32 15.29 -21.81
C LEU G 232 25.44 16.71 -22.36
N ARG G 233 26.67 17.29 -22.26
CA ARG G 233 26.97 18.68 -22.67
C ARG G 233 26.89 18.81 -24.21
N GLN G 234 27.34 17.76 -24.93
CA GLN G 234 27.20 17.65 -26.39
C GLN G 234 25.72 17.70 -26.77
N LEU G 235 24.85 17.09 -25.95
CA LEU G 235 23.39 16.99 -26.20
C LEU G 235 22.68 18.34 -25.96
N GLN G 236 23.20 19.13 -24.99
CA GLN G 236 22.67 20.47 -24.68
C GLN G 236 22.94 21.43 -25.85
N ARG G 237 24.08 21.22 -26.55
CA ARG G 237 24.51 22.07 -27.67
C ARG G 237 23.70 21.77 -28.93
N GLU G 238 22.83 20.74 -28.84
CA GLU G 238 21.94 20.34 -29.95
C GLU G 238 20.49 20.71 -29.62
N GLY G 239 20.21 20.91 -28.31
CA GLY G 239 18.86 21.24 -27.82
C GLY G 239 18.00 20.00 -27.57
N LEU G 240 18.67 18.87 -27.22
CA LEU G 240 18.00 17.60 -26.91
C LEU G 240 17.93 17.43 -25.39
N VAL G 241 18.95 17.95 -24.69
CA VAL G 241 19.02 17.98 -23.23
C VAL G 241 18.99 19.45 -22.78
N GLY G 242 18.22 19.72 -21.70
CA GLY G 242 18.07 21.03 -21.12
C GLY G 242 18.90 21.17 -19.85
N GLU G 243 18.23 21.12 -18.69
CA GLU G 243 18.92 21.24 -17.41
C GLU G 243 19.41 19.87 -16.94
N ILE G 244 20.64 19.88 -16.39
CA ILE G 244 21.20 18.80 -15.62
C ILE G 244 21.11 19.19 -14.16
N ARG G 245 20.35 18.40 -13.38
CA ARG G 245 20.14 18.67 -11.97
C ARG G 245 20.96 17.68 -11.16
N LEU G 246 22.01 18.20 -10.47
CA LEU G 246 22.89 17.39 -9.61
C LEU G 246 22.31 17.35 -8.18
N LEU G 247 22.06 16.12 -7.67
CA LEU G 247 21.61 15.91 -6.28
C LEU G 247 22.83 15.76 -5.38
N ASP G 248 23.43 16.93 -5.04
CA ASP G 248 24.60 17.09 -4.16
C ASP G 248 24.31 16.48 -2.76
N LYS G 249 23.10 16.77 -2.24
CA LYS G 249 22.70 16.47 -0.85
C LYS G 249 22.27 15.02 -0.69
N PRO G 250 22.07 14.57 0.57
CA PRO G 250 21.53 13.25 0.86
C PRO G 250 20.04 13.21 0.64
N VAL G 251 19.48 11.98 0.54
CA VAL G 251 18.06 11.75 0.27
C VAL G 251 17.19 12.66 1.13
N SER G 252 17.46 12.69 2.45
CA SER G 252 16.64 13.38 3.43
C SER G 252 16.19 14.76 2.92
N GLU G 253 17.10 15.54 2.32
CA GLU G 253 16.79 16.95 2.06
C GLU G 253 16.01 17.12 0.74
N TYR G 254 15.51 15.99 0.17
CA TYR G 254 14.76 16.02 -1.09
C TYR G 254 13.33 15.53 -0.86
N LYS G 255 12.86 15.55 0.40
CA LYS G 255 11.52 15.09 0.74
C LYS G 255 10.52 16.24 0.60
N ASP G 256 9.35 15.95 -0.03
CA ASP G 256 8.21 16.87 -0.24
C ASP G 256 8.66 18.18 -0.88
N LEU G 257 9.56 18.07 -1.87
CA LEU G 257 9.93 19.14 -2.77
C LEU G 257 9.44 18.77 -4.15
N PRO G 258 8.80 19.67 -4.91
CA PRO G 258 8.38 19.32 -6.26
C PRO G 258 9.57 19.07 -7.18
N ALA G 259 9.35 18.30 -8.24
CA ALA G 259 10.43 17.81 -9.12
C ALA G 259 11.30 18.97 -9.63
N ASP G 260 10.70 20.11 -10.00
CA ASP G 260 11.50 21.22 -10.51
C ASP G 260 12.39 21.81 -9.39
N GLN G 261 11.93 21.71 -8.13
CA GLN G 261 12.66 22.29 -6.99
C GLN G 261 13.92 21.45 -6.66
N ILE G 262 13.84 20.11 -6.89
CA ILE G 262 14.94 19.19 -6.53
C ILE G 262 16.13 19.38 -7.49
N GLY G 263 17.34 19.59 -6.91
CA GLY G 263 18.61 19.56 -7.66
C GLY G 263 19.11 20.97 -8.01
N ARG G 264 20.45 21.16 -7.96
CA ARG G 264 21.14 22.37 -8.46
C ARG G 264 21.89 22.01 -9.73
N ARG G 265 22.72 22.95 -10.24
CA ARG G 265 23.62 22.72 -11.37
C ARG G 265 25.03 22.44 -10.84
N LEU G 266 25.88 21.82 -11.68
CA LEU G 266 27.27 21.49 -11.34
C LEU G 266 28.05 22.78 -11.07
N THR G 267 27.76 23.80 -11.89
CA THR G 267 28.58 25.01 -11.99
C THR G 267 28.02 26.12 -11.09
N ASP G 268 27.02 25.76 -10.25
CA ASP G 268 26.54 26.61 -9.14
C ASP G 268 27.60 26.64 -8.05
N ALA G 269 27.66 27.79 -7.32
CA ALA G 269 28.50 27.94 -6.13
C ALA G 269 27.96 27.05 -5.00
N GLY G 270 28.89 26.55 -4.14
CA GLY G 270 28.52 25.81 -2.93
C GLY G 270 28.57 24.30 -3.15
N VAL G 271 29.06 23.87 -4.33
CA VAL G 271 29.26 22.46 -4.65
C VAL G 271 30.51 21.98 -3.94
N ALA G 272 30.57 20.64 -3.67
CA ALA G 272 31.77 19.99 -3.13
C ALA G 272 32.53 19.30 -4.26
N VAL G 273 33.87 19.29 -4.16
CA VAL G 273 34.75 18.62 -5.13
C VAL G 273 35.70 17.70 -4.36
N LYS G 274 36.02 16.52 -4.95
CA LYS G 274 36.77 15.48 -4.26
C LYS G 274 37.70 14.78 -5.27
N VAL G 275 38.82 14.21 -4.73
CA VAL G 275 39.91 13.57 -5.51
C VAL G 275 40.59 12.53 -4.59
N ARG G 276 41.53 11.74 -5.17
CA ARG G 276 42.18 10.62 -4.44
C ARG G 276 43.53 11.07 -3.84
N PHE G 277 44.35 11.80 -4.63
CA PHE G 277 45.63 12.35 -4.17
C PHE G 277 46.12 13.43 -5.16
N ALA G 298 45.24 6.45 -0.74
CA ALA G 298 45.49 5.88 -2.09
C ALA G 298 44.19 5.87 -2.90
N ASP G 299 43.13 5.25 -2.31
CA ASP G 299 41.79 5.20 -2.92
C ASP G 299 40.86 6.20 -2.22
N THR G 300 41.30 6.73 -1.05
CA THR G 300 40.48 7.59 -0.19
C THR G 300 40.28 8.96 -0.85
N LEU G 301 39.08 9.56 -0.62
CA LEU G 301 38.62 10.77 -1.31
C LEU G 301 38.88 12.00 -0.43
N VAL G 302 39.92 12.79 -0.79
CA VAL G 302 40.24 14.06 -0.11
C VAL G 302 39.21 15.10 -0.54
N GLU G 303 38.85 16.00 0.41
CA GLU G 303 37.90 17.08 0.16
C GLU G 303 38.67 18.35 -0.19
N LEU G 304 38.56 18.79 -1.47
CA LEU G 304 39.31 19.93 -1.99
C LEU G 304 38.62 21.23 -1.60
N ASP G 305 39.47 22.28 -1.41
CA ASP G 305 39.05 23.65 -1.08
C ASP G 305 38.87 24.45 -2.37
N VAL G 306 38.36 23.79 -3.42
CA VAL G 306 38.28 24.38 -4.76
C VAL G 306 36.82 24.69 -5.07
N LYS G 307 36.55 25.93 -5.46
CA LYS G 307 35.19 26.37 -5.70
C LYS G 307 34.63 25.63 -6.92
N LEU G 308 35.45 25.65 -8.02
CA LEU G 308 35.21 24.92 -9.30
C LEU G 308 34.09 25.57 -10.14
N SER G 309 33.53 26.70 -9.65
CA SER G 309 32.55 27.49 -10.40
C SER G 309 33.21 28.77 -10.89
N ALA G 310 34.51 28.92 -10.57
CA ALA G 310 35.33 30.05 -10.97
C ALA G 310 35.40 30.14 -12.49
N ILE G 311 35.50 28.97 -13.14
CA ILE G 311 35.55 28.87 -14.59
C ILE G 311 34.32 29.52 -15.20
N ASP G 312 33.14 29.25 -14.61
CA ASP G 312 31.86 29.74 -15.11
C ASP G 312 31.81 31.27 -15.04
N SER G 313 32.22 31.84 -13.90
CA SER G 313 32.22 33.28 -13.70
C SER G 313 33.22 33.96 -14.65
N MSE G 314 34.36 33.29 -14.88
CA MSE G 314 35.35 33.77 -15.82
C MSE G 314 34.70 33.99 -17.18
O MSE G 314 35.00 34.95 -17.86
CB MSE G 314 36.49 32.79 -15.98
CG MSE G 314 37.46 33.14 -17.05
SE MSE G 314 38.96 31.90 -17.04
CE MSE G 314 38.17 30.37 -18.00
N LEU G 315 33.85 33.03 -17.58
CA LEU G 315 33.20 33.06 -18.87
C LEU G 315 32.19 34.21 -18.94
N ARG G 316 31.54 34.53 -17.81
CA ARG G 316 30.59 35.65 -17.73
C ARG G 316 31.32 36.96 -18.00
N GLU G 317 32.56 37.07 -17.48
CA GLU G 317 33.38 38.26 -17.64
C GLU G 317 34.19 38.23 -18.94
N SER G 318 34.04 37.16 -19.76
CA SER G 318 34.76 37.08 -21.04
C SER G 318 33.80 37.30 -22.20
N LEU G 319 33.09 36.22 -22.61
CA LEU G 319 32.21 36.24 -23.79
C LEU G 319 31.09 37.24 -23.58
N PRO G 320 30.63 37.93 -24.65
CA PRO G 320 29.50 38.83 -24.55
C PRO G 320 28.19 38.07 -24.34
N PHE G 321 27.39 38.53 -23.35
CA PHE G 321 26.02 38.06 -23.11
C PHE G 321 26.01 36.57 -22.81
N TYR G 322 27.03 36.11 -22.08
CA TYR G 322 27.15 34.73 -21.66
C TYR G 322 26.27 34.49 -20.43
N SER G 323 26.23 35.50 -19.55
CA SER G 323 25.38 35.49 -18.37
C SER G 323 23.94 35.17 -18.77
N LEU G 324 23.41 35.89 -19.77
CA LEU G 324 22.04 35.69 -20.26
C LEU G 324 21.83 34.23 -20.65
N ARG G 325 22.92 33.56 -21.10
CA ARG G 325 22.88 32.16 -21.56
C ARG G 325 22.54 31.23 -20.39
N THR G 326 23.32 31.35 -19.29
CA THR G 326 23.15 30.52 -18.09
C THR G 326 21.89 30.92 -17.34
N GLU G 327 21.65 32.26 -17.25
CA GLU G 327 20.62 32.84 -16.37
C GLU G 327 19.23 32.65 -16.98
N ARG G 328 19.10 32.85 -18.31
CA ARG G 328 17.79 32.94 -18.98
C ARG G 328 17.71 32.04 -20.23
N ASN G 329 18.84 31.36 -20.57
CA ASN G 329 18.89 30.42 -21.70
C ASN G 329 18.74 31.19 -23.02
N LEU G 330 19.49 32.31 -23.14
CA LEU G 330 19.42 33.22 -24.30
C LEU G 330 20.77 33.22 -25.01
N LEU G 331 20.79 32.88 -26.32
CA LEU G 331 21.98 33.08 -27.13
C LEU G 331 21.87 34.40 -27.88
N VAL G 332 22.78 35.34 -27.54
CA VAL G 332 22.84 36.68 -28.11
C VAL G 332 24.11 36.78 -28.95
N GLN G 333 23.95 36.69 -30.29
CA GLN G 333 25.05 36.79 -31.26
C GLN G 333 24.75 37.94 -32.23
N GLU G 334 25.78 38.42 -32.95
CA GLU G 334 25.66 39.58 -33.83
C GLU G 334 25.02 39.17 -35.15
N GLY G 335 24.31 40.13 -35.80
CA GLY G 335 23.68 39.87 -37.09
C GLY G 335 24.10 40.91 -38.13
N GLU G 336 23.09 41.59 -38.74
CA GLU G 336 23.31 42.61 -39.76
C GLU G 336 23.54 43.97 -39.09
N GLU G 337 24.69 44.08 -38.35
CA GLU G 337 25.13 45.28 -37.62
C GLU G 337 24.21 45.59 -36.41
N GLY G 338 23.41 44.60 -36.00
CA GLY G 338 22.60 44.66 -34.78
C GLY G 338 22.59 43.29 -34.10
N PHE G 339 22.50 43.28 -32.76
CA PHE G 339 22.59 42.05 -31.97
C PHE G 339 21.35 41.20 -32.18
N GLU G 340 21.57 39.90 -32.48
CA GLU G 340 20.49 38.93 -32.65
C GLU G 340 20.33 38.13 -31.35
N VAL G 341 19.11 37.60 -31.09
CA VAL G 341 18.87 36.73 -29.93
C VAL G 341 17.93 35.59 -30.33
N ARG G 342 18.25 34.38 -29.81
CA ARG G 342 17.40 33.19 -29.90
C ARG G 342 17.39 32.51 -28.52
N SER G 343 16.52 31.47 -28.36
CA SER G 343 16.58 30.56 -27.22
C SER G 343 17.66 29.51 -27.48
N TRP G 344 18.58 29.36 -26.49
CA TRP G 344 19.76 28.49 -26.57
C TRP G 344 19.32 27.06 -26.88
N PRO G 345 20.00 26.34 -27.81
CA PRO G 345 21.35 26.70 -28.24
C PRO G 345 21.43 27.66 -29.44
N GLY G 346 20.26 27.95 -30.06
CA GLY G 346 20.19 28.89 -31.19
C GLY G 346 20.23 28.18 -32.56
N ILE G 347 19.81 26.90 -32.58
CA ILE G 347 19.43 26.21 -33.83
C ILE G 347 17.91 26.40 -34.06
N ASP G 348 17.20 26.86 -33.00
CA ASP G 348 15.80 27.24 -33.06
C ASP G 348 15.63 28.45 -33.98
N GLY G 349 14.45 28.54 -34.64
CA GLY G 349 14.25 29.41 -35.79
C GLY G 349 14.06 30.88 -35.40
N LYS G 350 13.11 31.13 -34.46
CA LYS G 350 12.66 32.48 -34.13
C LYS G 350 13.85 33.33 -33.71
N SER G 351 13.91 34.60 -34.20
CA SER G 351 15.05 35.51 -33.97
C SER G 351 14.55 36.95 -33.73
N LYS G 352 14.69 37.40 -32.46
CA LYS G 352 14.44 38.80 -32.07
C LYS G 352 15.80 39.54 -32.06
N THR G 353 15.79 40.90 -31.86
CA THR G 353 17.00 41.73 -32.03
C THR G 353 17.13 42.76 -30.90
N ILE G 354 18.36 43.32 -30.75
CA ILE G 354 18.73 44.29 -29.72
C ILE G 354 19.72 45.31 -30.32
N LEU G 355 19.30 46.58 -30.48
CA LEU G 355 20.16 47.65 -30.99
C LEU G 355 20.71 48.45 -29.82
N LEU G 356 22.06 48.45 -29.68
CA LEU G 356 22.76 49.27 -28.68
C LEU G 356 23.40 50.47 -29.38
N ASP G 357 23.29 51.66 -28.72
CA ASP G 357 23.97 52.90 -29.13
C ASP G 357 25.45 52.60 -29.43
N ASN G 358 26.12 51.90 -28.49
CA ASN G 358 27.51 51.46 -28.64
C ASN G 358 27.61 49.99 -28.23
N PRO G 359 27.60 49.05 -29.22
CA PRO G 359 27.55 47.61 -28.91
C PRO G 359 28.86 47.10 -28.30
N GLU G 360 29.99 47.69 -28.70
CA GLU G 360 31.31 47.26 -28.27
C GLU G 360 31.60 47.77 -26.85
N ASP G 361 30.95 48.89 -26.46
CA ASP G 361 31.06 49.39 -25.08
C ASP G 361 30.58 48.26 -24.16
N ALA G 362 31.52 47.79 -23.30
CA ALA G 362 31.25 46.79 -22.26
C ALA G 362 30.17 47.29 -21.29
N ALA G 363 30.34 48.52 -20.77
CA ALA G 363 29.40 49.16 -19.86
C ALA G 363 27.98 49.11 -20.43
N GLN G 364 27.84 49.42 -21.74
CA GLN G 364 26.54 49.45 -22.40
C GLN G 364 26.04 48.02 -22.64
N GLN G 365 26.97 47.06 -22.81
CA GLN G 365 26.63 45.63 -22.93
C GLN G 365 25.98 45.15 -21.63
N LYS G 366 26.59 45.51 -20.48
CA LYS G 366 26.13 45.08 -19.15
C LYS G 366 24.76 45.71 -18.82
N SER G 367 24.52 46.94 -19.28
CA SER G 367 23.30 47.68 -18.98
C SER G 367 22.07 46.92 -19.52
N ILE G 368 22.08 46.60 -20.83
CA ILE G 368 20.96 45.89 -21.48
C ILE G 368 20.86 44.45 -20.93
N GLU G 369 22.01 43.89 -20.48
CA GLU G 369 22.05 42.56 -19.85
C GLU G 369 21.11 42.55 -18.65
N ARG G 370 21.49 43.36 -17.63
CA ARG G 370 20.79 43.48 -16.36
C ARG G 370 19.33 43.86 -16.58
N PHE G 371 19.05 44.53 -17.71
CA PHE G 371 17.70 44.94 -18.08
C PHE G 371 16.85 43.72 -18.42
N ILE G 372 17.44 42.78 -19.18
CA ILE G 372 16.72 41.61 -19.70
C ILE G 372 16.36 40.68 -18.53
N LEU G 373 17.36 40.42 -17.65
CA LEU G 373 17.19 39.60 -16.43
C LEU G 373 16.00 40.10 -15.61
N ALA G 374 15.84 41.45 -15.56
CA ALA G 374 14.97 42.12 -14.60
C ALA G 374 13.50 41.98 -14.98
N ASN G 375 13.20 41.85 -16.30
CA ASN G 375 11.80 41.92 -16.75
C ASN G 375 11.42 40.72 -17.61
N PHE G 376 12.41 39.90 -18.03
CA PHE G 376 12.15 38.72 -18.88
C PHE G 376 12.71 37.46 -18.20
N ASP G 377 11.90 36.39 -18.20
CA ASP G 377 12.24 35.14 -17.53
C ASP G 377 12.61 34.08 -18.57
N ASN G 378 12.00 34.17 -19.78
CA ASN G 378 12.41 33.38 -20.96
C ASN G 378 12.39 34.31 -22.20
N PHE G 379 12.51 33.69 -23.41
CA PHE G 379 12.80 34.44 -24.65
C PHE G 379 11.52 34.73 -25.45
N GLU G 380 10.42 34.04 -25.10
CA GLU G 380 9.12 34.20 -25.77
C GLU G 380 8.23 35.15 -24.96
N GLN G 381 8.85 35.86 -24.00
CA GLN G 381 8.22 36.97 -23.28
C GLN G 381 8.73 38.30 -23.83
N MSE G 382 9.72 38.24 -24.72
CA MSE G 382 10.54 39.39 -25.07
C MSE G 382 9.93 40.12 -26.28
O MSE G 382 9.08 39.56 -26.96
CB MSE G 382 11.95 38.96 -25.41
CG MSE G 382 12.96 39.06 -24.27
SE MSE G 382 14.76 38.43 -24.87
CE MSE G 382 15.84 40.13 -24.77
N PRO G 383 10.14 41.47 -26.34
CA PRO G 383 9.82 42.16 -27.60
C PRO G 383 10.61 41.77 -28.84
N ASP G 384 9.98 41.95 -30.01
CA ASP G 384 10.57 41.61 -31.31
C ASP G 384 11.84 42.44 -31.53
N GLU G 385 11.86 43.69 -30.99
CA GLU G 385 13.04 44.55 -31.02
C GLU G 385 13.18 45.28 -29.67
N LEU G 386 14.45 45.39 -29.18
CA LEU G 386 14.79 46.19 -28.00
C LEU G 386 15.93 47.17 -28.37
N PHE G 387 15.89 48.38 -27.77
CA PHE G 387 16.80 49.49 -28.08
C PHE G 387 17.34 50.06 -26.78
N LEU G 388 18.66 50.35 -26.76
CA LEU G 388 19.27 51.18 -25.70
C LEU G 388 19.91 52.42 -26.34
N VAL G 389 19.06 53.46 -26.59
CA VAL G 389 19.45 54.67 -27.34
C VAL G 389 19.77 55.81 -26.34
N ASP G 390 21.08 56.05 -26.10
CA ASP G 390 21.57 57.20 -25.33
C ASP G 390 20.84 57.27 -24.00
N ASN G 391 20.95 56.17 -23.21
CA ASN G 391 20.49 56.09 -21.81
C ASN G 391 18.95 55.98 -21.73
N LYS G 392 18.33 55.52 -22.84
CA LYS G 392 16.87 55.32 -22.91
C LYS G 392 16.56 54.02 -23.68
N VAL G 393 16.34 52.92 -22.91
CA VAL G 393 15.84 51.64 -23.43
C VAL G 393 14.39 51.81 -23.87
N LEU G 394 14.02 51.14 -24.96
CA LEU G 394 12.64 51.14 -25.46
C LEU G 394 12.40 49.87 -26.27
N SER G 395 11.13 49.54 -26.52
CA SER G 395 10.75 48.30 -27.19
C SER G 395 9.99 48.63 -28.47
N HIS G 396 9.77 47.64 -29.35
CA HIS G 396 8.95 47.86 -30.53
C HIS G 396 8.35 46.54 -30.99
N HIS G 397 7.45 45.96 -30.18
CA HIS G 397 6.80 44.70 -30.56
C HIS G 397 5.82 44.94 -31.70
N ASP G 398 4.98 45.97 -31.54
CA ASP G 398 4.05 46.42 -32.60
C ASP G 398 3.93 47.96 -32.55
N GLY G 399 4.36 48.56 -31.42
CA GLY G 399 4.50 50.00 -31.28
C GLY G 399 5.63 50.30 -30.33
N ARG G 400 6.22 51.48 -30.43
CA ARG G 400 7.39 51.80 -29.61
C ARG G 400 6.90 52.18 -28.19
N THR G 401 7.79 52.01 -27.17
CA THR G 401 7.50 52.40 -25.78
C THR G 401 8.80 52.69 -25.04
N ARG G 402 8.99 53.95 -24.58
CA ARG G 402 10.17 54.30 -23.79
C ARG G 402 10.00 53.74 -22.37
N ILE G 403 11.04 53.00 -21.87
CA ILE G 403 10.94 52.21 -20.64
C ILE G 403 12.02 52.64 -19.62
N ILE G 404 13.12 53.32 -20.09
CA ILE G 404 14.23 53.70 -19.20
C ILE G 404 14.54 55.19 -19.36
N ALA G 405 14.72 55.86 -18.21
CA ALA G 405 15.31 57.18 -18.11
C ALA G 405 16.57 57.06 -17.25
N GLN G 406 17.65 57.75 -17.64
CA GLN G 406 18.91 57.65 -16.90
C GLN G 406 19.43 59.05 -16.54
N LYS G 407 19.09 59.49 -15.31
CA LYS G 407 19.89 60.46 -14.55
C LYS G 407 20.85 59.69 -13.61
N GLU G 408 21.71 58.84 -14.22
CA GLU G 408 22.58 57.88 -13.50
C GLU G 408 21.76 57.02 -12.52
N ASP G 409 20.51 56.67 -12.95
CA ASP G 409 19.63 55.73 -12.25
C ASP G 409 18.53 55.29 -13.23
N GLY G 410 18.00 54.06 -13.05
CA GLY G 410 16.88 53.57 -13.85
C GLY G 410 15.54 54.06 -13.29
N ALA G 411 14.68 54.60 -14.19
CA ALA G 411 13.29 54.94 -13.89
C ALA G 411 12.39 54.33 -14.97
N TRP G 412 11.20 53.83 -14.59
CA TRP G 412 10.35 53.01 -15.48
C TRP G 412 9.14 53.81 -15.92
N THR G 413 8.86 53.77 -17.26
CA THR G 413 7.89 54.64 -17.96
C THR G 413 8.27 56.12 -17.75
N LEU H 7 33.55 50.25 0.20
CA LEU H 7 32.78 51.45 -0.19
C LEU H 7 33.68 52.40 -0.96
N THR H 8 33.21 52.84 -2.14
CA THR H 8 33.95 53.78 -2.98
C THR H 8 32.96 54.62 -3.76
N GLU H 9 33.46 55.68 -4.41
CA GLU H 9 32.64 56.47 -5.30
C GLU H 9 32.10 55.56 -6.42
N GLU H 10 33.02 54.77 -6.99
CA GLU H 10 32.79 53.91 -8.15
C GLU H 10 31.93 52.68 -7.79
N GLN H 11 32.13 52.12 -6.59
CA GLN H 11 31.41 50.91 -6.23
C GLN H 11 29.93 51.23 -6.00
N ILE H 12 29.61 52.30 -5.28
CA ILE H 12 28.20 52.59 -5.00
C ILE H 12 27.54 53.13 -6.26
N ALA H 13 28.37 53.43 -7.28
CA ALA H 13 27.91 53.96 -8.57
C ALA H 13 27.12 52.89 -9.35
N GLU H 14 27.82 51.79 -9.71
CA GLU H 14 27.28 50.72 -10.56
C GLU H 14 26.02 50.11 -9.93
N PHE H 15 26.00 50.06 -8.58
CA PHE H 15 24.97 49.34 -7.82
C PHE H 15 23.65 50.14 -7.79
N LYS H 16 23.74 51.48 -7.98
CA LYS H 16 22.57 52.37 -8.01
C LYS H 16 21.77 52.15 -9.30
N GLU H 17 22.45 52.29 -10.47
CA GLU H 17 21.85 52.03 -11.78
C GLU H 17 21.32 50.60 -11.84
N ALA H 18 22.23 49.63 -11.58
CA ALA H 18 21.93 48.19 -11.62
C ALA H 18 20.69 47.85 -10.79
N PHE H 19 20.64 48.42 -9.57
CA PHE H 19 19.60 48.13 -8.57
C PHE H 19 18.23 48.59 -9.09
N SER H 20 18.18 49.81 -9.66
CA SER H 20 16.95 50.44 -10.10
C SER H 20 16.29 49.65 -11.22
N LEU H 21 17.00 48.63 -11.76
CA LEU H 21 16.53 47.82 -12.89
C LEU H 21 15.66 46.63 -12.38
N PHE H 22 15.80 46.25 -11.09
CA PHE H 22 14.97 45.21 -10.47
C PHE H 22 13.95 45.87 -9.54
N ASP H 23 14.04 47.21 -9.42
CA ASP H 23 13.04 48.06 -8.77
C ASP H 23 11.97 48.45 -9.80
N LYS H 24 11.29 47.42 -10.35
CA LYS H 24 10.31 47.58 -11.44
C LYS H 24 8.95 47.99 -10.86
N ASP H 25 8.81 47.86 -9.52
CA ASP H 25 7.73 48.46 -8.74
C ASP H 25 8.00 49.98 -8.59
N GLY H 26 9.29 50.33 -8.42
CA GLY H 26 9.72 51.73 -8.32
C GLY H 26 9.72 52.24 -6.86
N ASP H 27 9.38 51.32 -5.92
CA ASP H 27 9.06 51.65 -4.53
C ASP H 27 10.34 51.62 -3.67
N GLY H 28 11.45 51.22 -4.30
CA GLY H 28 12.78 51.27 -3.68
C GLY H 28 13.24 49.90 -3.18
N THR H 29 12.32 48.90 -3.19
CA THR H 29 12.57 47.57 -2.63
C THR H 29 12.29 46.48 -3.68
N ILE H 30 13.31 45.61 -3.92
CA ILE H 30 13.21 44.46 -4.85
C ILE H 30 12.85 43.20 -4.03
N THR H 31 12.49 42.09 -4.74
CA THR H 31 12.14 40.81 -4.10
C THR H 31 13.42 39.98 -3.88
N THR H 32 13.55 39.45 -2.63
CA THR H 32 14.77 38.84 -2.13
C THR H 32 14.95 37.42 -2.69
N LYS H 33 13.96 36.97 -3.50
CA LYS H 33 13.92 35.60 -4.02
C LYS H 33 14.47 35.57 -5.45
N GLU H 34 14.85 36.77 -5.97
CA GLU H 34 15.60 36.87 -7.24
C GLU H 34 16.72 37.93 -7.10
N LEU H 35 17.01 38.35 -5.84
CA LEU H 35 18.09 39.30 -5.55
C LEU H 35 19.46 38.66 -5.83
N GLY H 36 19.51 37.30 -5.80
CA GLY H 36 20.71 36.55 -6.17
C GLY H 36 21.13 36.82 -7.62
N THR H 37 20.12 37.06 -8.48
CA THR H 37 20.31 37.41 -9.89
C THR H 37 21.11 38.71 -10.03
N VAL H 38 20.80 39.68 -9.13
CA VAL H 38 21.40 41.02 -9.15
C VAL H 38 22.85 40.94 -8.68
N MSE H 39 23.07 40.26 -7.55
CA MSE H 39 24.42 40.04 -7.03
C MSE H 39 25.32 39.47 -8.11
O MSE H 39 26.50 39.77 -8.17
CB MSE H 39 24.39 39.08 -5.82
CG MSE H 39 23.77 39.66 -4.56
SE MSE H 39 23.56 38.38 -3.04
CE MSE H 39 25.45 38.14 -2.36
N ARG H 40 24.71 38.63 -8.97
CA ARG H 40 25.45 37.74 -9.85
C ARG H 40 26.07 38.53 -11.02
N SER H 41 25.27 39.47 -11.59
CA SER H 41 25.64 40.27 -12.77
C SER H 41 26.82 41.21 -12.47
N LEU H 42 26.92 41.65 -11.19
CA LEU H 42 28.01 42.52 -10.72
C LEU H 42 29.22 41.68 -10.26
N GLY H 43 29.53 40.62 -11.03
CA GLY H 43 30.72 39.80 -10.82
C GLY H 43 30.75 39.08 -9.46
N GLN H 44 29.61 39.10 -8.74
CA GLN H 44 29.52 38.59 -7.37
C GLN H 44 28.58 37.37 -7.36
N ASN H 45 29.16 36.17 -7.06
CA ASN H 45 28.41 34.91 -6.97
C ASN H 45 28.67 34.24 -5.61
N PRO H 46 27.79 34.46 -4.62
CA PRO H 46 27.77 33.64 -3.41
C PRO H 46 27.06 32.30 -3.62
N THR H 47 27.12 31.44 -2.58
CA THR H 47 26.46 30.12 -2.55
C THR H 47 25.03 30.30 -2.00
N GLU H 48 24.29 29.20 -1.82
CA GLU H 48 22.94 29.30 -1.29
C GLU H 48 23.02 29.48 0.22
N ALA H 49 23.97 28.77 0.83
CA ALA H 49 24.29 28.90 2.23
C ALA H 49 24.74 30.33 2.50
N GLU H 50 25.62 30.84 1.64
CA GLU H 50 26.10 32.20 1.79
C GLU H 50 24.91 33.15 1.66
N LEU H 51 24.00 32.90 0.70
CA LEU H 51 22.87 33.82 0.51
C LEU H 51 22.02 33.87 1.77
N GLN H 52 21.80 32.73 2.44
CA GLN H 52 21.00 32.78 3.68
C GLN H 52 21.75 33.59 4.74
N ASP H 53 23.10 33.43 4.78
CA ASP H 53 23.98 34.15 5.72
C ASP H 53 23.93 35.66 5.47
N MSE H 54 23.75 36.08 4.19
CA MSE H 54 23.53 37.49 3.90
C MSE H 54 22.40 38.01 4.77
O MSE H 54 22.57 38.99 5.48
CB MSE H 54 23.18 37.69 2.42
CG MSE H 54 24.30 38.32 1.60
SE MSE H 54 25.81 37.05 1.44
CE MSE H 54 27.17 37.88 2.64
N ILE H 55 21.26 37.29 4.75
CA ILE H 55 20.06 37.69 5.48
C ILE H 55 20.32 37.59 6.99
N ASP H 61 10.01 40.59 9.69
CA ASP H 61 10.58 40.58 8.31
C ASP H 61 9.51 40.06 7.33
N GLY H 62 8.32 40.69 7.38
CA GLY H 62 7.09 40.12 6.82
C GLY H 62 7.12 39.92 5.28
N ASN H 63 7.66 40.90 4.52
CA ASN H 63 7.24 41.07 3.12
C ASN H 63 8.35 40.80 2.10
N GLY H 64 9.57 40.48 2.53
CA GLY H 64 10.71 40.50 1.61
C GLY H 64 11.27 41.93 1.47
N THR H 65 11.56 42.53 2.63
CA THR H 65 11.98 43.93 2.77
C THR H 65 13.47 44.11 2.38
N ILE H 66 13.80 43.99 1.07
CA ILE H 66 15.18 44.26 0.60
C ILE H 66 15.22 45.58 -0.17
N ASP H 67 15.68 46.65 0.52
CA ASP H 67 15.86 47.99 -0.04
C ASP H 67 17.36 48.23 -0.27
N PHE H 68 17.73 49.36 -0.90
CA PHE H 68 19.11 49.61 -1.33
C PHE H 68 20.09 49.71 -0.15
N PRO H 69 19.78 50.47 0.94
CA PRO H 69 20.73 50.68 2.03
C PRO H 69 21.42 49.47 2.66
N GLU H 70 20.67 48.41 3.02
CA GLU H 70 21.30 47.25 3.66
C GLU H 70 22.25 46.57 2.65
N PHE H 71 21.78 46.49 1.39
CA PHE H 71 22.49 45.88 0.26
C PHE H 71 23.81 46.60 0.00
N LEU H 72 23.83 47.93 0.13
CA LEU H 72 24.96 48.73 -0.35
C LEU H 72 26.27 48.24 0.32
N THR H 73 26.29 48.21 1.68
CA THR H 73 27.48 47.81 2.45
C THR H 73 27.40 46.31 2.82
N MSE H 74 26.22 45.73 2.62
CA MSE H 74 26.05 44.28 2.68
C MSE H 74 26.95 43.64 1.63
O MSE H 74 27.72 42.72 1.92
CB MSE H 74 24.57 43.93 2.43
CG MSE H 74 24.08 42.74 3.18
SE MSE H 74 24.23 41.11 2.08
CE MSE H 74 22.49 41.14 1.10
N MSE H 75 26.85 44.14 0.40
CA MSE H 75 27.65 43.65 -0.70
C MSE H 75 29.11 44.04 -0.50
O MSE H 75 30.00 43.34 -0.96
CB MSE H 75 27.12 44.19 -2.02
CG MSE H 75 27.73 43.52 -3.22
SE MSE H 75 26.83 43.91 -4.96
CE MSE H 75 25.02 43.16 -4.68
N ALA H 76 29.33 45.18 0.18
CA ALA H 76 30.67 45.64 0.50
C ALA H 76 31.41 44.59 1.34
N ARG H 77 30.70 44.01 2.33
CA ARG H 77 31.19 42.88 3.12
C ARG H 77 31.43 41.67 2.20
N LYS H 78 30.47 41.43 1.27
CA LYS H 78 30.52 40.31 0.31
C LYS H 78 31.73 40.47 -0.61
N MSE H 79 32.07 41.73 -0.95
CA MSE H 79 33.01 42.03 -2.02
C MSE H 79 34.45 41.65 -1.61
O MSE H 79 35.33 41.55 -2.46
CB MSE H 79 32.94 43.52 -2.37
CG MSE H 79 31.90 43.86 -3.45
SE MSE H 79 32.62 45.27 -4.71
CE MSE H 79 33.44 44.14 -6.15
N LYS H 80 34.69 41.48 -0.29
CA LYS H 80 36.05 41.42 0.24
C LYS H 80 36.32 40.06 0.91
N ASP H 81 35.58 39.02 0.49
CA ASP H 81 35.73 37.67 1.06
C ASP H 81 35.97 36.64 -0.06
N THR H 82 36.75 37.06 -1.08
CA THR H 82 37.09 36.20 -2.22
C THR H 82 38.51 36.52 -2.70
N ASP H 83 38.99 35.76 -3.72
CA ASP H 83 40.16 36.12 -4.52
C ASP H 83 40.05 35.42 -5.88
N SER H 84 39.25 36.03 -6.79
CA SER H 84 38.83 35.43 -8.08
C SER H 84 40.01 34.78 -8.80
N GLU H 85 41.13 35.52 -8.88
CA GLU H 85 42.39 35.02 -9.43
C GLU H 85 42.75 33.69 -8.76
N GLU H 86 42.90 33.72 -7.41
CA GLU H 86 43.34 32.56 -6.63
C GLU H 86 42.28 31.43 -6.65
N GLU H 87 40.99 31.80 -6.76
CA GLU H 87 39.89 30.83 -6.82
C GLU H 87 39.94 30.08 -8.17
N ILE H 88 40.17 30.82 -9.27
CA ILE H 88 40.29 30.24 -10.61
C ILE H 88 41.62 29.48 -10.73
N ARG H 89 42.69 30.05 -10.13
CA ARG H 89 44.05 29.51 -10.22
C ARG H 89 44.11 28.13 -9.55
N GLU H 90 43.53 28.03 -8.32
CA GLU H 90 43.46 26.77 -7.57
C GLU H 90 42.64 25.72 -8.33
N ALA H 91 41.56 26.19 -9.02
CA ALA H 91 40.66 25.34 -9.80
C ALA H 91 41.41 24.70 -10.97
N PHE H 92 42.30 25.47 -11.62
CA PHE H 92 43.12 24.98 -12.74
C PHE H 92 44.26 24.10 -12.19
N ARG H 93 44.91 24.56 -11.09
CA ARG H 93 46.03 23.85 -10.45
C ARG H 93 45.57 22.48 -9.88
N VAL H 94 44.24 22.27 -9.74
CA VAL H 94 43.70 20.96 -9.31
C VAL H 94 43.73 19.97 -10.48
N PHE H 95 43.80 20.51 -11.72
CA PHE H 95 43.79 19.69 -12.95
C PHE H 95 45.21 19.51 -13.46
N ASP H 96 46.18 19.74 -12.58
CA ASP H 96 47.59 19.65 -12.91
C ASP H 96 48.12 18.29 -12.42
N LYS H 97 48.36 17.36 -13.37
CA LYS H 97 49.09 16.12 -13.10
C LYS H 97 50.59 16.44 -12.93
N ASP H 98 51.10 17.31 -13.82
CA ASP H 98 52.53 17.64 -13.94
C ASP H 98 53.01 18.49 -12.74
N GLY H 99 52.13 19.38 -12.22
CA GLY H 99 52.42 20.19 -11.03
C GLY H 99 53.24 21.45 -11.34
N ASN H 100 53.40 21.77 -12.62
CA ASN H 100 54.30 22.83 -13.10
C ASN H 100 53.54 24.01 -13.75
N GLY H 101 52.21 24.08 -13.59
CA GLY H 101 51.42 24.91 -14.49
C GLY H 101 51.26 24.19 -15.82
N TYR H 102 51.12 24.90 -16.93
CA TYR H 102 51.19 24.27 -18.27
C TYR H 102 50.35 22.97 -18.37
N ILE H 103 49.02 23.05 -18.15
CA ILE H 103 48.13 21.87 -18.29
C ILE H 103 47.94 21.56 -19.78
N SER H 104 47.74 20.27 -20.12
CA SER H 104 47.57 19.82 -21.51
C SER H 104 46.34 20.46 -22.14
N ALA H 105 46.37 20.60 -23.48
CA ALA H 105 45.26 21.18 -24.22
C ALA H 105 44.03 20.27 -24.09
N ALA H 106 44.22 18.96 -24.36
CA ALA H 106 43.16 17.96 -24.22
C ALA H 106 42.60 17.94 -22.80
N GLU H 107 43.51 18.02 -21.80
CA GLU H 107 43.15 18.09 -20.39
C GLU H 107 42.29 19.33 -20.15
N LEU H 108 42.69 20.48 -20.72
CA LEU H 108 41.98 21.77 -20.55
C LEU H 108 40.67 21.78 -21.35
N ARG H 109 40.72 21.23 -22.58
CA ARG H 109 39.55 21.12 -23.46
C ARG H 109 38.43 20.32 -22.79
N HIS H 110 38.82 19.24 -22.08
CA HIS H 110 37.89 18.37 -21.35
C HIS H 110 37.26 19.13 -20.18
N VAL H 111 38.09 19.96 -19.52
CA VAL H 111 37.67 20.78 -18.40
C VAL H 111 36.78 21.90 -18.91
N MSE H 112 37.15 22.49 -20.04
CA MSE H 112 36.40 23.60 -20.58
C MSE H 112 34.98 23.14 -20.93
O MSE H 112 34.03 23.79 -20.57
CB MSE H 112 37.13 24.23 -21.76
CG MSE H 112 38.04 25.36 -21.31
SE MSE H 112 37.20 26.24 -19.70
CE MSE H 112 38.65 26.10 -18.38
N THR H 113 34.87 21.95 -21.52
CA THR H 113 33.57 21.44 -21.97
C THR H 113 32.63 21.17 -20.78
N ASN H 114 33.14 20.51 -19.73
CA ASN H 114 32.31 20.04 -18.63
C ASN H 114 31.77 21.21 -17.80
N LEU H 115 32.64 22.19 -17.51
CA LEU H 115 32.29 23.34 -16.68
C LEU H 115 31.73 24.49 -17.52
N GLY H 116 32.01 24.47 -18.82
CA GLY H 116 31.58 25.54 -19.72
C GLY H 116 30.07 25.79 -19.63
N GLU H 117 29.30 24.68 -19.65
CA GLU H 117 27.83 24.66 -19.48
C GLU H 117 27.05 25.18 -20.70
N LYS H 118 27.30 26.44 -21.12
CA LYS H 118 26.59 27.00 -22.28
C LYS H 118 27.61 27.42 -23.34
N LEU H 119 28.79 26.80 -23.33
CA LEU H 119 29.80 27.00 -24.38
C LEU H 119 29.49 26.06 -25.54
N THR H 120 29.95 26.42 -26.75
CA THR H 120 29.80 25.60 -27.94
C THR H 120 31.15 24.97 -28.27
N ASP H 121 31.15 23.91 -29.12
CA ASP H 121 32.37 23.21 -29.50
C ASP H 121 33.38 24.21 -30.09
N GLU H 122 32.87 25.11 -30.96
CA GLU H 122 33.70 26.05 -31.72
C GLU H 122 34.33 27.09 -30.78
N GLU H 123 33.56 27.51 -29.75
CA GLU H 123 34.05 28.43 -28.72
C GLU H 123 35.11 27.76 -27.85
N VAL H 124 35.02 26.44 -27.69
CA VAL H 124 36.05 25.68 -27.00
C VAL H 124 37.25 25.53 -27.94
N ASP H 125 36.96 25.41 -29.25
CA ASP H 125 37.99 25.29 -30.30
C ASP H 125 38.85 26.57 -30.36
N GLN H 126 38.19 27.76 -30.31
CA GLN H 126 38.89 29.06 -30.38
C GLN H 126 39.81 29.23 -29.16
N MSE H 127 39.34 28.74 -28.00
CA MSE H 127 40.04 28.95 -26.74
C MSE H 127 41.34 28.16 -26.70
O MSE H 127 42.30 28.58 -26.05
CB MSE H 127 39.16 28.48 -25.57
CG MSE H 127 38.16 29.52 -25.10
SE MSE H 127 37.27 28.81 -23.47
CE MSE H 127 35.57 29.83 -23.49
N ILE H 128 41.35 26.99 -27.33
CA ILE H 128 42.52 26.11 -27.33
C ILE H 128 43.65 26.80 -28.09
N ARG H 129 43.33 27.30 -29.30
CA ARG H 129 44.27 28.03 -30.16
C ARG H 129 44.79 29.27 -29.41
N GLU H 130 43.84 30.09 -28.89
CA GLU H 130 44.17 31.26 -28.04
C GLU H 130 45.15 30.84 -26.95
N ALA H 131 44.70 29.91 -26.07
CA ALA H 131 45.48 29.43 -24.91
C ALA H 131 46.82 28.88 -25.37
N ASP H 132 46.79 28.09 -26.47
CA ASP H 132 47.94 27.33 -26.98
C ASP H 132 48.81 28.24 -27.87
N ILE H 133 49.34 29.34 -27.27
CA ILE H 133 50.30 30.24 -27.94
C ILE H 133 51.54 29.43 -28.36
N ASP H 134 52.02 28.55 -27.45
CA ASP H 134 53.26 27.78 -27.61
C ASP H 134 53.20 26.92 -28.88
N GLY H 135 52.00 26.41 -29.22
CA GLY H 135 51.78 25.60 -30.42
C GLY H 135 52.16 24.13 -30.22
N ASP H 136 52.59 23.80 -28.98
CA ASP H 136 53.04 22.47 -28.59
C ASP H 136 51.87 21.67 -27.98
N GLY H 137 50.82 22.40 -27.56
CA GLY H 137 49.64 21.79 -26.96
C GLY H 137 49.63 21.90 -25.43
N GLN H 138 50.78 22.28 -24.85
CA GLN H 138 50.85 22.59 -23.43
C GLN H 138 50.28 23.98 -23.24
N VAL H 139 49.58 24.23 -22.14
CA VAL H 139 48.85 25.48 -21.98
C VAL H 139 49.15 26.07 -20.61
N ASN H 140 49.76 27.27 -20.55
CA ASN H 140 49.93 27.95 -19.26
C ASN H 140 48.56 28.52 -18.85
N TYR H 141 47.96 27.97 -17.78
CA TYR H 141 46.55 28.28 -17.44
C TYR H 141 46.47 29.64 -16.74
N GLU H 142 47.58 30.07 -16.11
CA GLU H 142 47.68 31.39 -15.47
C GLU H 142 47.75 32.48 -16.57
N GLU H 143 48.43 32.14 -17.69
CA GLU H 143 48.40 32.95 -18.92
C GLU H 143 47.00 32.90 -19.56
N PHE H 144 46.28 31.76 -19.34
CA PHE H 144 44.95 31.51 -19.93
C PHE H 144 43.88 32.41 -19.29
N VAL H 145 43.90 32.52 -17.93
CA VAL H 145 43.03 33.45 -17.19
C VAL H 145 43.38 34.89 -17.61
N GLN H 146 44.68 35.20 -17.54
CA GLN H 146 45.29 36.49 -17.92
C GLN H 146 44.68 37.02 -19.22
N MSE H 147 44.57 36.14 -20.22
CA MSE H 147 44.18 36.53 -21.57
C MSE H 147 42.67 36.43 -21.75
O MSE H 147 42.11 36.99 -22.69
CB MSE H 147 44.88 35.64 -22.60
CG MSE H 147 44.46 34.18 -22.53
SE MSE H 147 45.33 33.08 -23.95
CE MSE H 147 44.67 33.94 -25.63
N MSE H 148 42.02 35.64 -20.87
CA MSE H 148 40.58 35.58 -20.83
C MSE H 148 40.05 36.76 -20.01
O MSE H 148 38.91 37.18 -20.20
CB MSE H 148 40.13 34.24 -20.23
CG MSE H 148 40.23 33.06 -21.21
SE MSE H 148 38.47 32.72 -22.10
CE MSE H 148 39.02 32.75 -24.02
N THR H 149 40.91 37.30 -19.14
CA THR H 149 40.60 38.52 -18.39
C THR H 149 41.42 39.69 -18.97
N ALA H 150 41.58 39.71 -20.32
CA ALA H 150 42.32 40.75 -21.05
C ALA H 150 42.03 40.66 -22.55
MG MG I . -8.62 -5.52 27.36
MG MG J . -29.75 3.27 -16.53
MG MG K . -4.43 5.13 26.31
#